data_8UT5
#
_entry.id   8UT5
#
_cell.length_a   1.00
_cell.length_b   1.00
_cell.length_c   1.00
_cell.angle_alpha   90.00
_cell.angle_beta   90.00
_cell.angle_gamma   90.00
#
_symmetry.space_group_name_H-M   'P 1'
#
loop_
_entity.id
_entity.type
_entity.pdbx_description
1 polymer 'Hemagglutinin HA1 chain'
2 polymer 'Hemagglutinin HA2 chain'
3 polymer 'UCA6_N55T HC Fv'
4 polymer 'UCA6_N55T LC Fv'
5 non-polymer 2-acetamido-2-deoxy-beta-D-glucopyranose
#
loop_
_entity_poly.entity_id
_entity_poly.type
_entity_poly.pdbx_seq_one_letter_code
_entity_poly.pdbx_strand_id
1 'polypeptide(L)'
;ADTLCIGYHANNSTDTVDTVLEKNVTVTHSVNLLEDKHNGKLCKLRGVAPLHLGKCNIAGWILGNPECESLSTASSWSYI
VETSNSDNGTCYPGDFINYEELREQLSSVSSFERFEIFPKTSSWPNHDSNKGVTAACPHAGAKSFYKNLIWLVKKGNSYP
KLNQSYINDKGKEVLVLWGIHHPSTTADQQSLYQNADAYVFVGTSRYSKKFKPEIATRPKVRDQEGRMNYYWTLVEPGDK
ITFEATGNLVVPRYAFTMERNAGSGIIISDTPVHDCNTTCQTPEGAINTSLPFQNIHPITIGKCPKYVKSTKLRLATGLR
NVPS
;
A,C,E
2 'polypeptide(L)'
;IQSRGLFGAIAGFIEGGWTGMVDGWYGYHHQNEQGSGYAADLKSTQNAIDKITNKVNSVIEKMNTQFTAVGKEFNHLEKR
IENLNKKVDDGFLDIWTYNAELLVLLENERTLDYHDSNVKNLYEKVRNQLKNNAKEIGNGCFEFYHKCDNTCMESVKNGT
YDYPKYSEEAKLNREKIDGVKGALEVLFQGPGSHHHHHHHHLGGSGYIPEAPRDGQAYVRKDGEWVLLSTFLGSGGGLND
IFEAQKIEWH
;
B,D,F
3 'polypeptide(L)'
;QVQLVQSGAEVKKPGASVKVSCKASGYTFTSYGISWVRQAPGQGLEWMGWISAYTGNTNYAQKLQGRVTMTTDTSTSTAY
MELRSLRSDDTAVYYCARGLLQGVVILDSYYYTMDVWGQGTTVTVSS
;
G
4 'polypeptide(L)'
;EIVLTQSPGTLSLSPGERATLSCRASQSVSSSYLAWYQQKPGQAPRLLIYGASSRATGIPDRFSGSGSGTDFTLTISRLE
PEDFAVYYCQQYGSSPRWTFGQGTKLEIK
;
H
#
loop_
_chem_comp.id
_chem_comp.type
_chem_comp.name
_chem_comp.formula
NAG D-saccharide, beta linking 2-acetamido-2-deoxy-beta-D-glucopyranose 'C8 H15 N O6'
#
# COMPACT_ATOMS: atom_id res chain seq x y z
N ASP A 2 -6.07 59.19 11.56
CA ASP A 2 -6.45 58.86 12.93
C ASP A 2 -7.09 57.47 13.03
N THR A 3 -6.80 56.61 12.04
CA THR A 3 -7.31 55.25 12.00
C THR A 3 -6.16 54.31 11.68
N LEU A 4 -6.34 53.04 12.02
CA LEU A 4 -5.41 51.99 11.59
C LEU A 4 -6.24 50.77 11.22
N CYS A 5 -5.70 49.98 10.30
CA CYS A 5 -6.35 48.74 9.89
C CYS A 5 -5.33 47.62 9.95
N ILE A 6 -5.80 46.44 10.36
CA ILE A 6 -5.00 45.23 10.46
C ILE A 6 -5.45 44.29 9.35
N GLY A 7 -4.48 43.70 8.66
CA GLY A 7 -4.85 42.76 7.61
C GLY A 7 -3.64 42.02 7.12
N TYR A 8 -3.89 41.18 6.12
CA TYR A 8 -2.89 40.30 5.55
C TYR A 8 -2.54 40.70 4.11
N HIS A 9 -1.33 40.33 3.71
CA HIS A 9 -0.77 40.68 2.42
C HIS A 9 -1.43 39.86 1.30
N ALA A 10 -1.42 40.40 0.09
CA ALA A 10 -1.89 39.71 -1.11
C ALA A 10 -0.97 40.04 -2.27
N ASN A 11 -0.98 39.18 -3.28
CA ASN A 11 -0.16 39.38 -4.46
C ASN A 11 -0.86 38.77 -5.68
N ASN A 12 -0.22 38.90 -6.84
CA ASN A 12 -0.74 38.37 -8.10
C ASN A 12 -0.30 36.91 -8.26
N SER A 13 -0.72 36.07 -7.31
CA SER A 13 -0.39 34.66 -7.29
C SER A 13 -1.51 33.85 -7.93
N THR A 14 -1.11 32.79 -8.65
CA THR A 14 -2.06 31.85 -9.26
C THR A 14 -1.89 30.44 -8.72
N ASP A 15 -1.09 30.26 -7.68
CA ASP A 15 -0.87 28.93 -7.10
C ASP A 15 -2.15 28.42 -6.47
N THR A 16 -2.57 27.23 -6.87
CA THR A 16 -3.82 26.62 -6.42
C THR A 16 -3.49 25.50 -5.43
N VAL A 17 -4.06 25.60 -4.22
CA VAL A 17 -3.82 24.65 -3.14
C VAL A 17 -5.14 24.05 -2.71
N ASP A 18 -5.18 22.71 -2.60
CA ASP A 18 -6.35 22.01 -2.10
C ASP A 18 -6.21 21.82 -0.59
N THR A 19 -7.35 21.91 0.11
CA THR A 19 -7.41 21.71 1.55
C THR A 19 -8.43 20.63 1.87
N VAL A 20 -8.55 20.30 3.16
CA VAL A 20 -9.49 19.27 3.58
C VAL A 20 -10.92 19.72 3.33
N LEU A 21 -11.23 20.96 3.71
CA LEU A 21 -12.60 21.45 3.67
C LEU A 21 -12.99 22.04 2.33
N GLU A 22 -12.05 22.61 1.58
CA GLU A 22 -12.35 23.26 0.32
C GLU A 22 -11.20 23.02 -0.65
N LYS A 23 -11.50 23.06 -1.94
CA LYS A 23 -10.54 22.79 -3.00
C LYS A 23 -10.23 24.07 -3.78
N ASN A 24 -9.10 24.03 -4.48
CA ASN A 24 -8.67 25.11 -5.36
C ASN A 24 -8.57 26.45 -4.63
N VAL A 25 -7.84 26.45 -3.51
CA VAL A 25 -7.62 27.66 -2.74
C VAL A 25 -6.42 28.39 -3.32
N THR A 26 -6.58 29.69 -3.58
CA THR A 26 -5.47 30.50 -4.06
C THR A 26 -4.69 31.02 -2.86
N VAL A 27 -3.37 30.84 -2.92
CA VAL A 27 -2.47 31.29 -1.86
C VAL A 27 -1.42 32.21 -2.45
N THR A 28 -0.81 33.01 -1.58
CA THR A 28 0.22 33.96 -2.02
C THR A 28 1.57 33.28 -2.18
N HIS A 29 1.81 32.19 -1.47
CA HIS A 29 3.04 31.42 -1.57
C HIS A 29 2.70 29.95 -1.36
N SER A 30 3.43 29.08 -2.06
CA SER A 30 3.26 27.65 -1.89
C SER A 30 4.57 26.97 -2.24
N VAL A 31 4.71 25.72 -1.78
CA VAL A 31 5.86 24.87 -2.09
C VAL A 31 5.33 23.60 -2.73
N ASN A 32 5.87 23.26 -3.90
CA ASN A 32 5.48 22.04 -4.60
C ASN A 32 6.34 20.89 -4.09
N LEU A 33 5.71 19.92 -3.44
CA LEU A 33 6.43 18.77 -2.90
C LEU A 33 6.53 17.60 -3.88
N LEU A 34 5.89 17.70 -5.04
CA LEU A 34 5.86 16.64 -6.05
C LEU A 34 6.64 17.08 -7.27
N GLU A 35 7.71 16.35 -7.57
CA GLU A 35 8.51 16.62 -8.76
C GLU A 35 7.89 15.90 -9.94
N ASP A 36 7.55 16.67 -10.98
CA ASP A 36 6.99 16.14 -12.21
C ASP A 36 7.85 16.46 -13.42
N LYS A 37 9.07 16.96 -13.21
CA LYS A 37 10.00 17.28 -14.27
C LYS A 37 11.21 16.36 -14.20
N HIS A 38 11.85 16.19 -15.35
CA HIS A 38 13.07 15.43 -15.48
C HIS A 38 13.86 16.04 -16.63
N ASN A 39 15.14 15.70 -16.71
CA ASN A 39 15.97 16.27 -17.76
C ASN A 39 15.94 15.45 -19.04
N GLY A 40 15.16 14.38 -19.09
CA GLY A 40 15.01 13.60 -20.30
C GLY A 40 16.18 12.74 -20.66
N LYS A 41 17.21 12.68 -19.82
CA LYS A 41 18.44 11.97 -20.14
C LYS A 41 18.91 11.15 -18.96
N LEU A 42 19.66 10.10 -19.24
CA LEU A 42 20.30 9.32 -18.18
C LEU A 42 21.59 10.00 -17.79
N CYS A 43 22.02 9.77 -16.56
CA CYS A 43 23.23 10.45 -16.09
C CYS A 43 23.94 9.58 -15.06
N LYS A 44 25.07 10.10 -14.58
CA LYS A 44 25.89 9.37 -13.61
C LYS A 44 25.21 9.31 -12.25
N LEU A 45 25.38 8.16 -11.59
CA LEU A 45 24.89 7.91 -10.24
C LEU A 45 26.09 7.53 -9.40
N ARG A 46 26.28 8.19 -8.26
CA ARG A 46 27.44 8.06 -7.39
C ARG A 46 28.72 8.54 -8.04
N GLY A 47 28.64 9.31 -9.12
CA GLY A 47 29.82 9.83 -9.78
C GLY A 47 30.51 8.86 -10.71
N VAL A 48 29.96 7.67 -10.93
CA VAL A 48 30.56 6.63 -11.77
C VAL A 48 29.69 6.50 -13.02
N ALA A 49 30.34 6.40 -14.17
CA ALA A 49 29.59 6.34 -15.42
C ALA A 49 28.71 5.08 -15.46
N PRO A 50 27.50 5.16 -16.02
CA PRO A 50 26.73 3.94 -16.26
C PRO A 50 27.31 3.11 -17.38
N LEU A 51 26.98 1.83 -17.35
CA LEU A 51 27.26 0.93 -18.47
C LEU A 51 26.02 0.93 -19.35
N HIS A 52 26.17 1.44 -20.57
CA HIS A 52 25.07 1.59 -21.51
C HIS A 52 25.22 0.58 -22.64
N LEU A 53 24.26 -0.33 -22.77
CA LEU A 53 24.36 -1.40 -23.75
C LEU A 53 23.81 -1.00 -25.11
N GLY A 54 22.89 -0.05 -25.16
CA GLY A 54 22.43 0.48 -26.44
C GLY A 54 21.56 -0.48 -27.22
N LYS A 55 22.21 -1.49 -27.80
CA LYS A 55 21.55 -2.53 -28.58
C LYS A 55 21.77 -3.92 -28.04
N CYS A 56 22.65 -4.09 -27.05
CA CYS A 56 23.02 -5.40 -26.54
C CYS A 56 22.15 -5.79 -25.36
N ASN A 57 21.94 -7.09 -25.23
CA ASN A 57 21.27 -7.65 -24.06
C ASN A 57 22.33 -7.94 -23.01
N ILE A 58 21.89 -8.06 -21.76
CA ILE A 58 22.82 -8.44 -20.70
C ILE A 58 23.46 -9.77 -21.04
N ALA A 59 22.68 -10.72 -21.55
CA ALA A 59 23.25 -12.01 -21.94
C ALA A 59 24.25 -11.83 -23.08
N GLY A 60 23.90 -10.99 -24.06
CA GLY A 60 24.78 -10.82 -25.20
C GLY A 60 26.11 -10.25 -24.80
N TRP A 61 26.09 -9.19 -23.99
CA TRP A 61 27.32 -8.58 -23.53
C TRP A 61 28.12 -9.53 -22.63
N ILE A 62 27.46 -10.17 -21.66
CA ILE A 62 28.22 -10.98 -20.70
C ILE A 62 28.82 -12.21 -21.36
N LEU A 63 28.17 -12.77 -22.38
CA LEU A 63 28.78 -13.89 -23.09
C LEU A 63 29.75 -13.45 -24.18
N GLY A 64 29.84 -12.15 -24.49
CA GLY A 64 30.73 -11.75 -25.56
C GLY A 64 30.18 -11.85 -26.97
N ASN A 65 28.87 -11.70 -27.15
CA ASN A 65 28.24 -11.74 -28.47
C ASN A 65 29.01 -10.86 -29.46
N PRO A 66 29.41 -11.38 -30.62
CA PRO A 66 30.28 -10.59 -31.52
C PRO A 66 29.67 -9.28 -31.97
N GLU A 67 28.35 -9.17 -32.02
CA GLU A 67 27.74 -7.91 -32.41
C GLU A 67 27.99 -6.83 -31.38
N CYS A 68 28.30 -7.21 -30.14
CA CYS A 68 28.46 -6.27 -29.05
C CYS A 68 29.89 -5.75 -28.91
N GLU A 69 30.80 -6.14 -29.81
CA GLU A 69 32.20 -5.74 -29.69
C GLU A 69 32.40 -4.23 -29.75
N SER A 70 31.43 -3.48 -30.26
CA SER A 70 31.58 -2.03 -30.34
C SER A 70 31.52 -1.36 -28.98
N LEU A 71 31.13 -2.08 -27.93
CA LEU A 71 31.02 -1.55 -26.59
C LEU A 71 32.25 -1.89 -25.77
N SER A 72 32.83 -0.89 -25.12
CA SER A 72 33.95 -1.06 -24.22
C SER A 72 33.42 -1.15 -22.78
N THR A 73 34.10 -1.94 -21.96
CA THR A 73 33.71 -2.07 -20.57
C THR A 73 34.31 -0.93 -19.74
N ALA A 74 33.79 -0.80 -18.52
CA ALA A 74 34.24 0.18 -17.55
C ALA A 74 34.64 -0.52 -16.26
N SER A 75 35.59 0.07 -15.54
CA SER A 75 36.04 -0.49 -14.29
C SER A 75 34.98 -0.45 -13.19
N SER A 76 34.00 0.45 -13.29
CA SER A 76 32.93 0.53 -12.30
C SER A 76 31.63 0.91 -12.98
N TRP A 77 30.52 0.43 -12.41
CA TRP A 77 29.18 0.68 -12.92
C TRP A 77 28.29 1.23 -11.82
N SER A 78 27.42 2.16 -12.19
CA SER A 78 26.38 2.62 -11.28
C SER A 78 25.11 1.81 -11.41
N TYR A 79 24.81 1.39 -12.64
CA TYR A 79 23.65 0.61 -13.00
C TYR A 79 23.86 0.20 -14.45
N ILE A 80 23.03 -0.72 -14.94
CA ILE A 80 23.07 -1.16 -16.33
C ILE A 80 21.82 -0.66 -17.02
N VAL A 81 22.02 -0.12 -18.23
CA VAL A 81 20.98 0.44 -19.08
C VAL A 81 20.74 -0.54 -20.21
N GLU A 82 19.51 -1.03 -20.33
CA GLU A 82 19.12 -1.92 -21.39
C GLU A 82 18.01 -1.23 -22.17
N THR A 83 18.04 -1.31 -23.49
CA THR A 83 17.09 -0.58 -24.31
C THR A 83 15.97 -1.50 -24.80
N SER A 84 14.94 -0.88 -25.37
CA SER A 84 13.80 -1.62 -25.90
C SER A 84 14.15 -2.40 -27.16
N ASN A 85 15.27 -2.08 -27.80
CA ASN A 85 15.74 -2.76 -28.99
C ASN A 85 16.88 -3.73 -28.69
N SER A 86 17.05 -4.10 -27.42
CA SER A 86 18.15 -4.98 -27.02
C SER A 86 17.80 -6.43 -27.37
N ASP A 87 17.79 -6.68 -28.68
CA ASP A 87 17.48 -8.01 -29.20
C ASP A 87 18.70 -8.90 -29.28
N ASN A 88 19.89 -8.30 -29.41
CA ASN A 88 21.11 -9.08 -29.62
C ASN A 88 21.61 -9.62 -28.29
N GLY A 89 21.00 -10.73 -27.91
CA GLY A 89 21.29 -11.44 -26.68
C GLY A 89 22.01 -12.71 -27.02
N THR A 90 21.56 -13.82 -26.44
CA THR A 90 22.18 -15.11 -26.72
C THR A 90 22.00 -15.44 -28.19
N CYS A 91 23.09 -15.83 -28.86
CA CYS A 91 22.99 -16.16 -30.28
C CYS A 91 22.38 -17.53 -30.47
N TYR A 92 23.01 -18.54 -29.89
CA TYR A 92 22.58 -19.90 -30.10
C TYR A 92 21.28 -20.12 -29.33
N PRO A 93 20.26 -20.78 -29.91
CA PRO A 93 19.02 -20.99 -29.16
C PRO A 93 19.29 -21.67 -27.83
N GLY A 94 18.65 -21.18 -26.79
CA GLY A 94 18.90 -21.75 -25.48
C GLY A 94 18.09 -21.08 -24.40
N ASP A 95 18.41 -21.48 -23.17
CA ASP A 95 17.73 -21.01 -21.97
C ASP A 95 18.80 -20.78 -20.91
N PHE A 96 18.98 -19.52 -20.51
CA PHE A 96 20.04 -19.14 -19.57
C PHE A 96 19.50 -19.34 -18.16
N ILE A 97 20.12 -20.26 -17.43
CA ILE A 97 19.63 -20.66 -16.11
C ILE A 97 20.10 -19.65 -15.07
N ASN A 98 19.17 -19.23 -14.20
CA ASN A 98 19.44 -18.20 -13.19
C ASN A 98 19.91 -16.91 -13.86
N TYR A 99 19.28 -16.59 -14.99
CA TYR A 99 19.64 -15.40 -15.73
C TYR A 99 19.28 -14.14 -14.95
N GLU A 100 18.10 -14.14 -14.33
CA GLU A 100 17.68 -12.98 -13.55
C GLU A 100 18.58 -12.79 -12.33
N GLU A 101 19.00 -13.89 -11.71
CA GLU A 101 19.90 -13.74 -10.56
C GLU A 101 21.23 -13.18 -11.00
N LEU A 102 21.72 -13.60 -12.17
CA LEU A 102 22.97 -13.03 -12.68
C LEU A 102 22.79 -11.55 -12.96
N ARG A 103 21.65 -11.17 -13.53
CA ARG A 103 21.39 -9.75 -13.78
C ARG A 103 21.39 -8.96 -12.49
N GLU A 104 20.86 -9.54 -11.41
CA GLU A 104 20.89 -8.85 -10.12
C GLU A 104 22.31 -8.74 -9.59
N GLN A 105 23.11 -9.79 -9.75
CA GLN A 105 24.49 -9.74 -9.26
C GLN A 105 25.33 -8.73 -10.04
N LEU A 106 24.98 -8.48 -11.30
CA LEU A 106 25.70 -7.54 -12.16
C LEU A 106 25.18 -6.11 -12.09
N SER A 107 24.20 -5.81 -11.24
CA SER A 107 23.57 -4.49 -11.31
C SER A 107 24.57 -3.37 -11.04
N SER A 108 25.54 -3.58 -10.15
CA SER A 108 26.57 -2.58 -9.92
C SER A 108 27.81 -3.24 -9.34
N VAL A 109 28.97 -2.82 -9.82
CA VAL A 109 30.26 -3.37 -9.41
C VAL A 109 31.21 -2.20 -9.17
N SER A 110 31.92 -2.24 -8.05
CA SER A 110 32.87 -1.17 -7.72
C SER A 110 34.19 -1.34 -8.45
N SER A 111 34.56 -2.58 -8.78
CA SER A 111 35.79 -2.85 -9.53
C SER A 111 35.53 -4.08 -10.37
N PHE A 112 35.55 -3.91 -11.69
CA PHE A 112 35.23 -4.95 -12.65
C PHE A 112 36.32 -5.00 -13.71
N GLU A 113 36.93 -6.17 -13.90
CA GLU A 113 37.93 -6.32 -14.96
C GLU A 113 37.78 -7.68 -15.63
N ARG A 114 37.98 -7.71 -16.94
CA ARG A 114 37.94 -8.94 -17.72
C ARG A 114 39.32 -9.59 -17.71
N PHE A 115 39.39 -10.81 -17.20
CA PHE A 115 40.60 -11.60 -17.05
C PHE A 115 40.53 -12.76 -18.02
N GLU A 116 41.67 -13.11 -18.61
CA GLU A 116 41.73 -14.24 -19.54
C GLU A 116 42.03 -15.46 -18.68
N ILE A 117 40.99 -16.25 -18.44
CA ILE A 117 41.07 -17.36 -17.49
C ILE A 117 41.77 -18.58 -18.10
N PHE A 118 41.50 -18.89 -19.37
CA PHE A 118 42.10 -20.04 -20.06
C PHE A 118 42.60 -19.64 -21.44
N PRO A 119 43.83 -19.11 -21.55
CA PRO A 119 44.34 -18.65 -22.86
C PRO A 119 44.25 -19.72 -23.94
N LYS A 120 43.74 -19.33 -25.11
CA LYS A 120 43.50 -20.28 -26.20
C LYS A 120 44.76 -21.00 -26.62
N THR A 121 45.90 -20.30 -26.62
CA THR A 121 47.13 -20.88 -27.18
C THR A 121 47.59 -22.13 -26.44
N SER A 122 47.54 -22.11 -25.10
CA SER A 122 48.10 -23.20 -24.30
C SER A 122 47.09 -23.95 -23.44
N SER A 123 45.84 -23.50 -23.33
CA SER A 123 44.90 -24.14 -22.44
C SER A 123 44.33 -25.44 -23.00
N TRP A 124 44.24 -25.58 -24.33
CA TRP A 124 43.61 -26.74 -24.95
C TRP A 124 44.53 -27.35 -26.02
N PRO A 125 45.69 -27.86 -25.62
CA PRO A 125 46.61 -28.41 -26.63
C PRO A 125 46.08 -29.65 -27.32
N ASN A 126 45.11 -30.35 -26.72
CA ASN A 126 44.57 -31.59 -27.27
C ASN A 126 43.23 -31.42 -27.95
N HIS A 127 42.74 -30.18 -28.09
CA HIS A 127 41.42 -29.93 -28.65
C HIS A 127 41.50 -28.78 -29.64
N ASP A 128 40.55 -28.76 -30.57
CA ASP A 128 40.49 -27.75 -31.62
C ASP A 128 39.65 -26.58 -31.12
N SER A 129 40.31 -25.42 -30.94
CA SER A 129 39.67 -24.22 -30.43
C SER A 129 39.34 -23.20 -31.50
N ASN A 130 39.52 -23.54 -32.79
CA ASN A 130 39.23 -22.62 -33.88
C ASN A 130 37.88 -22.87 -34.53
N LYS A 131 37.36 -24.09 -34.44
CA LYS A 131 36.03 -24.41 -34.95
C LYS A 131 35.00 -24.14 -33.84
N GLY A 132 33.73 -24.24 -34.23
CA GLY A 132 32.63 -23.96 -33.33
C GLY A 132 31.85 -22.72 -33.68
N VAL A 133 32.02 -22.18 -34.88
CA VAL A 133 31.27 -21.03 -35.33
C VAL A 133 29.94 -21.50 -35.88
N THR A 134 28.90 -20.69 -35.69
CA THR A 134 27.54 -21.08 -36.09
C THR A 134 26.89 -20.00 -36.93
N ALA A 135 25.98 -20.44 -37.81
CA ALA A 135 25.19 -19.52 -38.60
C ALA A 135 24.24 -18.69 -37.74
N ALA A 136 23.95 -19.15 -36.52
CA ALA A 136 23.07 -18.45 -35.62
C ALA A 136 23.76 -17.30 -34.89
N CYS A 137 25.05 -17.07 -35.13
CA CYS A 137 25.80 -15.99 -34.49
C CYS A 137 26.73 -15.40 -35.55
N PRO A 138 26.16 -14.71 -36.53
CA PRO A 138 26.98 -14.17 -37.61
C PRO A 138 27.80 -12.97 -37.17
N HIS A 139 28.90 -12.74 -37.88
CA HIS A 139 29.69 -11.53 -37.72
C HIS A 139 30.41 -11.25 -39.02
N ALA A 140 30.26 -10.03 -39.53
CA ALA A 140 30.85 -9.61 -40.80
C ALA A 140 30.43 -10.53 -41.95
N GLY A 141 29.21 -11.07 -41.88
CA GLY A 141 28.68 -11.94 -42.91
C GLY A 141 29.14 -13.39 -42.83
N ALA A 142 30.06 -13.71 -41.93
CA ALA A 142 30.61 -15.04 -41.76
C ALA A 142 30.10 -15.65 -40.47
N LYS A 143 30.15 -16.98 -40.40
CA LYS A 143 29.83 -17.63 -39.14
C LYS A 143 30.90 -17.28 -38.10
N SER A 144 30.45 -17.00 -36.88
CA SER A 144 31.37 -16.71 -35.78
C SER A 144 30.81 -17.33 -34.51
N PHE A 145 31.28 -16.87 -33.36
CA PHE A 145 30.87 -17.40 -32.07
C PHE A 145 31.16 -16.33 -31.02
N TYR A 146 30.83 -16.63 -29.77
CA TYR A 146 31.06 -15.72 -28.66
C TYR A 146 32.55 -15.52 -28.42
N LYS A 147 32.91 -14.32 -27.94
CA LYS A 147 34.30 -14.03 -27.63
C LYS A 147 34.72 -14.44 -26.22
N ASN A 148 33.80 -14.56 -25.28
CA ASN A 148 34.16 -14.91 -23.91
C ASN A 148 34.17 -16.42 -23.70
N LEU A 149 33.39 -17.16 -24.47
CA LEU A 149 33.29 -18.60 -24.42
C LEU A 149 33.81 -19.19 -25.72
N ILE A 150 34.37 -20.39 -25.66
CA ILE A 150 34.73 -21.14 -26.84
C ILE A 150 34.10 -22.54 -26.79
N TRP A 151 33.74 -23.02 -27.97
CA TRP A 151 33.08 -24.31 -28.15
C TRP A 151 34.10 -25.30 -28.68
N LEU A 152 34.46 -26.29 -27.87
CA LEU A 152 35.45 -27.30 -28.26
C LEU A 152 34.82 -28.40 -29.10
N VAL A 153 35.56 -28.85 -30.10
CA VAL A 153 35.18 -29.98 -30.94
C VAL A 153 36.37 -30.93 -31.00
N LYS A 154 36.11 -32.13 -31.53
CA LYS A 154 37.18 -33.11 -31.68
C LYS A 154 38.27 -32.57 -32.61
N LYS A 155 39.52 -32.76 -32.23
CA LYS A 155 40.65 -32.26 -33.00
C LYS A 155 41.12 -33.22 -34.08
N GLY A 156 41.15 -34.53 -33.80
CA GLY A 156 41.72 -35.51 -34.71
C GLY A 156 40.91 -36.79 -34.79
N ASN A 157 39.58 -36.66 -34.92
CA ASN A 157 38.69 -37.81 -34.85
C ASN A 157 38.80 -38.51 -33.50
N SER A 158 39.08 -37.71 -32.46
CA SER A 158 39.22 -38.18 -31.10
C SER A 158 38.95 -36.99 -30.20
N TYR A 159 38.28 -37.22 -29.07
CA TYR A 159 37.98 -36.17 -28.10
C TYR A 159 38.49 -36.62 -26.75
N PRO A 160 39.77 -36.37 -26.43
CA PRO A 160 40.30 -36.81 -25.14
C PRO A 160 39.55 -36.14 -24.00
N LYS A 161 39.47 -36.87 -22.88
CA LYS A 161 38.82 -36.33 -21.69
C LYS A 161 39.52 -35.05 -21.26
N LEU A 162 38.72 -34.01 -21.02
CA LEU A 162 39.21 -32.70 -20.61
C LEU A 162 39.17 -32.59 -19.11
N ASN A 163 40.26 -32.10 -18.52
CA ASN A 163 40.39 -31.89 -17.08
C ASN A 163 41.19 -30.61 -16.90
N GLN A 164 40.50 -29.52 -16.59
CA GLN A 164 41.13 -28.21 -16.43
C GLN A 164 40.62 -27.58 -15.14
N SER A 165 41.45 -26.74 -14.54
CA SER A 165 41.03 -26.02 -13.34
C SER A 165 41.72 -24.67 -13.31
N TYR A 166 41.08 -23.74 -12.60
CA TYR A 166 41.62 -22.41 -12.38
C TYR A 166 41.64 -22.15 -10.88
N ILE A 167 42.77 -21.67 -10.39
CA ILE A 167 42.94 -21.32 -8.97
C ILE A 167 42.74 -19.81 -8.86
N ASN A 168 41.85 -19.39 -7.97
CA ASN A 168 41.53 -17.98 -7.82
C ASN A 168 42.58 -17.33 -6.94
N ASP A 169 43.59 -16.73 -7.57
CA ASP A 169 44.69 -16.10 -6.85
C ASP A 169 44.47 -14.59 -6.65
N LYS A 170 43.28 -14.08 -6.96
CA LYS A 170 42.94 -12.69 -6.78
C LYS A 170 42.24 -12.49 -5.44
N GLY A 171 42.17 -11.23 -5.02
CA GLY A 171 41.50 -10.88 -3.79
C GLY A 171 40.03 -10.60 -3.93
N LYS A 172 39.48 -10.76 -5.13
CA LYS A 172 38.08 -10.47 -5.42
C LYS A 172 37.40 -11.72 -6.00
N GLU A 173 36.08 -11.74 -5.92
CA GLU A 173 35.32 -12.86 -6.47
C GLU A 173 35.45 -12.86 -7.99
N VAL A 174 35.44 -14.06 -8.57
CA VAL A 174 35.52 -14.23 -10.02
C VAL A 174 34.22 -14.83 -10.52
N LEU A 175 33.62 -14.18 -11.51
CA LEU A 175 32.41 -14.66 -12.17
C LEU A 175 32.85 -15.46 -13.39
N VAL A 176 32.53 -16.75 -13.39
CA VAL A 176 32.91 -17.67 -14.45
C VAL A 176 31.64 -18.13 -15.13
N LEU A 177 31.59 -17.98 -16.45
CA LEU A 177 30.45 -18.37 -17.28
C LEU A 177 30.85 -19.59 -18.08
N TRP A 178 29.88 -20.47 -18.39
CA TRP A 178 30.16 -21.59 -19.27
C TRP A 178 28.84 -22.05 -19.85
N GLY A 179 28.91 -23.03 -20.75
CA GLY A 179 27.69 -23.61 -21.26
C GLY A 179 27.91 -25.01 -21.78
N ILE A 180 26.78 -25.66 -22.06
CA ILE A 180 26.74 -27.05 -22.51
C ILE A 180 25.90 -27.13 -23.78
N HIS A 181 26.42 -27.85 -24.76
CA HIS A 181 25.76 -28.01 -26.05
C HIS A 181 24.90 -29.27 -26.04
N HIS A 182 23.72 -29.17 -26.63
CA HIS A 182 22.75 -30.25 -26.73
C HIS A 182 22.47 -30.46 -28.22
N PRO A 183 23.24 -31.32 -28.89
CA PRO A 183 23.05 -31.53 -30.32
C PRO A 183 21.64 -32.00 -30.67
N SER A 184 21.24 -31.68 -31.91
CA SER A 184 19.88 -31.99 -32.36
C SER A 184 19.62 -33.49 -32.39
N THR A 185 20.50 -34.28 -33.01
CA THR A 185 20.31 -35.71 -33.07
C THR A 185 21.61 -36.43 -32.71
N THR A 186 21.51 -37.76 -32.59
CA THR A 186 22.67 -38.58 -32.26
C THR A 186 23.76 -38.47 -33.33
N ALA A 187 23.36 -38.44 -34.61
CA ALA A 187 24.33 -38.34 -35.69
C ALA A 187 25.13 -37.05 -35.58
N ASP A 188 24.50 -35.98 -35.10
CA ASP A 188 25.20 -34.70 -35.02
C ASP A 188 26.19 -34.72 -33.88
N GLN A 189 25.83 -35.37 -32.77
CA GLN A 189 26.78 -35.45 -31.67
C GLN A 189 27.94 -36.36 -32.05
N GLN A 190 27.66 -37.47 -32.75
CA GLN A 190 28.72 -38.40 -33.13
C GLN A 190 29.68 -37.74 -34.11
N SER A 191 29.17 -36.95 -35.05
CA SER A 191 30.05 -36.25 -35.96
C SER A 191 30.83 -35.15 -35.22
N LEU A 192 30.15 -34.46 -34.32
CA LEU A 192 30.74 -33.34 -33.60
C LEU A 192 31.65 -33.80 -32.47
N TYR A 193 31.25 -34.84 -31.73
CA TYR A 193 32.00 -35.40 -30.61
C TYR A 193 32.08 -36.91 -30.78
N GLN A 194 33.27 -37.48 -30.58
CA GLN A 194 33.40 -38.93 -30.75
C GLN A 194 32.73 -39.70 -29.63
N ASN A 195 32.69 -39.14 -28.42
CA ASN A 195 32.26 -39.94 -27.26
C ASN A 195 30.79 -40.28 -27.29
N ALA A 196 29.94 -39.40 -27.84
CA ALA A 196 28.49 -39.61 -27.91
C ALA A 196 27.88 -39.65 -26.51
N ASP A 197 28.21 -40.67 -25.72
CA ASP A 197 27.80 -40.74 -24.33
C ASP A 197 28.85 -39.98 -23.53
N ALA A 198 28.49 -38.79 -23.07
CA ALA A 198 29.43 -37.87 -22.47
C ALA A 198 28.75 -37.11 -21.35
N TYR A 199 29.58 -36.55 -20.47
CA TYR A 199 29.08 -35.77 -19.35
C TYR A 199 29.94 -34.52 -19.20
N VAL A 200 29.37 -33.52 -18.54
CA VAL A 200 30.06 -32.29 -18.18
C VAL A 200 29.93 -32.11 -16.69
N PHE A 201 31.04 -31.92 -16.00
CA PHE A 201 31.03 -31.69 -14.56
C PHE A 201 31.75 -30.38 -14.27
N VAL A 202 31.12 -29.53 -13.48
CA VAL A 202 31.72 -28.27 -13.04
C VAL A 202 31.59 -28.18 -11.53
N GLY A 203 32.67 -27.76 -10.88
CA GLY A 203 32.55 -27.58 -9.44
C GLY A 203 33.59 -26.72 -8.77
N THR A 204 33.20 -26.23 -7.59
CA THR A 204 33.96 -25.37 -6.70
C THR A 204 33.86 -25.99 -5.33
N SER A 205 34.37 -25.31 -4.31
CA SER A 205 34.22 -25.82 -2.95
C SER A 205 32.75 -25.93 -2.59
N ARG A 206 31.96 -24.87 -2.87
CA ARG A 206 30.54 -24.87 -2.57
C ARG A 206 29.67 -25.43 -3.69
N TYR A 207 30.10 -25.31 -4.95
CA TYR A 207 29.29 -25.69 -6.10
C TYR A 207 29.81 -26.99 -6.68
N SER A 208 28.90 -27.93 -6.93
CA SER A 208 29.25 -29.20 -7.57
C SER A 208 28.06 -29.67 -8.38
N LYS A 209 28.18 -29.74 -9.71
CA LYS A 209 27.05 -30.23 -10.50
C LYS A 209 27.54 -30.95 -11.75
N LYS A 210 27.00 -32.14 -11.95
CA LYS A 210 27.21 -32.94 -13.15
C LYS A 210 26.00 -32.82 -14.07
N PHE A 211 26.25 -32.55 -15.35
CA PHE A 211 25.28 -32.37 -16.40
C PHE A 211 25.47 -33.46 -17.44
N LYS A 212 24.40 -33.81 -18.14
CA LYS A 212 24.44 -34.78 -19.22
C LYS A 212 23.68 -34.26 -20.44
N PRO A 213 24.19 -34.44 -21.66
CA PRO A 213 23.45 -34.02 -22.84
C PRO A 213 22.08 -34.68 -22.96
N GLU A 214 21.10 -33.90 -23.40
CA GLU A 214 19.74 -34.34 -23.64
C GLU A 214 19.55 -34.27 -25.15
N ILE A 215 19.74 -35.40 -25.81
CA ILE A 215 19.71 -35.44 -27.27
C ILE A 215 18.28 -35.70 -27.72
N ALA A 216 17.72 -34.77 -28.51
CA ALA A 216 16.36 -34.90 -28.98
C ALA A 216 16.18 -33.93 -30.14
N THR A 217 15.22 -34.24 -31.01
CA THR A 217 14.91 -33.35 -32.12
C THR A 217 13.96 -32.28 -31.62
N ARG A 218 14.37 -31.02 -31.79
CA ARG A 218 13.68 -29.86 -31.27
C ARG A 218 13.14 -28.97 -32.38
N PRO A 219 12.20 -28.07 -32.08
CA PRO A 219 11.78 -27.08 -33.08
C PRO A 219 12.96 -26.25 -33.52
N LYS A 220 12.94 -25.86 -34.79
CA LYS A 220 14.03 -25.09 -35.36
C LYS A 220 13.92 -23.63 -34.95
N VAL A 221 14.97 -23.11 -34.32
CA VAL A 221 15.04 -21.73 -33.88
C VAL A 221 16.32 -21.13 -34.43
N ARG A 222 16.20 -20.00 -35.12
CA ARG A 222 17.34 -19.31 -35.71
C ARG A 222 18.16 -20.25 -36.60
N ASP A 223 17.46 -21.02 -37.42
CA ASP A 223 18.00 -21.97 -38.39
C ASP A 223 18.71 -23.17 -37.77
N GLN A 224 18.64 -23.36 -36.44
CA GLN A 224 19.28 -24.50 -35.81
C GLN A 224 18.32 -25.20 -34.85
N GLU A 225 18.48 -26.51 -34.74
CA GLU A 225 17.66 -27.35 -33.86
C GLU A 225 18.29 -27.60 -32.51
N GLY A 226 19.61 -27.69 -32.43
CA GLY A 226 20.26 -27.97 -31.16
C GLY A 226 20.17 -26.78 -30.24
N ARG A 227 20.44 -27.00 -28.96
CA ARG A 227 20.32 -25.93 -27.96
C ARG A 227 21.58 -25.85 -27.12
N MET A 228 21.78 -24.68 -26.51
CA MET A 228 22.83 -24.48 -25.54
C MET A 228 22.23 -24.06 -24.21
N ASN A 229 22.77 -24.59 -23.11
CA ASN A 229 22.41 -24.16 -21.77
C ASN A 229 23.57 -23.36 -21.23
N TYR A 230 23.28 -22.22 -20.62
CA TYR A 230 24.31 -21.33 -20.08
C TYR A 230 24.21 -21.31 -18.56
N TYR A 231 25.37 -21.41 -17.93
CA TYR A 231 25.50 -21.48 -16.48
C TYR A 231 26.57 -20.50 -16.04
N TRP A 232 26.53 -20.14 -14.77
CA TRP A 232 27.51 -19.23 -14.21
C TRP A 232 27.71 -19.55 -12.74
N THR A 233 28.87 -19.17 -12.22
CA THR A 233 29.11 -19.30 -10.79
C THR A 233 30.17 -18.30 -10.36
N LEU A 234 30.14 -17.99 -9.06
CA LEU A 234 31.13 -17.14 -8.44
C LEU A 234 32.14 -17.99 -7.70
N VAL A 235 33.42 -17.64 -7.85
CA VAL A 235 34.53 -18.29 -7.17
C VAL A 235 35.08 -17.29 -6.17
N GLU A 236 35.01 -17.63 -4.90
CA GLU A 236 35.47 -16.74 -3.85
C GLU A 236 37.00 -16.76 -3.83
N PRO A 237 37.64 -15.70 -3.32
CA PRO A 237 39.11 -15.73 -3.26
C PRO A 237 39.62 -16.89 -2.45
N GLY A 238 40.64 -17.57 -2.99
CA GLY A 238 41.23 -18.73 -2.36
C GLY A 238 40.67 -20.04 -2.85
N ASP A 239 39.54 -20.03 -3.55
CA ASP A 239 38.88 -21.22 -4.07
C ASP A 239 39.36 -21.49 -5.50
N LYS A 240 38.88 -22.58 -6.09
CA LYS A 240 39.21 -22.95 -7.45
C LYS A 240 37.95 -23.48 -8.14
N ILE A 241 37.96 -23.39 -9.47
CA ILE A 241 36.90 -23.93 -10.32
C ILE A 241 37.50 -25.04 -11.16
N THR A 242 36.82 -26.18 -11.20
CA THR A 242 37.26 -27.35 -11.94
C THR A 242 36.23 -27.65 -13.02
N PHE A 243 36.70 -27.79 -14.25
CA PHE A 243 35.90 -28.19 -15.41
C PHE A 243 36.42 -29.56 -15.86
N GLU A 244 35.59 -30.58 -15.71
CA GLU A 244 35.91 -31.94 -16.10
C GLU A 244 34.84 -32.39 -17.07
N ALA A 245 35.21 -32.73 -18.29
CA ALA A 245 34.18 -33.08 -19.26
C ALA A 245 34.72 -33.99 -20.34
N THR A 246 33.83 -34.78 -20.92
CA THR A 246 34.14 -35.68 -22.02
C THR A 246 33.45 -35.27 -23.31
N GLY A 247 32.85 -34.08 -23.36
CA GLY A 247 32.21 -33.61 -24.57
C GLY A 247 31.05 -32.70 -24.25
N ASN A 248 30.60 -32.00 -25.28
CA ASN A 248 29.44 -31.12 -25.20
C ASN A 248 29.66 -29.97 -24.22
N LEU A 249 30.90 -29.61 -23.94
CA LEU A 249 31.23 -28.51 -23.04
C LEU A 249 31.69 -27.29 -23.82
N VAL A 250 31.05 -26.17 -23.55
CA VAL A 250 31.50 -24.87 -24.01
C VAL A 250 32.18 -24.26 -22.80
N VAL A 251 33.44 -23.89 -22.93
CA VAL A 251 34.23 -23.51 -21.76
C VAL A 251 34.54 -22.03 -21.88
N PRO A 252 34.68 -21.29 -20.78
CA PRO A 252 35.07 -19.88 -20.91
C PRO A 252 36.50 -19.70 -21.36
N ARG A 253 36.72 -18.55 -21.99
CA ARG A 253 38.02 -18.01 -22.33
C ARG A 253 38.32 -16.83 -21.44
N TYR A 254 37.31 -16.01 -21.20
CA TYR A 254 37.39 -14.86 -20.31
C TYR A 254 36.43 -15.07 -19.16
N ALA A 255 36.79 -14.49 -18.02
CA ALA A 255 36.01 -14.53 -16.80
C ALA A 255 36.21 -13.15 -16.21
N PHE A 256 35.37 -12.74 -15.27
CA PHE A 256 35.47 -11.39 -14.74
C PHE A 256 35.79 -11.36 -13.25
N THR A 257 36.68 -10.46 -12.85
CA THR A 257 36.93 -10.19 -11.44
C THR A 257 36.00 -9.05 -11.07
N MET A 258 35.25 -9.23 -9.98
CA MET A 258 34.17 -8.32 -9.63
C MET A 258 34.08 -8.12 -8.12
N GLU A 259 34.16 -6.86 -7.68
CA GLU A 259 33.89 -6.51 -6.29
C GLU A 259 32.47 -5.99 -6.32
N ARG A 260 31.52 -6.82 -5.88
CA ARG A 260 30.11 -6.52 -6.09
C ARG A 260 29.57 -5.43 -5.18
N ASN A 261 28.59 -4.70 -5.70
CA ASN A 261 27.79 -3.75 -4.95
C ASN A 261 26.38 -3.99 -5.43
N ALA A 262 25.60 -4.76 -4.66
CA ALA A 262 24.28 -5.21 -5.08
C ALA A 262 23.18 -4.18 -4.85
N GLY A 263 23.51 -2.98 -4.36
CA GLY A 263 22.50 -2.00 -4.07
C GLY A 263 21.68 -1.55 -5.26
N SER A 264 22.27 -1.50 -6.45
CA SER A 264 21.60 -0.96 -7.63
C SER A 264 20.79 -2.03 -8.35
N GLY A 265 20.00 -1.56 -9.32
CA GLY A 265 19.17 -2.40 -10.18
C GLY A 265 19.44 -2.29 -11.67
N ILE A 266 18.43 -2.67 -12.45
CA ILE A 266 18.46 -2.66 -13.92
C ILE A 266 17.48 -1.61 -14.41
N ILE A 267 17.91 -0.73 -15.33
CA ILE A 267 17.04 0.32 -15.85
C ILE A 267 16.80 0.07 -17.34
N ILE A 268 15.54 0.22 -17.75
CA ILE A 268 15.12 0.11 -19.14
C ILE A 268 14.79 1.51 -19.64
N SER A 269 15.55 1.98 -20.64
CA SER A 269 15.33 3.33 -21.15
C SER A 269 16.00 3.47 -22.50
N ASP A 270 15.36 4.22 -23.40
CA ASP A 270 15.86 4.48 -24.74
C ASP A 270 16.52 5.86 -24.87
N THR A 271 16.73 6.61 -23.72
CA THR A 271 17.34 7.94 -23.75
C THR A 271 18.86 7.89 -23.56
N PRO A 272 19.64 8.79 -24.16
CA PRO A 272 21.11 8.75 -24.00
C PRO A 272 21.61 9.14 -22.62
N VAL A 273 22.85 8.73 -22.36
CA VAL A 273 23.58 9.04 -21.13
C VAL A 273 24.42 10.29 -21.34
N HIS A 274 24.33 11.24 -20.41
CA HIS A 274 25.14 12.47 -20.45
C HIS A 274 25.88 12.64 -19.12
N ASP A 275 26.66 13.74 -19.03
CA ASP A 275 27.53 14.01 -17.88
C ASP A 275 26.91 15.00 -16.90
N CYS A 276 26.64 14.53 -15.68
CA CYS A 276 26.11 15.32 -14.58
C CYS A 276 26.22 14.41 -13.35
N ASN A 277 25.79 14.90 -12.18
CA ASN A 277 25.75 14.07 -10.98
C ASN A 277 24.40 14.22 -10.29
N THR A 278 23.64 13.13 -10.27
CA THR A 278 22.34 13.03 -9.63
C THR A 278 22.42 11.98 -8.53
N THR A 279 21.32 11.83 -7.79
CA THR A 279 21.20 10.81 -6.75
C THR A 279 20.23 9.69 -7.08
N CYS A 280 19.38 9.87 -8.09
CA CYS A 280 18.42 8.86 -8.49
C CYS A 280 18.14 8.97 -9.98
N GLN A 281 18.11 7.83 -10.66
CA GLN A 281 17.89 7.75 -12.09
C GLN A 281 16.60 7.00 -12.37
N THR A 282 15.71 7.63 -13.14
CA THR A 282 14.41 7.14 -13.58
C THR A 282 14.46 6.91 -15.09
N PRO A 283 13.72 5.92 -15.64
CA PRO A 283 13.73 5.72 -17.11
C PRO A 283 13.45 6.96 -17.96
N GLU A 284 12.53 7.83 -17.55
CA GLU A 284 12.31 9.04 -18.35
C GLU A 284 13.51 9.96 -18.30
N GLY A 285 14.17 10.04 -17.15
CA GLY A 285 15.36 10.86 -17.04
C GLY A 285 15.77 11.00 -15.59
N ALA A 286 16.97 11.53 -15.42
CA ALA A 286 17.50 11.77 -14.09
C ALA A 286 16.75 12.92 -13.43
N ILE A 287 16.70 12.90 -12.10
CA ILE A 287 16.07 13.95 -11.32
C ILE A 287 17.10 14.55 -10.38
N ASN A 288 16.83 15.77 -9.95
CA ASN A 288 17.69 16.53 -9.04
C ASN A 288 16.74 17.25 -8.08
N THR A 289 16.48 16.63 -6.93
CA THR A 289 15.49 17.14 -6.01
C THR A 289 15.72 16.62 -4.61
N SER A 290 15.25 17.39 -3.63
CA SER A 290 15.22 17.01 -2.22
C SER A 290 13.80 16.80 -1.70
N LEU A 291 12.79 16.84 -2.58
CA LEU A 291 11.40 16.81 -2.15
C LEU A 291 10.92 15.39 -1.78
N PRO A 292 10.03 15.28 -0.78
CA PRO A 292 9.49 13.95 -0.42
C PRO A 292 8.82 13.13 -1.50
N PHE A 293 8.14 13.70 -2.50
CA PHE A 293 7.40 12.87 -3.46
C PHE A 293 7.71 13.21 -4.92
N GLN A 294 7.52 12.21 -5.78
CA GLN A 294 7.60 12.32 -7.24
C GLN A 294 6.51 11.47 -7.86
N ASN A 295 6.09 11.83 -9.08
CA ASN A 295 5.11 11.04 -9.83
C ASN A 295 5.63 10.68 -11.22
N ILE A 296 6.92 10.38 -11.34
CA ILE A 296 7.51 10.15 -12.66
C ILE A 296 7.43 8.67 -13.06
N HIS A 297 7.86 7.74 -12.19
CA HIS A 297 7.80 6.34 -12.58
C HIS A 297 7.90 5.46 -11.34
N PRO A 298 7.16 4.34 -11.25
CA PRO A 298 7.39 3.43 -10.11
C PRO A 298 8.78 2.82 -10.04
N ILE A 299 9.48 2.71 -11.17
CA ILE A 299 10.76 2.01 -11.25
C ILE A 299 11.87 3.05 -11.35
N THR A 300 12.63 3.20 -10.26
CA THR A 300 13.71 4.15 -10.17
C THR A 300 14.87 3.46 -9.45
N ILE A 301 16.09 3.94 -9.67
CA ILE A 301 17.26 3.42 -8.96
C ILE A 301 17.97 4.58 -8.28
N GLY A 302 18.17 4.44 -6.97
CA GLY A 302 18.90 5.40 -6.15
C GLY A 302 18.05 5.96 -5.04
N LYS A 303 18.57 7.01 -4.40
CA LYS A 303 17.87 7.74 -3.34
C LYS A 303 16.98 8.82 -3.96
N CYS A 304 15.71 8.46 -4.18
CA CYS A 304 14.69 9.33 -4.74
C CYS A 304 13.40 9.38 -3.94
N PRO A 305 12.48 10.27 -4.32
CA PRO A 305 11.19 10.33 -3.64
C PRO A 305 10.28 9.15 -3.99
N LYS A 306 9.51 8.72 -2.98
CA LYS A 306 8.50 7.69 -3.16
C LYS A 306 7.51 8.05 -4.25
N TYR A 307 7.48 7.24 -5.32
CA TYR A 307 6.52 7.42 -6.39
C TYR A 307 5.09 7.53 -5.85
N VAL A 308 4.39 8.58 -6.28
CA VAL A 308 3.00 8.84 -5.91
C VAL A 308 2.18 9.09 -7.18
N LYS A 309 0.97 8.54 -7.22
CA LYS A 309 0.08 8.69 -8.38
C LYS A 309 -0.69 10.00 -8.42
N SER A 310 -0.63 10.80 -7.37
CA SER A 310 -1.36 12.06 -7.31
C SER A 310 -0.83 13.05 -8.34
N THR A 311 -1.73 13.92 -8.81
CA THR A 311 -1.31 14.96 -9.74
C THR A 311 -0.43 15.99 -9.04
N LYS A 312 -0.78 16.38 -7.81
CA LYS A 312 -0.05 17.44 -7.13
C LYS A 312 -0.15 17.26 -5.61
N LEU A 313 0.96 17.55 -4.92
CA LEU A 313 1.01 17.62 -3.47
C LEU A 313 1.67 18.95 -3.16
N ARG A 314 0.90 20.02 -3.30
CA ARG A 314 1.41 21.37 -3.07
C ARG A 314 1.04 21.76 -1.65
N LEU A 315 2.05 22.12 -0.86
CA LEU A 315 1.86 22.48 0.53
C LEU A 315 1.87 24.00 0.64
N ALA A 316 0.82 24.55 1.24
CA ALA A 316 0.75 25.99 1.42
C ALA A 316 1.75 26.44 2.48
N THR A 317 2.35 27.61 2.22
CA THR A 317 3.18 28.31 3.17
C THR A 317 2.65 29.69 3.47
N GLY A 318 1.91 30.29 2.53
CA GLY A 318 1.35 31.60 2.70
C GLY A 318 -0.10 31.53 3.14
N LEU A 319 -0.70 32.70 3.21
CA LEU A 319 -2.09 32.87 3.62
C LEU A 319 -3.01 32.96 2.41
N ARG A 320 -4.32 32.85 2.67
CA ARG A 320 -5.31 32.88 1.60
C ARG A 320 -5.29 34.21 0.86
N ASN A 321 -5.27 34.14 -0.46
CA ASN A 321 -5.27 35.32 -1.32
C ASN A 321 -6.69 35.76 -1.63
N VAL A 322 -7.08 36.92 -1.13
CA VAL A 322 -8.41 37.49 -1.32
C VAL A 322 -8.17 38.94 -1.75
N PRO A 323 -8.20 39.24 -3.05
CA PRO A 323 -8.14 40.65 -3.47
C PRO A 323 -9.29 41.50 -2.93
N SER A 324 -8.96 42.42 -2.04
CA SER A 324 -9.89 43.42 -1.47
C SER A 324 -9.18 44.19 -0.36
N ILE B 14 -8.57 42.60 7.95
CA ILE B 14 -8.71 41.15 7.92
C ILE B 14 -9.81 40.75 6.92
N GLU B 15 -10.53 41.73 6.38
CA GLU B 15 -11.64 41.46 5.47
C GLU B 15 -11.20 41.29 4.03
N GLY B 16 -9.91 41.40 3.74
CA GLY B 16 -9.42 41.23 2.38
C GLY B 16 -7.93 41.47 2.34
N GLY B 17 -7.31 40.97 1.28
CA GLY B 17 -5.88 41.08 1.15
C GLY B 17 -5.48 42.43 0.58
N TRP B 18 -4.27 42.86 0.95
CA TRP B 18 -3.71 44.13 0.52
C TRP B 18 -2.66 43.87 -0.56
N THR B 19 -2.96 44.27 -1.79
CA THR B 19 -2.02 44.07 -2.89
C THR B 19 -0.93 45.14 -2.93
N GLY B 20 -1.06 46.21 -2.17
CA GLY B 20 -0.11 47.29 -2.11
C GLY B 20 1.07 47.10 -1.18
N MET B 21 1.13 46.00 -0.43
CA MET B 21 2.20 45.80 0.52
C MET B 21 3.47 45.36 -0.20
N VAL B 22 4.61 45.92 0.25
CA VAL B 22 5.89 45.57 -0.34
C VAL B 22 6.32 44.18 0.11
N ASP B 23 6.23 43.91 1.40
CA ASP B 23 6.60 42.60 1.94
C ASP B 23 5.85 42.35 3.24
N GLY B 24 6.02 41.16 3.77
CA GLY B 24 5.40 40.78 5.03
C GLY B 24 4.06 40.15 4.81
N TRP B 25 3.72 39.16 5.63
CA TRP B 25 2.43 38.49 5.55
C TRP B 25 1.34 39.20 6.34
N TYR B 26 1.72 39.94 7.38
CA TYR B 26 0.80 40.64 8.26
C TYR B 26 1.33 42.05 8.42
N GLY B 27 0.44 43.01 8.62
CA GLY B 27 0.89 44.36 8.80
C GLY B 27 -0.23 45.31 9.15
N TYR B 28 0.06 46.58 8.96
CA TYR B 28 -0.83 47.66 9.33
C TYR B 28 -0.98 48.63 8.16
N HIS B 29 -2.13 49.30 8.14
CA HIS B 29 -2.41 50.44 7.29
C HIS B 29 -2.72 51.62 8.18
N HIS B 30 -2.15 52.76 7.84
CA HIS B 30 -2.35 53.98 8.59
C HIS B 30 -2.85 55.09 7.67
N GLN B 31 -3.79 55.86 8.21
CA GLN B 31 -4.37 57.03 7.57
C GLN B 31 -4.23 58.17 8.57
N ASN B 32 -3.42 59.17 8.24
CA ASN B 32 -3.16 60.27 9.15
C ASN B 32 -2.93 61.54 8.33
N GLU B 33 -2.67 62.64 9.05
CA GLU B 33 -2.45 63.92 8.38
C GLU B 33 -1.04 64.01 7.78
N GLN B 34 -0.06 63.34 8.38
CA GLN B 34 1.30 63.37 7.88
C GLN B 34 1.52 62.42 6.71
N GLY B 35 0.69 61.38 6.58
CA GLY B 35 0.89 60.42 5.52
C GLY B 35 -0.10 59.29 5.64
N SER B 36 -0.06 58.38 4.66
CA SER B 36 -0.93 57.23 4.62
C SER B 36 -0.24 56.10 3.88
N GLY B 37 -0.43 54.87 4.35
CA GLY B 37 0.21 53.76 3.67
C GLY B 37 0.22 52.47 4.48
N TYR B 38 0.90 51.48 3.89
CA TYR B 38 1.03 50.13 4.43
C TYR B 38 2.41 49.92 5.00
N ALA B 39 2.49 49.07 6.03
CA ALA B 39 3.77 48.67 6.58
C ALA B 39 3.64 47.27 7.16
N ALA B 40 4.75 46.53 7.14
CA ALA B 40 4.78 45.19 7.71
C ALA B 40 4.91 45.24 9.23
N ASP B 41 4.34 44.22 9.89
CA ASP B 41 4.57 43.95 11.30
C ASP B 41 5.78 43.02 11.33
N LEU B 42 6.95 43.56 11.66
CA LEU B 42 8.19 42.81 11.49
C LEU B 42 8.30 41.63 12.45
N LYS B 43 7.87 41.79 13.70
CA LYS B 43 8.01 40.69 14.65
C LYS B 43 7.08 39.54 14.31
N SER B 44 5.82 39.84 13.99
CA SER B 44 4.85 38.79 13.70
C SER B 44 5.21 38.10 12.38
N THR B 45 5.61 38.88 11.38
CA THR B 45 5.93 38.28 10.10
C THR B 45 7.20 37.44 10.21
N GLN B 46 8.16 37.89 11.01
CA GLN B 46 9.38 37.12 11.16
C GLN B 46 9.09 35.82 11.89
N ASN B 47 8.21 35.87 12.90
CA ASN B 47 7.88 34.66 13.64
C ASN B 47 7.11 33.67 12.77
N ALA B 48 6.17 34.16 11.96
CA ALA B 48 5.42 33.27 11.09
C ALA B 48 6.30 32.68 10.01
N ILE B 49 7.23 33.48 9.47
CA ILE B 49 8.12 32.97 8.44
C ILE B 49 9.02 31.89 9.02
N ASP B 50 9.56 32.12 10.21
CA ASP B 50 10.45 31.10 10.78
C ASP B 50 9.69 29.84 11.14
N LYS B 51 8.47 29.96 11.70
CA LYS B 51 7.73 28.75 12.04
C LYS B 51 7.30 27.98 10.80
N ILE B 52 6.87 28.66 9.75
CA ILE B 52 6.49 27.95 8.53
C ILE B 52 7.71 27.32 7.86
N THR B 53 8.84 28.03 7.84
CA THR B 53 10.06 27.43 7.28
C THR B 53 10.45 26.17 8.05
N ASN B 54 10.40 26.21 9.38
CA ASN B 54 10.68 25.00 10.16
C ASN B 54 9.66 23.91 9.86
N LYS B 55 8.39 24.27 9.66
CA LYS B 55 7.39 23.27 9.31
C LYS B 55 7.74 22.58 7.99
N VAL B 56 8.11 23.39 6.98
CA VAL B 56 8.45 22.81 5.68
C VAL B 56 9.71 21.96 5.80
N ASN B 57 10.72 22.47 6.50
CA ASN B 57 11.96 21.73 6.65
C ASN B 57 11.72 20.45 7.41
N SER B 58 10.82 20.46 8.39
CA SER B 58 10.48 19.23 9.10
C SER B 58 9.85 18.22 8.15
N VAL B 59 8.95 18.67 7.29
CA VAL B 59 8.32 17.75 6.34
C VAL B 59 9.37 17.13 5.41
N ILE B 60 10.31 17.93 4.92
CA ILE B 60 11.33 17.38 4.02
C ILE B 60 12.31 16.49 4.79
N GLU B 61 12.81 16.99 5.92
CA GLU B 61 13.87 16.34 6.68
C GLU B 61 13.46 14.99 7.27
N LYS B 62 12.21 14.81 7.68
CA LYS B 62 11.88 13.56 8.36
C LYS B 62 11.88 12.36 7.44
N MET B 63 11.89 12.54 6.12
CA MET B 63 12.03 11.43 5.21
C MET B 63 13.51 11.30 4.88
N ASN B 64 14.03 10.08 4.98
CA ASN B 64 15.43 9.80 4.64
C ASN B 64 15.44 8.44 3.95
N THR B 65 15.32 8.46 2.64
CA THR B 65 15.28 7.24 1.85
C THR B 65 16.67 6.63 1.81
N GLN B 66 16.75 5.32 2.02
CA GLN B 66 18.01 4.60 1.93
C GLN B 66 18.18 4.19 0.48
N PHE B 67 19.42 4.01 0.05
CA PHE B 67 19.66 3.64 -1.34
C PHE B 67 19.00 2.29 -1.62
N THR B 68 18.13 2.25 -2.64
CA THR B 68 17.41 1.05 -3.02
C THR B 68 17.49 0.87 -4.52
N ALA B 69 16.83 -0.19 -4.98
CA ALA B 69 16.70 -0.51 -6.40
C ALA B 69 15.28 -1.08 -6.51
N VAL B 70 14.34 -0.22 -6.83
CA VAL B 70 12.94 -0.63 -6.90
C VAL B 70 12.71 -1.21 -8.28
N GLY B 71 12.07 -2.37 -8.30
CA GLY B 71 11.79 -3.07 -9.55
C GLY B 71 12.65 -4.29 -9.65
N LYS B 72 12.03 -5.45 -9.83
CA LYS B 72 12.74 -6.71 -9.92
C LYS B 72 12.21 -7.48 -11.11
N GLU B 73 13.10 -8.22 -11.74
CA GLU B 73 12.79 -9.01 -12.92
C GLU B 73 12.71 -10.48 -12.54
N PHE B 74 11.65 -11.15 -12.98
CA PHE B 74 11.42 -12.55 -12.68
C PHE B 74 11.11 -13.28 -13.97
N ASN B 75 11.40 -14.57 -14.00
CA ASN B 75 11.20 -15.33 -15.22
C ASN B 75 9.74 -15.78 -15.33
N HIS B 76 9.46 -16.48 -16.43
CA HIS B 76 8.09 -16.93 -16.72
C HIS B 76 7.50 -17.80 -15.60
N LEU B 77 8.31 -18.67 -14.99
CA LEU B 77 7.79 -19.62 -14.01
C LEU B 77 7.90 -19.10 -12.58
N GLU B 78 8.06 -17.79 -12.41
CA GLU B 78 8.08 -17.13 -11.11
C GLU B 78 6.99 -16.08 -11.10
N LYS B 79 5.85 -16.41 -11.72
CA LYS B 79 4.78 -15.44 -11.87
C LYS B 79 4.19 -15.08 -10.53
N ARG B 80 4.10 -16.04 -9.60
CA ARG B 80 3.59 -15.70 -8.28
C ARG B 80 4.52 -14.73 -7.58
N ILE B 81 5.82 -14.83 -7.86
CA ILE B 81 6.77 -13.91 -7.25
C ILE B 81 6.63 -12.54 -7.89
N GLU B 82 6.46 -12.50 -9.21
CA GLU B 82 6.21 -11.24 -9.89
C GLU B 82 4.96 -10.57 -9.34
N ASN B 83 3.92 -11.35 -9.08
CA ASN B 83 2.70 -10.80 -8.51
C ASN B 83 2.92 -10.37 -7.08
N LEU B 84 3.82 -11.02 -6.35
CA LEU B 84 4.15 -10.57 -5.00
C LEU B 84 4.89 -9.24 -5.04
N ASN B 85 5.85 -9.10 -5.96
CA ASN B 85 6.56 -7.84 -6.10
C ASN B 85 5.61 -6.73 -6.50
N LYS B 86 4.70 -7.02 -7.43
CA LYS B 86 3.71 -6.05 -7.83
C LYS B 86 2.81 -5.70 -6.65
N LYS B 87 2.41 -6.71 -5.87
CA LYS B 87 1.61 -6.49 -4.67
C LYS B 87 2.32 -5.54 -3.71
N VAL B 88 3.62 -5.74 -3.50
CA VAL B 88 4.37 -4.88 -2.59
C VAL B 88 4.43 -3.46 -3.15
N ASP B 89 4.73 -3.32 -4.43
CA ASP B 89 4.84 -1.98 -5.01
C ASP B 89 3.49 -1.27 -5.02
N ASP B 90 2.42 -2.01 -5.28
CA ASP B 90 1.09 -1.41 -5.29
C ASP B 90 0.64 -1.04 -3.89
N GLY B 91 0.94 -1.89 -2.91
CA GLY B 91 0.59 -1.57 -1.54
C GLY B 91 1.31 -0.33 -1.06
N PHE B 92 2.62 -0.25 -1.32
CA PHE B 92 3.37 0.94 -0.92
C PHE B 92 2.90 2.16 -1.68
N LEU B 93 2.53 1.97 -2.94
CA LEU B 93 2.01 3.08 -3.74
C LEU B 93 0.71 3.60 -3.13
N ASP B 94 -0.17 2.70 -2.71
CA ASP B 94 -1.43 3.12 -2.11
C ASP B 94 -1.20 3.78 -0.76
N ILE B 95 -0.28 3.27 0.05
CA ILE B 95 -0.04 3.88 1.35
C ILE B 95 0.57 5.27 1.16
N TRP B 96 1.57 5.39 0.30
CA TRP B 96 2.21 6.68 0.12
C TRP B 96 1.28 7.69 -0.55
N THR B 97 0.48 7.26 -1.52
CA THR B 97 -0.44 8.20 -2.15
C THR B 97 -1.49 8.68 -1.17
N TYR B 98 -2.09 7.76 -0.42
CA TYR B 98 -3.14 8.12 0.53
C TYR B 98 -2.58 9.03 1.63
N ASN B 99 -1.42 8.65 2.18
CA ASN B 99 -0.82 9.44 3.25
C ASN B 99 -0.34 10.79 2.74
N ALA B 100 0.21 10.85 1.53
CA ALA B 100 0.67 12.13 1.00
C ALA B 100 -0.50 13.06 0.72
N GLU B 101 -1.61 12.51 0.21
CA GLU B 101 -2.76 13.36 -0.06
C GLU B 101 -3.34 13.89 1.23
N LEU B 102 -3.46 13.03 2.24
CA LEU B 102 -4.02 13.51 3.49
C LEU B 102 -3.06 14.42 4.21
N LEU B 103 -1.75 14.14 4.16
CA LEU B 103 -0.81 15.00 4.84
C LEU B 103 -0.85 16.41 4.24
N VAL B 104 -0.84 16.51 2.91
CA VAL B 104 -0.86 17.83 2.31
C VAL B 104 -2.19 18.53 2.58
N LEU B 105 -3.32 17.82 2.48
CA LEU B 105 -4.60 18.49 2.73
C LEU B 105 -4.73 18.95 4.18
N LEU B 106 -4.35 18.10 5.14
CA LEU B 106 -4.47 18.49 6.54
C LEU B 106 -3.48 19.61 6.85
N GLU B 107 -2.29 19.56 6.27
CA GLU B 107 -1.30 20.60 6.53
C GLU B 107 -1.76 21.93 5.95
N ASN B 108 -2.42 21.91 4.79
CA ASN B 108 -2.88 23.16 4.20
C ASN B 108 -4.02 23.75 5.02
N GLU B 109 -4.89 22.88 5.55
CA GLU B 109 -5.95 23.33 6.45
C GLU B 109 -5.32 23.97 7.67
N ARG B 110 -4.26 23.35 8.17
CA ARG B 110 -3.56 23.82 9.36
C ARG B 110 -2.91 25.17 9.10
N THR B 111 -2.29 25.33 7.94
CA THR B 111 -1.62 26.58 7.61
C THR B 111 -2.61 27.72 7.52
N LEU B 112 -3.76 27.49 6.88
CA LEU B 112 -4.70 28.60 6.72
C LEU B 112 -5.32 28.99 8.06
N ASP B 113 -5.63 28.01 8.91
CA ASP B 113 -6.12 28.36 10.23
C ASP B 113 -5.03 29.01 11.06
N TYR B 114 -3.78 28.56 10.89
CA TYR B 114 -2.66 29.17 11.60
C TYR B 114 -2.57 30.66 11.27
N HIS B 115 -2.67 31.00 9.98
CA HIS B 115 -2.57 32.39 9.57
C HIS B 115 -3.73 33.21 10.12
N ASP B 116 -4.94 32.64 10.10
CA ASP B 116 -6.07 33.40 10.64
C ASP B 116 -5.94 33.58 12.14
N SER B 117 -5.40 32.57 12.83
CA SER B 117 -5.17 32.71 14.27
C SER B 117 -4.13 33.78 14.54
N ASN B 118 -3.05 33.82 13.75
CA ASN B 118 -2.02 34.83 13.98
C ASN B 118 -2.58 36.23 13.79
N VAL B 119 -3.40 36.44 12.76
CA VAL B 119 -3.90 37.79 12.54
C VAL B 119 -4.94 38.15 13.60
N LYS B 120 -5.76 37.18 14.04
CA LYS B 120 -6.69 37.45 15.12
C LYS B 120 -5.96 37.75 16.41
N ASN B 121 -4.85 37.05 16.67
CA ASN B 121 -4.09 37.29 17.89
C ASN B 121 -3.46 38.68 17.84
N LEU B 122 -3.02 39.11 16.66
CA LEU B 122 -2.47 40.45 16.53
C LEU B 122 -3.56 41.49 16.77
N TYR B 123 -4.75 41.22 16.24
CA TYR B 123 -5.91 42.06 16.45
C TYR B 123 -6.22 42.18 17.95
N GLU B 124 -6.21 41.05 18.66
CA GLU B 124 -6.47 41.06 20.09
C GLU B 124 -5.39 41.81 20.86
N LYS B 125 -4.12 41.68 20.46
CA LYS B 125 -3.06 42.45 21.11
C LYS B 125 -3.31 43.94 20.96
N VAL B 126 -3.76 44.33 19.77
CA VAL B 126 -4.09 45.72 19.51
C VAL B 126 -5.26 46.13 20.39
N ARG B 127 -6.27 45.27 20.53
CA ARG B 127 -7.37 45.52 21.46
C ARG B 127 -6.88 45.71 22.88
N ASN B 128 -5.88 44.92 23.28
CA ASN B 128 -5.37 45.02 24.64
C ASN B 128 -4.69 46.36 24.88
N GLN B 129 -4.00 46.91 23.88
CA GLN B 129 -3.41 48.22 24.08
C GLN B 129 -4.42 49.36 23.96
N LEU B 130 -5.41 49.22 23.06
CA LEU B 130 -6.40 50.24 22.74
C LEU B 130 -7.78 49.97 23.32
N LYS B 131 -7.86 49.08 24.33
CA LYS B 131 -9.16 48.64 24.87
C LYS B 131 -10.09 49.80 25.17
N ASN B 132 -9.56 50.87 25.77
CA ASN B 132 -10.34 52.05 26.13
C ASN B 132 -9.94 53.32 25.38
N ASN B 133 -9.13 53.24 24.31
CA ASN B 133 -8.71 54.41 23.55
C ASN B 133 -9.21 54.48 22.12
N ALA B 134 -9.79 53.41 21.55
CA ALA B 134 -10.22 53.45 20.17
C ALA B 134 -11.58 52.77 20.00
N LYS B 135 -12.32 53.26 19.01
CA LYS B 135 -13.60 52.70 18.63
C LYS B 135 -13.33 51.47 17.78
N GLU B 136 -13.86 50.35 18.21
CA GLU B 136 -13.76 49.11 17.45
C GLU B 136 -14.85 49.11 16.38
N ILE B 137 -14.45 48.88 15.13
CA ILE B 137 -15.38 48.83 14.01
C ILE B 137 -15.79 47.40 13.72
N GLY B 138 -14.83 46.48 13.75
CA GLY B 138 -15.07 45.06 13.56
C GLY B 138 -14.77 44.55 12.16
N ASN B 139 -14.32 45.41 11.25
CA ASN B 139 -13.94 45.03 9.90
C ASN B 139 -12.42 45.08 9.72
N GLY B 140 -11.68 44.89 10.81
CA GLY B 140 -10.24 45.02 10.78
C GLY B 140 -9.72 46.41 11.04
N CYS B 141 -10.60 47.41 11.18
CA CYS B 141 -10.22 48.79 11.36
C CYS B 141 -10.46 49.21 12.80
N PHE B 142 -9.71 50.21 13.25
CA PHE B 142 -9.92 50.87 14.53
C PHE B 142 -9.94 52.37 14.26
N GLU B 143 -10.76 53.13 15.00
CA GLU B 143 -10.77 54.58 14.87
C GLU B 143 -10.44 55.23 16.20
N PHE B 144 -9.41 56.06 16.21
CA PHE B 144 -8.94 56.70 17.43
C PHE B 144 -9.90 57.80 17.88
N TYR B 145 -10.19 57.86 19.19
CA TYR B 145 -10.96 58.99 19.65
C TYR B 145 -10.06 60.21 19.82
N HIS B 146 -8.85 60.00 20.31
CA HIS B 146 -7.87 61.06 20.47
C HIS B 146 -7.07 61.25 19.19
N LYS B 147 -6.49 62.43 19.05
CA LYS B 147 -5.58 62.67 17.94
C LYS B 147 -4.30 61.89 18.23
N CYS B 148 -3.81 61.16 17.22
CA CYS B 148 -2.62 60.32 17.38
C CYS B 148 -1.67 60.63 16.24
N ASP B 149 -0.44 61.02 16.60
CA ASP B 149 0.58 61.36 15.63
C ASP B 149 1.37 60.09 15.26
N ASN B 150 2.47 60.26 14.52
CA ASN B 150 3.22 59.10 14.08
C ASN B 150 3.89 58.38 15.24
N THR B 151 4.22 59.10 16.33
CA THR B 151 4.93 58.48 17.44
C THR B 151 4.07 57.48 18.19
N CYS B 152 2.83 57.86 18.54
CA CYS B 152 1.94 56.92 19.23
C CYS B 152 1.51 55.79 18.33
N MET B 153 1.40 56.05 17.03
CA MET B 153 1.07 54.98 16.09
C MET B 153 2.22 53.99 15.98
N GLU B 154 3.45 54.48 15.95
CA GLU B 154 4.59 53.58 15.92
C GLU B 154 4.68 52.82 17.23
N SER B 155 4.33 53.46 18.34
CA SER B 155 4.33 52.78 19.62
C SER B 155 3.34 51.63 19.62
N VAL B 156 2.15 51.87 19.04
CA VAL B 156 1.15 50.81 18.94
C VAL B 156 1.69 49.67 18.09
N LYS B 157 2.36 50.02 16.99
CA LYS B 157 2.95 48.98 16.13
C LYS B 157 3.99 48.17 16.87
N ASN B 158 4.85 48.84 17.63
CA ASN B 158 5.91 48.16 18.36
C ASN B 158 5.36 47.49 19.62
N GLY B 159 4.43 48.13 20.29
CA GLY B 159 3.91 47.69 21.57
C GLY B 159 4.35 48.61 22.70
N THR B 160 3.72 48.39 23.86
CA THR B 160 3.95 49.13 25.11
C THR B 160 3.28 50.49 25.13
N TYR B 161 2.28 50.75 24.29
CA TYR B 161 1.59 52.03 24.32
C TYR B 161 1.03 52.25 25.72
N ASP B 162 1.31 53.42 26.28
CA ASP B 162 0.93 53.78 27.65
C ASP B 162 -0.40 54.54 27.62
N TYR B 163 -1.47 53.84 27.98
CA TYR B 163 -2.82 54.40 27.99
C TYR B 163 -3.00 55.67 28.81
N PRO B 164 -2.58 55.76 30.07
CA PRO B 164 -2.84 56.98 30.88
C PRO B 164 -2.40 58.31 30.27
N LYS B 165 -1.41 58.35 29.37
CA LYS B 165 -0.99 59.62 28.77
C LYS B 165 -2.12 60.40 28.12
N TYR B 166 -3.07 59.72 27.49
CA TYR B 166 -4.17 60.41 26.82
C TYR B 166 -5.46 60.36 27.61
N SER B 167 -5.87 59.18 28.05
CA SER B 167 -7.00 58.98 28.96
C SER B 167 -8.25 59.84 28.71
N GLU B 168 -8.50 60.82 29.59
CA GLU B 168 -9.74 61.60 29.58
C GLU B 168 -10.05 62.30 28.26
N GLU B 169 -9.05 62.64 27.44
CA GLU B 169 -9.40 63.30 26.18
C GLU B 169 -10.30 62.40 25.35
N ALA B 170 -10.01 61.10 25.35
CA ALA B 170 -10.85 60.17 24.61
C ALA B 170 -12.23 60.11 25.24
N LYS B 171 -12.29 60.19 26.56
CA LYS B 171 -13.58 60.21 27.24
C LYS B 171 -14.42 61.38 26.76
N LEU B 172 -13.82 62.57 26.64
CA LEU B 172 -14.62 63.69 26.16
C LEU B 172 -15.06 63.45 24.73
N ASN B 173 -14.19 62.84 23.91
CA ASN B 173 -14.63 62.55 22.56
C ASN B 173 -15.72 61.49 22.58
N ARG B 174 -15.62 60.56 23.53
CA ARG B 174 -16.70 59.60 23.72
C ARG B 174 -17.95 60.32 24.16
N GLU B 175 -17.79 61.33 25.02
CA GLU B 175 -18.94 62.13 25.43
C GLU B 175 -19.57 62.82 24.22
N LYS B 176 -18.73 63.38 23.33
CA LYS B 176 -19.30 64.00 22.14
C LYS B 176 -19.99 62.97 21.26
N ILE B 177 -19.41 61.78 21.12
CA ILE B 177 -20.03 60.72 20.33
C ILE B 177 -21.12 60.07 21.18
N ASP C 2 -4.94 43.66 46.20
CA ASP C 2 -4.93 42.21 46.09
C ASP C 2 -4.91 41.87 44.60
N THR C 3 -3.90 41.10 44.20
CA THR C 3 -3.74 40.66 42.82
C THR C 3 -3.95 39.15 42.72
N LEU C 4 -4.78 38.74 41.75
CA LEU C 4 -5.06 37.35 41.47
C LEU C 4 -4.62 37.10 40.03
N CYS C 5 -3.71 36.14 39.85
CA CYS C 5 -3.17 35.83 38.54
C CYS C 5 -3.53 34.39 38.18
N ILE C 6 -3.75 34.17 36.89
CA ILE C 6 -3.95 32.84 36.33
C ILE C 6 -2.74 32.54 35.48
N GLY C 7 -2.21 31.34 35.68
CA GLY C 7 -1.02 30.93 34.98
C GLY C 7 -0.82 29.46 35.16
N TYR C 8 0.41 29.04 34.89
CA TYR C 8 0.78 27.65 34.88
C TYR C 8 2.11 27.41 35.57
N HIS C 9 2.28 26.16 36.01
CA HIS C 9 3.44 25.78 36.79
C HIS C 9 4.69 25.67 35.91
N ALA C 10 5.83 25.84 36.57
CA ALA C 10 7.15 25.63 36.01
C ALA C 10 7.81 24.48 36.76
N ASN C 11 8.80 23.85 36.12
CA ASN C 11 9.47 22.70 36.67
C ASN C 11 10.95 22.80 36.35
N ASN C 12 11.76 22.08 37.13
CA ASN C 12 13.18 22.01 36.88
C ASN C 12 13.55 20.98 35.82
N SER C 13 12.57 20.24 35.29
CA SER C 13 12.86 19.27 34.25
C SER C 13 13.37 19.97 33.01
N THR C 14 14.33 19.33 32.34
CA THR C 14 14.96 19.85 31.13
C THR C 14 14.56 19.03 29.90
N ASP C 15 13.53 18.18 30.03
CA ASP C 15 13.06 17.37 28.92
C ASP C 15 12.72 18.24 27.72
N THR C 16 13.30 17.91 26.57
CA THR C 16 13.16 18.71 25.35
C THR C 16 12.46 17.88 24.29
N VAL C 17 11.45 18.49 23.66
CA VAL C 17 10.66 17.88 22.62
C VAL C 17 10.69 18.79 21.40
N ASP C 18 10.34 18.23 20.25
CA ASP C 18 10.22 18.97 19.01
C ASP C 18 8.75 19.05 18.62
N THR C 19 8.41 20.10 17.87
CA THR C 19 7.06 20.31 17.36
C THR C 19 7.15 20.61 15.87
N VAL C 20 5.99 20.73 15.24
CA VAL C 20 5.93 21.04 13.81
C VAL C 20 6.47 22.43 13.54
N LEU C 21 6.11 23.40 14.36
CA LEU C 21 6.47 24.79 14.10
C LEU C 21 7.81 25.20 14.70
N GLU C 22 8.24 24.57 15.79
CA GLU C 22 9.49 24.92 16.41
C GLU C 22 10.13 23.64 16.96
N LYS C 23 11.46 23.65 17.03
CA LYS C 23 12.26 22.55 17.55
C LYS C 23 12.84 22.91 18.90
N ASN C 24 13.26 21.88 19.63
CA ASN C 24 13.90 22.04 20.93
C ASN C 24 12.99 22.78 21.91
N VAL C 25 11.75 22.31 22.01
CA VAL C 25 10.79 22.86 22.95
C VAL C 25 10.97 22.12 24.27
N THR C 26 11.17 22.87 25.34
CA THR C 26 11.35 22.26 26.66
C THR C 26 9.97 22.09 27.27
N VAL C 27 9.72 20.91 27.85
CA VAL C 27 8.47 20.62 28.52
C VAL C 27 8.73 20.13 29.93
N THR C 28 7.70 20.25 30.78
CA THR C 28 7.83 19.84 32.17
C THR C 28 7.56 18.34 32.37
N HIS C 29 6.76 17.74 31.50
CA HIS C 29 6.46 16.32 31.54
C HIS C 29 6.40 15.83 30.11
N SER C 30 6.91 14.63 29.88
CA SER C 30 6.86 14.01 28.57
C SER C 30 6.91 12.51 28.74
N VAL C 31 6.51 11.80 27.68
CA VAL C 31 6.61 10.35 27.65
C VAL C 31 7.29 9.96 26.34
N ASN C 32 7.91 8.79 26.36
CA ASN C 32 8.55 8.24 25.18
C ASN C 32 7.64 7.24 24.47
N LEU C 33 7.78 7.22 23.15
CA LEU C 33 7.24 6.16 22.31
C LEU C 33 8.34 5.22 21.82
N LEU C 34 9.58 5.69 21.81
CA LEU C 34 10.72 4.94 21.31
C LEU C 34 11.47 4.32 22.49
N GLU C 35 11.64 3.01 22.45
CA GLU C 35 12.40 2.31 23.48
C GLU C 35 13.84 2.21 22.97
N ASP C 36 14.78 2.75 23.74
CA ASP C 36 16.19 2.74 23.40
C ASP C 36 17.01 1.97 24.42
N LYS C 37 16.35 1.11 25.20
CA LYS C 37 16.99 0.30 26.23
C LYS C 37 16.70 -1.17 25.98
N HIS C 38 17.62 -2.02 26.39
CA HIS C 38 17.43 -3.46 26.30
C HIS C 38 18.15 -4.11 27.46
N ASN C 39 17.74 -5.33 27.79
CA ASN C 39 18.33 -6.02 28.93
C ASN C 39 19.75 -6.47 28.63
N GLY C 40 20.07 -6.74 27.36
CA GLY C 40 21.38 -7.27 27.04
C GLY C 40 21.49 -8.75 27.27
N LYS C 41 20.36 -9.43 27.47
CA LYS C 41 20.30 -10.85 27.77
C LYS C 41 19.21 -11.50 26.92
N LEU C 42 19.43 -12.76 26.54
CA LEU C 42 18.43 -13.53 25.83
C LEU C 42 17.66 -14.36 26.86
N CYS C 43 16.37 -14.57 26.61
CA CYS C 43 15.56 -15.32 27.55
C CYS C 43 14.38 -16.01 26.87
N LYS C 44 13.69 -16.81 27.67
CA LYS C 44 12.52 -17.56 27.21
C LYS C 44 11.40 -16.64 26.72
N LEU C 45 10.81 -17.04 25.60
CA LEU C 45 9.72 -16.32 24.95
C LEU C 45 8.45 -17.16 25.16
N ARG C 46 7.43 -16.52 25.76
CA ARG C 46 6.15 -17.15 26.14
C ARG C 46 6.36 -18.35 27.08
N GLY C 47 7.36 -18.26 27.95
CA GLY C 47 7.60 -19.27 28.96
C GLY C 47 8.44 -20.46 28.56
N VAL C 48 8.82 -20.61 27.29
CA VAL C 48 9.60 -21.74 26.81
C VAL C 48 10.97 -21.23 26.38
N ALA C 49 12.02 -21.83 26.93
CA ALA C 49 13.38 -21.39 26.65
C ALA C 49 13.75 -21.63 25.18
N PRO C 50 14.58 -20.78 24.59
CA PRO C 50 15.06 -21.04 23.24
C PRO C 50 16.11 -22.14 23.24
N LEU C 51 16.33 -22.71 22.06
CA LEU C 51 17.43 -23.66 21.87
C LEU C 51 18.65 -22.84 21.47
N HIS C 52 19.71 -22.94 22.28
CA HIS C 52 20.93 -22.18 22.09
C HIS C 52 22.05 -23.12 21.67
N LEU C 53 22.70 -22.81 20.54
CA LEU C 53 23.75 -23.65 19.95
C LEU C 53 25.02 -22.81 19.88
N GLY C 54 25.82 -22.85 20.95
CA GLY C 54 26.98 -21.99 21.03
C GLY C 54 28.00 -22.22 19.92
N LYS C 55 28.19 -23.48 19.53
CA LYS C 55 29.15 -23.85 18.50
C LYS C 55 28.51 -24.44 17.26
N CYS C 56 27.36 -25.07 17.38
CA CYS C 56 26.72 -25.77 16.28
C CYS C 56 25.71 -24.87 15.58
N ASN C 57 25.53 -25.10 14.29
CA ASN C 57 24.47 -24.48 13.52
C ASN C 57 23.34 -25.49 13.39
N ILE C 58 22.28 -25.11 12.70
CA ILE C 58 21.15 -26.03 12.52
C ILE C 58 21.60 -27.29 11.80
N ALA C 59 22.42 -27.15 10.75
CA ALA C 59 22.90 -28.34 10.05
C ALA C 59 23.64 -29.29 10.99
N GLY C 60 24.51 -28.74 11.85
CA GLY C 60 25.24 -29.59 12.78
C GLY C 60 24.33 -30.30 13.77
N TRP C 61 23.47 -29.55 14.44
CA TRP C 61 22.56 -30.12 15.43
C TRP C 61 21.62 -31.15 14.82
N ILE C 62 20.99 -30.82 13.70
CA ILE C 62 20.04 -31.74 13.08
C ILE C 62 20.76 -32.99 12.58
N LEU C 63 21.93 -32.81 11.96
CA LEU C 63 22.66 -33.99 11.49
C LEU C 63 23.33 -34.73 12.64
N GLY C 64 23.63 -34.06 13.73
CA GLY C 64 24.26 -34.72 14.85
C GLY C 64 25.76 -34.68 14.75
N ASN C 65 26.29 -33.53 14.37
CA ASN C 65 27.73 -33.33 14.32
C ASN C 65 28.33 -33.70 15.68
N PRO C 66 29.44 -34.44 15.74
CA PRO C 66 30.02 -34.82 17.05
C PRO C 66 30.23 -33.67 18.02
N GLU C 67 30.47 -32.45 17.54
CA GLU C 67 30.64 -31.34 18.46
C GLU C 67 29.33 -30.91 19.12
N CYS C 68 28.19 -31.45 18.66
CA CYS C 68 26.88 -31.10 19.17
C CYS C 68 26.39 -32.04 20.26
N GLU C 69 27.16 -33.06 20.62
CA GLU C 69 26.72 -34.04 21.61
C GLU C 69 26.36 -33.38 22.94
N SER C 70 27.09 -32.33 23.32
CA SER C 70 26.87 -31.70 24.62
C SER C 70 25.68 -30.74 24.65
N LEU C 71 25.06 -30.44 23.52
CA LEU C 71 23.92 -29.52 23.56
C LEU C 71 22.72 -30.20 24.20
N SER C 72 22.04 -29.46 25.06
CA SER C 72 20.82 -29.95 25.67
C SER C 72 19.71 -30.02 24.62
N THR C 73 18.83 -31.01 24.76
CA THR C 73 17.65 -31.16 23.92
C THR C 73 16.43 -30.77 24.74
N ALA C 74 15.70 -29.78 24.24
CA ALA C 74 14.48 -29.29 24.89
C ALA C 74 13.27 -29.85 24.16
N SER C 75 12.16 -29.98 24.89
CA SER C 75 10.93 -30.42 24.27
C SER C 75 10.27 -29.33 23.44
N SER C 76 10.58 -28.06 23.70
CA SER C 76 10.00 -26.98 22.91
C SER C 76 10.93 -25.77 22.93
N TRP C 77 10.83 -24.97 21.86
CA TRP C 77 11.54 -23.71 21.74
C TRP C 77 10.63 -22.72 21.03
N SER C 78 10.82 -21.44 21.31
CA SER C 78 10.18 -20.40 20.52
C SER C 78 11.07 -19.94 19.37
N TYR C 79 12.39 -20.01 19.56
CA TYR C 79 13.36 -19.57 18.55
C TYR C 79 14.67 -20.28 18.79
N ILE C 80 15.54 -20.22 17.77
CA ILE C 80 16.85 -20.86 17.79
C ILE C 80 17.89 -19.76 17.80
N VAL C 81 18.90 -19.91 18.65
CA VAL C 81 19.97 -18.94 18.81
C VAL C 81 21.28 -19.56 18.39
N GLU C 82 21.96 -18.90 17.46
CA GLU C 82 23.29 -19.27 16.98
C GLU C 82 24.25 -18.15 17.35
N THR C 83 25.51 -18.48 17.55
CA THR C 83 26.53 -17.49 17.86
C THR C 83 27.21 -17.10 16.55
N SER C 84 27.92 -15.97 16.56
CA SER C 84 28.58 -15.52 15.34
C SER C 84 29.79 -16.37 14.97
N ASN C 85 30.35 -17.12 15.92
CA ASN C 85 31.50 -17.97 15.70
C ASN C 85 31.10 -19.43 15.53
N SER C 86 29.82 -19.71 15.37
CA SER C 86 29.31 -21.07 15.24
C SER C 86 29.31 -21.47 13.77
N ASP C 87 30.22 -22.37 13.41
CA ASP C 87 30.29 -22.90 12.06
C ASP C 87 30.61 -24.39 12.04
N ASN C 88 30.52 -25.09 13.17
CA ASN C 88 30.81 -26.51 13.21
C ASN C 88 29.53 -27.25 12.79
N GLY C 89 29.26 -27.17 11.49
CA GLY C 89 28.05 -27.68 10.90
C GLY C 89 28.26 -29.00 10.20
N THR C 90 28.26 -28.95 8.88
CA THR C 90 28.42 -30.15 8.07
C THR C 90 29.82 -30.70 8.22
N CYS C 91 29.91 -32.02 8.42
CA CYS C 91 31.21 -32.69 8.55
C CYS C 91 31.80 -32.98 7.18
N TYR C 92 31.18 -33.90 6.46
CA TYR C 92 31.63 -34.19 5.11
C TYR C 92 31.24 -32.99 4.26
N PRO C 93 32.13 -32.46 3.41
CA PRO C 93 31.77 -31.29 2.62
C PRO C 93 30.51 -31.54 1.81
N GLY C 94 29.62 -30.56 1.78
CA GLY C 94 28.36 -30.76 1.10
C GLY C 94 27.44 -29.57 1.24
N ASP C 95 26.19 -29.80 0.83
CA ASP C 95 25.18 -28.76 0.81
C ASP C 95 23.80 -29.36 1.10
N PHE C 96 23.11 -28.81 2.10
CA PHE C 96 21.73 -29.18 2.32
C PHE C 96 20.86 -28.65 1.20
N ILE C 97 19.90 -29.46 0.77
CA ILE C 97 18.91 -29.06 -0.22
C ILE C 97 17.70 -28.57 0.54
N ASN C 98 17.19 -27.40 0.17
CA ASN C 98 16.10 -26.75 0.90
C ASN C 98 16.53 -26.54 2.35
N TYR C 99 17.76 -26.04 2.51
CA TYR C 99 18.32 -25.83 3.84
C TYR C 99 17.58 -24.75 4.60
N GLU C 100 17.34 -23.63 3.94
CA GLU C 100 16.67 -22.50 4.59
C GLU C 100 15.24 -22.86 4.96
N GLU C 101 14.57 -23.67 4.14
CA GLU C 101 13.21 -24.09 4.46
C GLU C 101 13.20 -24.90 5.75
N LEU C 102 14.18 -25.80 5.90
CA LEU C 102 14.28 -26.58 7.12
C LEU C 102 14.59 -25.68 8.31
N ARG C 103 15.49 -24.71 8.11
CA ARG C 103 15.87 -23.83 9.21
C ARG C 103 14.69 -23.02 9.72
N GLU C 104 13.83 -22.53 8.81
CA GLU C 104 12.66 -21.78 9.28
C GLU C 104 11.60 -22.70 9.88
N GLN C 105 11.38 -23.88 9.29
CA GLN C 105 10.35 -24.77 9.82
C GLN C 105 10.66 -25.25 11.23
N LEU C 106 11.93 -25.42 11.56
CA LEU C 106 12.32 -25.85 12.90
C LEU C 106 12.34 -24.73 13.92
N SER C 107 12.02 -23.49 13.51
CA SER C 107 12.14 -22.37 14.42
C SER C 107 11.20 -22.44 15.61
N SER C 108 10.03 -23.08 15.47
CA SER C 108 9.07 -23.17 16.58
C SER C 108 8.39 -24.53 16.62
N VAL C 109 8.61 -25.29 17.69
CA VAL C 109 8.06 -26.63 17.85
C VAL C 109 7.43 -26.71 19.25
N SER C 110 6.18 -27.18 19.31
CA SER C 110 5.51 -27.35 20.60
C SER C 110 5.93 -28.62 21.31
N SER C 111 6.23 -29.68 20.55
CA SER C 111 6.63 -30.97 21.10
C SER C 111 7.67 -31.53 20.17
N PHE C 112 8.87 -31.74 20.68
CA PHE C 112 10.00 -32.21 19.88
C PHE C 112 10.61 -33.40 20.60
N GLU C 113 10.71 -34.53 19.90
CA GLU C 113 11.33 -35.72 20.48
C GLU C 113 12.23 -36.36 19.44
N ARG C 114 13.38 -36.86 19.89
CA ARG C 114 14.26 -37.65 19.04
C ARG C 114 14.00 -39.12 19.35
N PHE C 115 13.96 -39.95 18.32
CA PHE C 115 13.80 -41.38 18.53
C PHE C 115 14.59 -42.10 17.46
N GLU C 116 14.89 -43.36 17.72
CA GLU C 116 15.66 -44.16 16.78
C GLU C 116 14.66 -44.78 15.81
N ILE C 117 14.74 -44.36 14.54
CA ILE C 117 13.74 -44.76 13.55
C ILE C 117 14.03 -46.15 13.00
N PHE C 118 15.31 -46.45 12.76
CA PHE C 118 15.75 -47.73 12.20
C PHE C 118 16.89 -48.23 13.08
N PRO C 119 16.60 -49.05 14.11
CA PRO C 119 17.63 -49.44 15.08
C PRO C 119 18.91 -49.95 14.43
N LYS C 120 20.03 -49.37 14.86
CA LYS C 120 21.33 -49.65 14.25
C LYS C 120 21.69 -51.13 14.27
N THR C 121 21.32 -51.83 15.35
CA THR C 121 21.74 -53.22 15.53
C THR C 121 20.81 -54.26 14.89
N SER C 122 19.60 -53.88 14.47
CA SER C 122 18.65 -54.85 13.93
C SER C 122 18.10 -54.51 12.55
N SER C 123 18.20 -53.26 12.09
CA SER C 123 17.56 -52.91 10.82
C SER C 123 18.35 -53.31 9.60
N TRP C 124 19.67 -53.42 9.70
CA TRP C 124 20.52 -53.71 8.54
C TRP C 124 21.48 -54.86 8.84
N PRO C 125 20.95 -56.08 8.98
CA PRO C 125 21.83 -57.22 9.29
C PRO C 125 22.79 -57.57 8.17
N ASN C 126 22.55 -57.11 6.95
CA ASN C 126 23.36 -57.46 5.80
C ASN C 126 24.41 -56.41 5.42
N HIS C 127 24.57 -55.37 6.23
CA HIS C 127 25.47 -54.27 5.91
C HIS C 127 26.34 -53.93 7.12
N ASP C 128 27.47 -53.28 6.84
CA ASP C 128 28.42 -52.89 7.87
C ASP C 128 28.12 -51.45 8.28
N SER C 129 27.54 -51.29 9.47
CA SER C 129 27.17 -50.00 10.00
C SER C 129 28.25 -49.39 10.89
N ASN C 130 29.36 -50.08 11.08
CA ASN C 130 30.44 -49.65 11.97
C ASN C 130 31.59 -48.99 11.23
N LYS C 131 31.39 -48.64 9.95
CA LYS C 131 32.38 -47.95 9.15
C LYS C 131 31.75 -46.64 8.70
N GLY C 132 32.09 -46.12 7.52
CA GLY C 132 31.54 -44.82 7.15
C GLY C 132 32.21 -43.70 7.90
N VAL C 133 33.51 -43.82 8.15
CA VAL C 133 34.29 -42.85 8.92
C VAL C 133 34.98 -41.91 7.94
N THR C 134 34.77 -40.60 8.13
CA THR C 134 35.25 -39.59 7.19
C THR C 134 36.62 -39.04 7.55
N ALA C 135 36.98 -39.03 8.83
CA ALA C 135 38.18 -38.38 9.35
C ALA C 135 38.17 -36.86 9.17
N ALA C 136 37.01 -36.27 8.82
CA ALA C 136 36.93 -34.82 8.65
C ALA C 136 36.50 -34.09 9.91
N CYS C 137 35.72 -34.73 10.78
CA CYS C 137 35.17 -34.08 11.97
C CYS C 137 35.38 -34.96 13.19
N PRO C 138 36.63 -35.22 13.54
CA PRO C 138 36.91 -36.19 14.61
C PRO C 138 36.44 -35.65 15.95
N HIS C 139 36.10 -36.57 16.84
CA HIS C 139 35.69 -36.24 18.21
C HIS C 139 36.78 -36.83 19.11
N ALA C 140 37.59 -35.95 19.70
CA ALA C 140 38.72 -36.36 20.52
C ALA C 140 39.63 -37.31 19.75
N GLY C 141 39.78 -37.05 18.45
CA GLY C 141 40.61 -37.86 17.60
C GLY C 141 39.99 -39.16 17.15
N ALA C 142 38.72 -39.41 17.50
CA ALA C 142 38.07 -40.67 17.19
C ALA C 142 37.55 -40.75 15.76
N LYS C 143 37.62 -39.67 14.98
CA LYS C 143 37.17 -39.65 13.59
C LYS C 143 35.67 -39.89 13.46
N SER C 144 34.91 -39.74 14.54
CA SER C 144 33.49 -40.09 14.54
C SER C 144 32.69 -39.37 13.45
N PHE C 145 31.63 -40.04 13.02
CA PHE C 145 30.69 -39.57 12.01
C PHE C 145 29.44 -39.04 12.74
N TYR C 146 28.45 -38.58 11.98
CA TYR C 146 27.23 -38.01 12.54
C TYR C 146 26.56 -39.01 13.47
N LYS C 147 25.92 -38.47 14.53
CA LYS C 147 25.21 -39.33 15.47
C LYS C 147 23.80 -39.66 15.02
N ASN C 148 23.15 -38.78 14.26
CA ASN C 148 21.77 -39.01 13.86
C ASN C 148 21.65 -39.84 12.58
N LEU C 149 22.68 -39.82 11.74
CA LEU C 149 22.72 -40.58 10.50
C LEU C 149 23.83 -41.62 10.61
N ILE C 150 23.65 -42.76 9.96
CA ILE C 150 24.74 -43.73 9.81
C ILE C 150 24.95 -43.98 8.33
N TRP C 151 26.22 -44.11 7.96
CA TRP C 151 26.66 -44.26 6.58
C TRP C 151 27.01 -45.72 6.35
N LEU C 152 26.20 -46.40 5.55
CA LEU C 152 26.37 -47.82 5.28
C LEU C 152 27.34 -48.04 4.13
N VAL C 153 28.17 -49.07 4.28
CA VAL C 153 29.13 -49.47 3.26
C VAL C 153 28.92 -50.95 2.99
N LYS C 154 29.58 -51.44 1.94
CA LYS C 154 29.49 -52.83 1.57
C LYS C 154 29.93 -53.73 2.72
N LYS C 155 29.24 -54.86 2.90
CA LYS C 155 29.58 -55.76 4.00
C LYS C 155 30.98 -56.35 3.79
N GLY C 156 31.32 -56.61 2.54
CA GLY C 156 32.60 -57.16 2.15
C GLY C 156 32.44 -57.87 0.83
N ASN C 157 32.84 -57.17 -0.24
CA ASN C 157 32.74 -57.64 -1.62
C ASN C 157 31.30 -57.83 -2.07
N SER C 158 30.32 -57.34 -1.33
CA SER C 158 28.93 -57.40 -1.72
C SER C 158 28.16 -56.27 -1.04
N TYR C 159 27.13 -55.78 -1.71
CA TYR C 159 26.25 -54.75 -1.17
C TYR C 159 24.82 -55.14 -1.47
N PRO C 160 24.21 -55.97 -0.62
CA PRO C 160 22.81 -56.36 -0.87
C PRO C 160 21.90 -55.15 -0.93
N LYS C 161 20.91 -55.21 -1.80
CA LYS C 161 20.00 -54.10 -2.01
C LYS C 161 19.24 -53.77 -0.74
N LEU C 162 19.23 -52.49 -0.39
CA LEU C 162 18.48 -52.01 0.76
C LEU C 162 17.03 -51.82 0.37
N ASN C 163 16.13 -52.24 1.26
CA ASN C 163 14.70 -52.01 1.11
C ASN C 163 14.14 -51.88 2.51
N GLN C 164 13.95 -50.64 2.97
CA GLN C 164 13.49 -50.36 4.32
C GLN C 164 12.24 -49.50 4.26
N SER C 165 11.41 -49.60 5.29
CA SER C 165 10.21 -48.79 5.37
C SER C 165 9.91 -48.51 6.84
N TYR C 166 9.19 -47.42 7.05
CA TYR C 166 8.75 -47.00 8.38
C TYR C 166 7.34 -46.45 8.28
N ILE C 167 6.52 -46.81 9.26
CA ILE C 167 5.14 -46.33 9.37
C ILE C 167 5.10 -45.28 10.47
N ASN C 168 4.54 -44.12 10.15
CA ASN C 168 4.45 -43.04 11.12
C ASN C 168 3.24 -43.31 11.98
N ASP C 169 3.47 -43.99 13.10
CA ASP C 169 2.41 -44.38 14.01
C ASP C 169 2.20 -43.36 15.13
N LYS C 170 2.84 -42.21 15.05
CA LYS C 170 2.69 -41.13 16.02
C LYS C 170 1.67 -40.14 15.48
N GLY C 171 1.12 -39.32 16.37
CA GLY C 171 0.16 -38.32 15.96
C GLY C 171 0.74 -37.02 15.45
N LYS C 172 2.07 -36.89 15.47
CA LYS C 172 2.76 -35.67 15.07
C LYS C 172 3.61 -35.93 13.83
N GLU C 173 3.97 -34.86 13.14
CA GLU C 173 4.78 -34.98 11.93
C GLU C 173 6.15 -35.54 12.28
N VAL C 174 6.72 -36.34 11.39
CA VAL C 174 8.06 -36.89 11.64
C VAL C 174 9.02 -36.34 10.59
N LEU C 175 10.11 -35.74 11.06
CA LEU C 175 11.18 -35.23 10.22
C LEU C 175 12.22 -36.32 10.06
N VAL C 176 12.44 -36.75 8.82
CA VAL C 176 13.40 -37.79 8.48
C VAL C 176 14.48 -37.16 7.62
N LEU C 177 15.73 -37.36 8.01
CA LEU C 177 16.91 -36.84 7.31
C LEU C 177 17.60 -38.00 6.63
N TRP C 178 18.28 -37.72 5.52
CA TRP C 178 19.14 -38.72 4.91
C TRP C 178 20.16 -37.98 4.07
N GLY C 179 21.17 -38.72 3.60
CA GLY C 179 22.14 -38.14 2.70
C GLY C 179 22.55 -39.10 1.61
N ILE C 180 23.10 -38.53 0.55
CA ILE C 180 23.64 -39.26 -0.58
C ILE C 180 25.11 -38.92 -0.68
N HIS C 181 25.95 -39.95 -0.76
CA HIS C 181 27.40 -39.74 -0.86
C HIS C 181 27.78 -39.79 -2.33
N HIS C 182 28.69 -38.89 -2.73
CA HIS C 182 29.19 -38.77 -4.08
C HIS C 182 30.70 -38.96 -4.04
N PRO C 183 31.19 -40.20 -4.22
CA PRO C 183 32.64 -40.43 -4.27
C PRO C 183 33.26 -39.70 -5.45
N SER C 184 34.55 -39.39 -5.29
CA SER C 184 35.25 -38.67 -6.34
C SER C 184 35.68 -39.51 -7.53
N THR C 185 35.83 -40.83 -7.40
CA THR C 185 36.30 -41.63 -8.53
C THR C 185 35.67 -43.01 -8.52
N THR C 186 35.64 -43.62 -9.71
CA THR C 186 35.08 -44.96 -9.87
C THR C 186 35.81 -45.96 -8.98
N ALA C 187 37.14 -45.85 -8.91
CA ALA C 187 37.90 -46.77 -8.06
C ALA C 187 37.47 -46.64 -6.61
N ASP C 188 37.13 -45.43 -6.18
CA ASP C 188 36.67 -45.22 -4.80
C ASP C 188 35.23 -45.70 -4.66
N GLN C 189 34.43 -45.58 -5.72
CA GLN C 189 33.08 -46.12 -5.69
C GLN C 189 33.13 -47.63 -5.46
N GLN C 190 34.02 -48.33 -6.16
CA GLN C 190 34.16 -49.77 -5.98
C GLN C 190 34.81 -50.13 -4.65
N SER C 191 35.78 -49.33 -4.20
CA SER C 191 36.43 -49.60 -2.92
C SER C 191 35.44 -49.49 -1.78
N LEU C 192 34.54 -48.52 -1.84
CA LEU C 192 33.61 -48.25 -0.76
C LEU C 192 32.27 -48.99 -0.91
N TYR C 193 31.73 -49.05 -2.13
CA TYR C 193 30.46 -49.68 -2.42
C TYR C 193 30.63 -50.68 -3.55
N GLN C 194 29.78 -51.69 -3.58
CA GLN C 194 29.76 -52.61 -4.71
C GLN C 194 28.79 -52.06 -5.75
N ASN C 195 29.02 -52.45 -7.01
CA ASN C 195 28.16 -52.06 -8.13
C ASN C 195 28.35 -50.58 -8.45
N ALA C 196 29.21 -50.28 -9.42
CA ALA C 196 29.51 -48.89 -9.78
C ALA C 196 28.27 -48.14 -10.22
N ASP C 197 27.32 -48.82 -10.87
CA ASP C 197 26.08 -48.20 -11.32
C ASP C 197 25.07 -48.32 -10.18
N ALA C 198 24.97 -47.27 -9.39
CA ALA C 198 24.13 -47.25 -8.19
C ALA C 198 22.85 -46.49 -8.46
N TYR C 199 21.81 -46.87 -7.71
CA TYR C 199 20.52 -46.21 -7.73
C TYR C 199 20.15 -45.98 -6.28
N VAL C 200 19.54 -44.83 -6.00
CA VAL C 200 18.96 -44.57 -4.68
C VAL C 200 17.56 -44.02 -4.93
N PHE C 201 16.58 -44.54 -4.20
CA PHE C 201 15.23 -44.01 -4.28
C PHE C 201 14.70 -43.80 -2.87
N VAL C 202 14.11 -42.63 -2.64
CA VAL C 202 13.53 -42.31 -1.35
C VAL C 202 12.14 -41.79 -1.63
N GLY C 203 11.16 -42.20 -0.82
CA GLY C 203 9.85 -41.65 -1.05
C GLY C 203 8.86 -41.89 0.07
N THR C 204 7.79 -41.10 0.02
CA THR C 204 6.69 -41.11 0.97
C THR C 204 5.45 -41.12 0.11
N SER C 205 4.27 -40.93 0.69
CA SER C 205 3.09 -40.84 -0.15
C SER C 205 3.07 -39.55 -0.95
N ARG C 206 3.58 -38.47 -0.37
CA ARG C 206 3.63 -37.15 -1.02
C ARG C 206 4.94 -36.90 -1.76
N TYR C 207 6.07 -37.38 -1.22
CA TYR C 207 7.41 -37.12 -1.75
C TYR C 207 7.94 -38.40 -2.42
N SER C 208 8.48 -38.25 -3.63
CA SER C 208 9.08 -39.39 -4.34
C SER C 208 10.23 -38.87 -5.18
N LYS C 209 11.46 -39.31 -4.90
CA LYS C 209 12.59 -38.85 -5.69
C LYS C 209 13.63 -39.94 -5.86
N LYS C 210 14.10 -40.08 -7.10
CA LYS C 210 15.19 -40.96 -7.49
C LYS C 210 16.49 -40.16 -7.53
N PHE C 211 17.57 -40.74 -7.02
CA PHE C 211 18.89 -40.13 -7.00
C PHE C 211 19.90 -41.05 -7.67
N LYS C 212 20.91 -40.42 -8.27
CA LYS C 212 22.08 -41.03 -8.86
C LYS C 212 23.34 -40.34 -8.35
N PRO C 213 24.47 -41.04 -8.28
CA PRO C 213 25.72 -40.35 -7.96
C PRO C 213 26.27 -39.52 -9.10
N GLU C 214 26.94 -38.45 -8.73
CA GLU C 214 27.72 -37.60 -9.64
C GLU C 214 29.18 -37.85 -9.24
N ILE C 215 29.86 -38.71 -9.98
CA ILE C 215 31.21 -39.14 -9.64
C ILE C 215 32.20 -38.32 -10.46
N ALA C 216 32.96 -37.46 -9.76
CA ALA C 216 33.91 -36.59 -10.42
C ALA C 216 34.89 -36.08 -9.37
N THR C 217 36.04 -35.60 -9.82
CA THR C 217 37.04 -35.04 -8.92
C THR C 217 36.71 -33.57 -8.69
N ARG C 218 36.63 -33.18 -7.42
CA ARG C 218 36.27 -31.84 -6.99
C ARG C 218 37.39 -31.17 -6.22
N PRO C 219 37.32 -29.85 -6.02
CA PRO C 219 38.30 -29.18 -5.15
C PRO C 219 38.26 -29.79 -3.75
N LYS C 220 39.41 -29.80 -3.10
CA LYS C 220 39.47 -30.37 -1.76
C LYS C 220 38.83 -29.43 -0.76
N VAL C 221 37.93 -29.96 0.07
CA VAL C 221 37.34 -29.25 1.19
C VAL C 221 37.47 -30.16 2.40
N ARG C 222 38.02 -29.63 3.49
CA ARG C 222 38.29 -30.42 4.69
C ARG C 222 39.13 -31.65 4.35
N ASP C 223 40.07 -31.47 3.43
CA ASP C 223 41.01 -32.48 2.95
C ASP C 223 40.34 -33.66 2.23
N GLN C 224 39.05 -33.57 1.88
CA GLN C 224 38.39 -34.62 1.10
C GLN C 224 37.83 -34.02 -0.19
N GLU C 225 38.07 -34.73 -1.29
CA GLU C 225 37.69 -34.30 -2.63
C GLU C 225 36.30 -34.78 -3.06
N GLY C 226 35.59 -35.54 -2.23
CA GLY C 226 34.25 -36.00 -2.55
C GLY C 226 33.20 -35.08 -1.92
N ARG C 227 31.92 -35.44 -2.10
CA ARG C 227 30.85 -34.62 -1.54
C ARG C 227 29.69 -35.47 -1.04
N MET C 228 28.88 -34.87 -0.17
CA MET C 228 27.64 -35.46 0.28
C MET C 228 26.52 -34.44 0.14
N ASN C 229 25.35 -34.90 -0.30
CA ASN C 229 24.15 -34.06 -0.34
C ASN C 229 23.25 -34.50 0.81
N TYR C 230 22.66 -33.53 1.49
CA TYR C 230 21.78 -33.80 2.63
C TYR C 230 20.36 -33.40 2.29
N TYR C 231 19.44 -34.34 2.47
CA TYR C 231 18.03 -34.18 2.14
C TYR C 231 17.20 -34.46 3.38
N TRP C 232 15.97 -33.95 3.35
CA TRP C 232 15.03 -34.15 4.45
C TRP C 232 13.62 -34.17 3.91
N THR C 233 12.72 -34.79 4.68
CA THR C 233 11.32 -34.76 4.35
C THR C 233 10.49 -34.94 5.61
N LEU C 234 9.25 -34.47 5.55
CA LEU C 234 8.29 -34.68 6.63
C LEU C 234 7.31 -35.78 6.25
N VAL C 235 7.06 -36.67 7.21
CA VAL C 235 6.12 -37.77 7.07
C VAL C 235 4.91 -37.42 7.90
N GLU C 236 3.75 -37.33 7.25
CA GLU C 236 2.52 -37.01 7.95
C GLU C 236 2.09 -38.20 8.80
N PRO C 237 1.34 -37.98 9.88
CA PRO C 237 0.84 -39.11 10.67
C PRO C 237 0.04 -40.10 9.82
N GLY C 238 0.33 -41.38 10.00
CA GLY C 238 -0.35 -42.44 9.29
C GLY C 238 0.25 -42.84 7.97
N ASP C 239 1.22 -42.09 7.44
CA ASP C 239 1.81 -42.42 6.16
C ASP C 239 2.99 -43.39 6.30
N LYS C 240 3.60 -43.70 5.17
CA LYS C 240 4.71 -44.63 5.05
C LYS C 240 5.86 -43.92 4.36
N ILE C 241 7.07 -44.14 4.85
CA ILE C 241 8.29 -43.65 4.19
C ILE C 241 9.11 -44.88 3.86
N THR C 242 9.64 -44.92 2.64
CA THR C 242 10.46 -46.04 2.18
C THR C 242 11.79 -45.53 1.64
N PHE C 243 12.77 -46.42 1.75
CA PHE C 243 14.11 -46.26 1.21
C PHE C 243 14.41 -47.50 0.40
N GLU C 244 14.95 -47.31 -0.80
CA GLU C 244 15.41 -48.39 -1.65
C GLU C 244 16.75 -47.94 -2.16
N ALA C 245 17.76 -48.81 -2.09
CA ALA C 245 19.05 -48.35 -2.60
C ALA C 245 19.96 -49.51 -2.92
N THR C 246 20.89 -49.26 -3.84
CA THR C 246 21.95 -50.20 -4.17
C THR C 246 23.31 -49.68 -3.73
N GLY C 247 23.37 -48.52 -3.08
CA GLY C 247 24.63 -47.93 -2.66
C GLY C 247 24.51 -46.42 -2.64
N ASN C 248 25.52 -45.79 -2.04
CA ASN C 248 25.65 -44.35 -1.96
C ASN C 248 24.55 -43.69 -1.12
N LEU C 249 23.87 -44.44 -0.26
CA LEU C 249 22.82 -43.90 0.61
C LEU C 249 23.32 -43.84 2.04
N VAL C 250 23.15 -42.67 2.66
CA VAL C 250 23.43 -42.48 4.08
C VAL C 250 22.07 -42.58 4.75
N VAL C 251 21.87 -43.63 5.53
CA VAL C 251 20.54 -43.91 6.07
C VAL C 251 20.38 -43.24 7.43
N PRO C 252 19.19 -42.77 7.79
CA PRO C 252 19.03 -42.23 9.15
C PRO C 252 19.08 -43.32 10.18
N ARG C 253 19.57 -42.95 11.36
CA ARG C 253 19.49 -43.77 12.56
C ARG C 253 18.46 -43.19 13.50
N TYR C 254 18.51 -41.87 13.69
CA TYR C 254 17.56 -41.14 14.50
C TYR C 254 16.69 -40.27 13.59
N ALA C 255 15.47 -40.03 14.05
CA ALA C 255 14.52 -39.19 13.35
C ALA C 255 13.81 -38.38 14.42
N PHE C 256 13.18 -37.29 14.02
CA PHE C 256 12.60 -36.37 14.98
C PHE C 256 11.09 -36.30 14.81
N THR C 257 10.38 -36.32 15.93
CA THR C 257 8.93 -36.15 15.95
C THR C 257 8.69 -34.70 16.34
N MET C 258 7.91 -33.98 15.54
CA MET C 258 7.64 -32.58 15.81
C MET C 258 6.24 -32.19 15.36
N GLU C 259 5.61 -31.36 16.18
CA GLU C 259 4.34 -30.69 15.90
C GLU C 259 4.58 -29.20 15.69
N ARG C 260 4.53 -28.74 14.45
CA ARG C 260 4.73 -27.32 14.17
C ARG C 260 3.47 -26.56 14.54
N ASN C 261 3.63 -25.37 15.16
CA ASN C 261 2.48 -24.60 15.59
C ASN C 261 2.55 -23.10 15.37
N ALA C 262 3.66 -22.56 14.85
CA ALA C 262 3.74 -21.10 14.76
C ALA C 262 4.91 -20.73 13.86
N GLY C 263 4.89 -19.48 13.40
CA GLY C 263 6.04 -18.88 12.79
C GLY C 263 6.97 -18.25 13.82
N SER C 264 8.26 -18.38 13.56
CA SER C 264 9.31 -17.74 14.35
C SER C 264 10.58 -17.78 13.52
N GLY C 265 11.58 -17.02 13.93
CA GLY C 265 12.83 -16.94 13.22
C GLY C 265 14.02 -17.49 13.98
N ILE C 266 15.21 -17.09 13.52
CA ILE C 266 16.49 -17.51 14.05
C ILE C 266 17.27 -16.26 14.42
N ILE C 267 17.85 -16.25 15.62
CA ILE C 267 18.65 -15.13 16.10
C ILE C 267 20.11 -15.53 16.05
N ILE C 268 20.93 -14.68 15.44
CA ILE C 268 22.39 -14.83 15.42
C ILE C 268 22.90 -13.78 16.38
N SER C 269 23.46 -14.22 17.52
CA SER C 269 23.87 -13.27 18.54
C SER C 269 24.86 -13.93 19.49
N ASP C 270 25.78 -13.11 20.00
CA ASP C 270 26.76 -13.53 20.99
C ASP C 270 26.31 -13.24 22.41
N THR C 271 25.09 -12.73 22.59
CA THR C 271 24.56 -12.41 23.90
C THR C 271 24.34 -13.68 24.73
N PRO C 272 24.74 -13.72 25.99
CA PRO C 272 24.49 -14.92 26.79
C PRO C 272 23.01 -15.09 27.08
N VAL C 273 22.62 -16.32 27.39
CA VAL C 273 21.22 -16.67 27.69
C VAL C 273 21.02 -16.72 29.19
N HIS C 274 20.00 -16.03 29.66
CA HIS C 274 19.63 -15.95 31.07
C HIS C 274 18.12 -16.14 31.20
N ASP C 275 17.69 -16.49 32.41
CA ASP C 275 16.27 -16.70 32.68
C ASP C 275 15.58 -15.37 32.95
N CYS C 276 14.67 -15.00 32.06
CA CYS C 276 13.89 -13.77 32.16
C CYS C 276 12.59 -14.00 31.40
N ASN C 277 11.60 -13.15 31.65
CA ASN C 277 10.27 -13.31 31.06
C ASN C 277 10.02 -12.15 30.11
N THR C 278 10.06 -12.41 28.80
CA THR C 278 9.87 -11.39 27.77
C THR C 278 8.73 -11.75 26.83
N THR C 279 8.40 -10.76 25.98
CA THR C 279 7.43 -10.91 24.90
C THR C 279 8.06 -10.73 23.52
N CYS C 280 9.25 -10.15 23.43
CA CYS C 280 9.94 -9.90 22.16
C CYS C 280 11.44 -10.02 22.35
N GLN C 281 12.07 -10.80 21.49
CA GLN C 281 13.50 -11.05 21.54
C GLN C 281 14.18 -10.43 20.33
N THR C 282 15.16 -9.57 20.58
CA THR C 282 15.98 -8.87 19.61
C THR C 282 17.40 -9.43 19.71
N PRO C 283 18.16 -9.54 18.60
CA PRO C 283 19.55 -10.03 18.73
C PRO C 283 20.42 -9.27 19.71
N GLU C 284 20.14 -7.98 19.93
CA GLU C 284 20.92 -7.21 20.89
C GLU C 284 20.59 -7.59 22.32
N GLY C 285 19.40 -8.13 22.56
CA GLY C 285 18.92 -8.46 23.88
C GLY C 285 17.42 -8.32 23.96
N ALA C 286 16.85 -8.95 24.99
CA ALA C 286 15.42 -8.87 25.19
C ALA C 286 15.05 -7.46 25.63
N ILE C 287 13.80 -7.07 25.37
CA ILE C 287 13.29 -5.76 25.73
C ILE C 287 12.17 -5.91 26.75
N ASN C 288 11.95 -4.83 27.51
CA ASN C 288 10.96 -4.80 28.61
C ASN C 288 10.16 -3.52 28.46
N THR C 289 9.19 -3.53 27.54
CA THR C 289 8.50 -2.28 27.24
C THR C 289 7.14 -2.55 26.61
N SER C 290 6.27 -1.55 26.77
CA SER C 290 4.96 -1.49 26.14
C SER C 290 4.91 -0.40 25.08
N LEU C 291 6.06 0.24 24.77
CA LEU C 291 6.07 1.39 23.88
C LEU C 291 5.90 0.97 22.41
N PRO C 292 5.29 1.82 21.57
CA PRO C 292 5.09 1.42 20.17
C PRO C 292 6.33 1.29 19.31
N PHE C 293 7.46 1.92 19.63
CA PHE C 293 8.62 1.86 18.74
C PHE C 293 9.90 1.53 19.49
N GLN C 294 10.85 0.95 18.75
CA GLN C 294 12.19 0.67 19.24
C GLN C 294 13.19 0.94 18.12
N ASN C 295 14.43 1.26 18.50
CA ASN C 295 15.54 1.49 17.58
C ASN C 295 16.70 0.56 17.87
N ILE C 296 16.40 -0.66 18.29
CA ILE C 296 17.43 -1.61 18.71
C ILE C 296 17.93 -2.44 17.54
N HIS C 297 17.02 -3.03 16.75
CA HIS C 297 17.48 -3.84 15.63
C HIS C 297 16.27 -4.04 14.73
N PRO C 298 16.42 -4.03 13.40
CA PRO C 298 15.27 -4.30 12.52
C PRO C 298 14.74 -5.73 12.59
N ILE C 299 15.53 -6.67 13.10
CA ILE C 299 15.22 -8.09 13.10
C ILE C 299 14.83 -8.47 14.53
N THR C 300 13.55 -8.75 14.74
CA THR C 300 13.04 -9.11 16.05
C THR C 300 12.08 -10.28 15.91
N ILE C 301 11.83 -10.98 17.02
CA ILE C 301 10.85 -12.07 17.09
C ILE C 301 9.87 -11.76 18.21
N GLY C 302 8.59 -11.87 17.92
CA GLY C 302 7.53 -11.69 18.89
C GLY C 302 6.68 -10.46 18.59
N LYS C 303 5.88 -10.08 19.59
CA LYS C 303 4.99 -8.93 19.45
C LYS C 303 5.77 -7.67 19.79
N CYS C 304 6.67 -7.36 18.90
CA CYS C 304 7.67 -6.31 19.07
C CYS C 304 7.21 -4.95 18.58
N PRO C 305 7.74 -3.88 19.19
CA PRO C 305 7.53 -2.54 18.62
C PRO C 305 8.10 -2.45 17.22
N LYS C 306 7.54 -1.56 16.42
CA LYS C 306 8.00 -1.38 15.05
C LYS C 306 9.34 -0.66 15.06
N TYR C 307 10.24 -1.07 14.15
CA TYR C 307 11.55 -0.45 14.08
C TYR C 307 11.46 0.91 13.42
N VAL C 308 12.05 1.91 14.05
CA VAL C 308 12.11 3.28 13.53
C VAL C 308 13.55 3.75 13.51
N LYS C 309 13.97 4.31 12.38
CA LYS C 309 15.31 4.86 12.21
C LYS C 309 15.32 6.32 12.66
N SER C 310 15.24 6.51 13.97
CA SER C 310 15.18 7.85 14.55
C SER C 310 15.80 7.83 15.94
N THR C 311 16.34 8.99 16.32
CA THR C 311 16.93 9.12 17.65
C THR C 311 15.86 9.15 18.74
N LYS C 312 14.78 9.91 18.55
CA LYS C 312 13.78 10.04 19.60
C LYS C 312 12.38 10.29 19.04
N LEU C 313 11.42 9.60 19.66
CA LEU C 313 9.99 9.84 19.49
C LEU C 313 9.41 10.03 20.89
N ARG C 314 9.25 11.28 21.28
CA ARG C 314 8.78 11.64 22.61
C ARG C 314 7.60 12.57 22.44
N LEU C 315 6.48 12.24 23.08
CA LEU C 315 5.31 13.09 23.05
C LEU C 315 5.31 13.95 24.30
N ALA C 316 5.00 15.23 24.12
CA ALA C 316 4.78 16.06 25.27
C ALA C 316 3.45 15.68 25.89
N THR C 317 3.41 15.68 27.19
CA THR C 317 2.21 15.48 27.98
C THR C 317 1.98 16.64 28.91
N GLY C 318 3.05 17.34 29.26
CA GLY C 318 3.01 18.47 30.15
C GLY C 318 3.00 19.75 29.37
N LEU C 319 3.43 20.81 30.02
CA LEU C 319 3.43 22.17 29.50
C LEU C 319 4.80 22.62 29.05
N ARG C 320 4.80 23.62 28.16
CA ARG C 320 6.05 24.23 27.75
C ARG C 320 6.74 24.80 28.97
N ASN C 321 8.02 24.55 29.11
CA ASN C 321 8.78 24.95 30.30
C ASN C 321 9.39 26.32 30.04
N VAL C 322 8.79 27.35 30.61
CA VAL C 322 9.25 28.73 30.43
C VAL C 322 9.67 29.23 31.81
N PRO C 323 10.96 29.47 32.08
CA PRO C 323 11.35 29.94 33.42
C PRO C 323 10.69 31.28 33.76
N SER C 324 10.46 31.45 35.06
CA SER C 324 9.84 32.65 35.66
C SER C 324 10.10 33.97 34.93
N ILE D 14 0.37 34.09 32.44
CA ILE D 14 0.30 33.36 31.18
C ILE D 14 1.62 33.53 30.40
N GLU D 15 2.55 34.31 30.93
CA GLU D 15 3.86 34.47 30.29
C GLU D 15 4.77 33.33 30.73
N GLY D 16 5.52 33.51 31.83
CA GLY D 16 6.33 32.44 32.37
C GLY D 16 5.52 31.53 33.28
N GLY D 17 6.20 30.48 33.75
CA GLY D 17 5.58 29.53 34.64
C GLY D 17 5.78 29.90 36.11
N TRP D 18 5.17 29.08 36.96
CA TRP D 18 5.24 29.24 38.41
C TRP D 18 6.10 28.12 38.99
N THR D 19 7.24 28.50 39.58
CA THR D 19 8.16 27.50 40.11
C THR D 19 7.66 26.85 41.39
N GLY D 20 6.79 27.52 42.15
CA GLY D 20 6.26 26.98 43.38
C GLY D 20 5.05 26.10 43.28
N MET D 21 4.47 25.94 42.10
CA MET D 21 3.23 25.19 41.91
C MET D 21 3.53 23.73 41.58
N VAL D 22 3.53 22.89 42.60
CA VAL D 22 3.87 21.47 42.46
C VAL D 22 2.66 20.58 42.70
N ASP D 23 1.47 21.18 42.89
CA ASP D 23 0.24 20.44 43.11
C ASP D 23 -0.67 20.39 41.86
N GLY D 24 -0.18 20.84 40.71
CA GLY D 24 -1.01 20.78 39.52
C GLY D 24 -0.42 21.61 38.39
N TRP D 25 -1.08 21.50 37.23
CA TRP D 25 -0.62 22.19 36.03
C TRP D 25 -1.25 23.57 35.86
N TYR D 26 -2.49 23.75 36.32
CA TYR D 26 -3.24 25.00 36.17
C TYR D 26 -3.65 25.45 37.55
N GLY D 27 -3.75 26.76 37.75
CA GLY D 27 -4.17 27.23 39.05
C GLY D 27 -4.23 28.74 39.16
N TYR D 28 -4.28 29.16 40.41
CA TYR D 28 -4.47 30.53 40.82
C TYR D 28 -3.35 30.98 41.75
N HIS D 29 -3.05 32.27 41.67
CA HIS D 29 -2.05 32.95 42.50
C HIS D 29 -2.79 33.84 43.50
N HIS D 30 -2.59 33.57 44.80
CA HIS D 30 -3.23 34.30 45.87
C HIS D 30 -2.23 35.30 46.43
N GLN D 31 -2.58 36.59 46.38
CA GLN D 31 -1.76 37.67 46.94
C GLN D 31 -2.66 38.53 47.83
N ASN D 32 -2.75 38.23 49.12
CA ASN D 32 -3.63 38.95 50.02
C ASN D 32 -2.91 39.17 51.34
N GLU D 33 -3.30 40.24 52.04
CA GLU D 33 -2.71 40.50 53.35
C GLU D 33 -3.12 39.42 54.36
N GLN D 34 -4.15 38.65 54.06
CA GLN D 34 -4.59 37.54 54.89
C GLN D 34 -3.94 36.22 54.50
N GLY D 35 -3.09 36.22 53.48
CA GLY D 35 -2.46 34.99 53.03
C GLY D 35 -2.09 35.06 51.57
N SER D 36 -1.17 34.18 51.17
CA SER D 36 -0.73 34.13 49.79
C SER D 36 -0.27 32.72 49.45
N GLY D 37 -0.13 32.46 48.16
CA GLY D 37 0.35 31.18 47.70
C GLY D 37 -0.30 30.69 46.42
N TYR D 38 0.10 29.52 45.96
CA TYR D 38 -0.38 28.96 44.70
C TYR D 38 -1.38 27.85 45.02
N ALA D 39 -2.41 27.72 44.19
CA ALA D 39 -3.32 26.59 44.35
C ALA D 39 -3.84 26.13 43.00
N ALA D 40 -3.89 24.82 42.82
CA ALA D 40 -4.34 24.23 41.57
C ALA D 40 -5.86 24.30 41.42
N ASP D 41 -6.29 24.37 40.17
CA ASP D 41 -7.69 24.16 39.81
C ASP D 41 -7.77 22.66 39.52
N LEU D 42 -8.22 21.89 40.51
CA LEU D 42 -8.09 20.45 40.39
C LEU D 42 -9.08 19.84 39.41
N LYS D 43 -10.25 20.45 39.20
CA LYS D 43 -11.15 19.88 38.20
C LYS D 43 -10.61 20.10 36.79
N SER D 44 -10.11 21.31 36.50
CA SER D 44 -9.55 21.56 35.18
C SER D 44 -8.27 20.77 34.97
N THR D 45 -7.41 20.74 35.99
CA THR D 45 -6.16 20.00 35.87
C THR D 45 -6.46 18.53 35.65
N GLN D 46 -7.40 17.97 36.41
CA GLN D 46 -7.72 16.56 36.28
C GLN D 46 -8.34 16.28 34.92
N ASN D 47 -9.12 17.22 34.39
CA ASN D 47 -9.67 17.05 33.06
C ASN D 47 -8.54 16.99 32.03
N ALA D 48 -7.53 17.83 32.19
CA ALA D 48 -6.38 17.79 31.29
C ALA D 48 -5.64 16.46 31.44
N ILE D 49 -5.53 15.96 32.67
CA ILE D 49 -4.84 14.69 32.88
C ILE D 49 -5.61 13.57 32.20
N ASP D 50 -6.93 13.56 32.35
CA ASP D 50 -7.70 12.46 31.79
C ASP D 50 -7.65 12.47 30.27
N LYS D 51 -7.74 13.65 29.65
CA LYS D 51 -7.69 13.69 28.19
C LYS D 51 -6.28 13.37 27.66
N ILE D 52 -5.22 13.84 28.32
CA ILE D 52 -3.88 13.51 27.85
C ILE D 52 -3.56 12.04 28.06
N THR D 53 -3.95 11.47 29.21
CA THR D 53 -3.76 10.03 29.41
C THR D 53 -4.51 9.21 28.38
N ASN D 54 -5.77 9.57 28.09
CA ASN D 54 -6.50 8.83 27.06
C ASN D 54 -5.81 9.02 25.71
N LYS D 55 -5.24 10.20 25.46
CA LYS D 55 -4.54 10.45 24.21
C LYS D 55 -3.31 9.55 24.04
N VAL D 56 -2.48 9.46 25.08
CA VAL D 56 -1.29 8.63 24.99
C VAL D 56 -1.69 7.17 24.90
N ASN D 57 -2.70 6.75 25.68
CA ASN D 57 -3.15 5.37 25.61
C ASN D 57 -3.74 5.06 24.25
N SER D 58 -4.38 6.03 23.60
CA SER D 58 -4.91 5.80 22.26
C SER D 58 -3.78 5.63 21.25
N VAL D 59 -2.72 6.42 21.40
CA VAL D 59 -1.57 6.28 20.51
C VAL D 59 -0.92 4.91 20.72
N ILE D 60 -0.82 4.47 21.97
CA ILE D 60 -0.11 3.23 22.29
C ILE D 60 -0.95 2.00 21.92
N GLU D 61 -2.19 1.97 22.39
CA GLU D 61 -3.05 0.79 22.27
C GLU D 61 -3.61 0.54 20.89
N LYS D 62 -3.72 1.55 20.02
CA LYS D 62 -4.37 1.32 18.74
C LYS D 62 -3.48 0.67 17.68
N MET D 63 -2.20 0.42 17.94
CA MET D 63 -1.39 -0.26 16.94
C MET D 63 -1.63 -1.76 17.04
N ASN D 64 -1.98 -2.37 15.92
CA ASN D 64 -2.16 -3.81 15.88
C ASN D 64 -0.80 -4.48 15.90
N THR D 65 -0.61 -5.43 16.82
CA THR D 65 0.62 -6.20 16.91
C THR D 65 0.28 -7.68 16.83
N GLN D 66 0.89 -8.36 15.88
CA GLN D 66 0.76 -9.79 15.67
C GLN D 66 2.07 -10.46 16.07
N PHE D 67 1.99 -11.75 16.40
CA PHE D 67 3.21 -12.50 16.65
C PHE D 67 3.74 -12.84 15.27
N THR D 68 4.90 -12.26 14.93
CA THR D 68 5.50 -12.40 13.62
C THR D 68 6.99 -12.65 13.80
N ALA D 69 7.68 -12.74 12.67
CA ALA D 69 9.12 -12.88 12.64
C ALA D 69 9.65 -12.07 11.47
N VAL D 70 10.62 -11.21 11.74
CA VAL D 70 11.21 -10.34 10.74
C VAL D 70 12.64 -10.81 10.53
N GLY D 71 13.06 -10.90 9.27
CA GLY D 71 14.41 -11.29 8.94
C GLY D 71 14.41 -12.72 8.45
N LYS D 72 14.92 -12.97 7.26
CA LYS D 72 14.93 -14.32 6.71
C LYS D 72 16.27 -14.59 6.02
N GLU D 73 16.69 -15.85 6.11
CA GLU D 73 17.97 -16.29 5.55
C GLU D 73 17.78 -16.86 4.16
N PHE D 74 18.62 -16.42 3.22
CA PHE D 74 18.56 -16.84 1.84
C PHE D 74 19.95 -17.26 1.39
N ASN D 75 20.01 -18.15 0.39
CA ASN D 75 21.29 -18.64 -0.12
C ASN D 75 21.82 -17.73 -1.23
N HIS D 76 22.96 -18.11 -1.80
CA HIS D 76 23.64 -17.27 -2.78
C HIS D 76 22.95 -17.25 -4.14
N LEU D 77 21.92 -18.06 -4.38
CA LEU D 77 21.16 -18.02 -5.63
C LEU D 77 19.79 -17.37 -5.45
N GLU D 78 19.53 -16.75 -4.29
CA GLU D 78 18.27 -16.07 -4.01
C GLU D 78 18.50 -14.61 -3.65
N LYS D 79 19.56 -14.01 -4.19
CA LYS D 79 19.84 -12.61 -3.88
C LYS D 79 18.71 -11.71 -4.33
N ARG D 80 18.09 -12.03 -5.46
CA ARG D 80 16.92 -11.31 -5.93
C ARG D 80 15.80 -11.32 -4.90
N ILE D 81 15.62 -12.45 -4.22
CA ILE D 81 14.54 -12.56 -3.24
C ILE D 81 14.96 -11.89 -1.94
N GLU D 82 16.23 -12.06 -1.54
CA GLU D 82 16.72 -11.35 -0.36
C GLU D 82 16.56 -9.86 -0.54
N ASN D 83 16.82 -9.36 -1.77
CA ASN D 83 16.62 -7.95 -2.06
C ASN D 83 15.15 -7.58 -2.02
N LEU D 84 14.26 -8.50 -2.39
CA LEU D 84 12.83 -8.21 -2.26
C LEU D 84 12.43 -8.09 -0.80
N ASN D 85 12.94 -8.99 0.04
CA ASN D 85 12.66 -8.90 1.47
C ASN D 85 13.25 -7.63 2.06
N LYS D 86 14.45 -7.25 1.60
CA LYS D 86 15.05 -6.01 2.05
C LYS D 86 14.20 -4.83 1.65
N LYS D 87 13.71 -4.81 0.41
CA LYS D 87 12.82 -3.74 -0.04
C LYS D 87 11.57 -3.67 0.83
N VAL D 88 11.01 -4.81 1.19
CA VAL D 88 9.81 -4.81 2.04
C VAL D 88 10.13 -4.24 3.41
N ASP D 89 11.25 -4.67 4.01
CA ASP D 89 11.62 -4.16 5.33
C ASP D 89 11.96 -2.69 5.28
N ASP D 90 12.60 -2.24 4.20
CA ASP D 90 12.97 -0.83 4.10
C ASP D 90 11.73 0.02 3.86
N GLY D 91 10.79 -0.49 3.07
CA GLY D 91 9.55 0.25 2.86
C GLY D 91 8.76 0.40 4.15
N PHE D 92 8.64 -0.69 4.91
CA PHE D 92 7.92 -0.60 6.17
C PHE D 92 8.67 0.30 7.15
N LEU D 93 10.00 0.22 7.16
CA LEU D 93 10.78 1.08 8.04
C LEU D 93 10.61 2.55 7.68
N ASP D 94 10.60 2.86 6.38
CA ASP D 94 10.45 4.25 5.96
C ASP D 94 9.06 4.76 6.28
N ILE D 95 8.04 3.91 6.10
CA ILE D 95 6.68 4.32 6.40
C ILE D 95 6.53 4.56 7.89
N TRP D 96 7.03 3.64 8.71
CA TRP D 96 6.86 3.80 10.15
C TRP D 96 7.67 4.98 10.68
N THR D 97 8.88 5.22 10.18
CA THR D 97 9.62 6.37 10.71
C THR D 97 8.95 7.67 10.30
N TYR D 98 8.53 7.78 9.04
CA TYR D 98 7.93 9.02 8.58
C TYR D 98 6.62 9.27 9.31
N ASN D 99 5.78 8.25 9.44
CA ASN D 99 4.50 8.42 10.11
C ASN D 99 4.69 8.66 11.60
N ALA D 100 5.67 8.01 12.24
CA ALA D 100 5.89 8.23 13.66
C ALA D 100 6.42 9.63 13.92
N GLU D 101 7.32 10.12 13.06
CA GLU D 101 7.86 11.46 13.28
C GLU D 101 6.78 12.51 13.08
N LEU D 102 5.95 12.35 12.05
CA LEU D 102 4.90 13.33 11.84
C LEU D 102 3.82 13.22 12.90
N LEU D 103 3.50 12.01 13.35
CA LEU D 103 2.50 11.85 14.40
C LEU D 103 2.96 12.50 15.68
N VAL D 104 4.24 12.30 16.05
CA VAL D 104 4.76 12.91 17.27
C VAL D 104 4.77 14.43 17.15
N LEU D 105 5.24 14.95 16.03
CA LEU D 105 5.32 16.41 15.92
C LEU D 105 3.94 17.05 15.88
N LEU D 106 3.02 16.46 15.12
CA LEU D 106 1.69 17.03 15.00
C LEU D 106 0.96 16.94 16.33
N GLU D 107 1.11 15.82 17.03
CA GLU D 107 0.39 15.66 18.26
C GLU D 107 0.98 16.56 19.33
N ASN D 108 2.30 16.78 19.32
CA ASN D 108 2.89 17.68 20.31
C ASN D 108 2.44 19.11 20.07
N GLU D 109 2.28 19.51 18.81
CA GLU D 109 1.76 20.84 18.54
C GLU D 109 0.34 20.94 19.12
N ARG D 110 -0.48 19.91 18.88
CA ARG D 110 -1.83 19.95 19.44
C ARG D 110 -1.82 19.91 20.96
N THR D 111 -0.92 19.17 21.58
CA THR D 111 -0.89 19.11 23.03
C THR D 111 -0.58 20.49 23.61
N LEU D 112 0.42 21.17 23.05
CA LEU D 112 0.76 22.49 23.56
C LEU D 112 -0.33 23.51 23.27
N ASP D 113 -0.95 23.44 22.08
CA ASP D 113 -2.04 24.36 21.79
C ASP D 113 -3.25 24.07 22.66
N TYR D 114 -3.52 22.79 22.93
CA TYR D 114 -4.60 22.40 23.82
C TYR D 114 -4.41 23.00 25.19
N HIS D 115 -3.18 22.91 25.72
CA HIS D 115 -2.95 23.45 27.05
C HIS D 115 -3.08 24.97 27.06
N ASP D 116 -2.58 25.63 26.00
CA ASP D 116 -2.70 27.09 25.96
C ASP D 116 -4.16 27.49 25.83
N SER D 117 -4.95 26.68 25.12
CA SER D 117 -6.37 26.95 25.03
C SER D 117 -7.01 26.82 26.40
N ASN D 118 -6.63 25.79 27.17
CA ASN D 118 -7.24 25.64 28.49
C ASN D 118 -6.85 26.76 29.44
N VAL D 119 -5.60 27.24 29.39
CA VAL D 119 -5.25 28.33 30.32
C VAL D 119 -5.97 29.60 29.91
N LYS D 120 -6.12 29.82 28.60
CA LYS D 120 -6.92 30.95 28.16
C LYS D 120 -8.37 30.78 28.58
N ASN D 121 -8.86 29.54 28.58
CA ASN D 121 -10.24 29.30 29.01
C ASN D 121 -10.44 29.67 30.47
N LEU D 122 -9.47 29.38 31.34
CA LEU D 122 -9.61 29.84 32.73
C LEU D 122 -9.56 31.36 32.81
N TYR D 123 -8.68 31.99 32.01
CA TYR D 123 -8.61 33.44 32.02
C TYR D 123 -9.97 34.04 31.62
N GLU D 124 -10.55 33.51 30.55
CA GLU D 124 -11.84 34.00 30.08
C GLU D 124 -12.94 33.73 31.11
N LYS D 125 -12.90 32.55 31.75
CA LYS D 125 -13.93 32.23 32.73
C LYS D 125 -13.86 33.15 33.94
N VAL D 126 -12.66 33.48 34.40
CA VAL D 126 -12.59 34.37 35.56
C VAL D 126 -12.99 35.77 35.12
N ARG D 127 -12.66 36.16 33.88
CA ARG D 127 -13.12 37.45 33.38
C ARG D 127 -14.64 37.51 33.41
N ASN D 128 -15.30 36.45 32.96
CA ASN D 128 -16.75 36.44 32.93
C ASN D 128 -17.35 36.40 34.33
N GLN D 129 -16.65 35.83 35.30
CA GLN D 129 -17.16 35.87 36.67
C GLN D 129 -16.93 37.23 37.33
N LEU D 130 -15.74 37.79 37.16
CA LEU D 130 -15.40 39.06 37.81
C LEU D 130 -16.10 40.23 37.15
N LYS D 131 -16.36 40.15 35.85
CA LYS D 131 -17.01 41.20 35.08
C LYS D 131 -16.29 42.55 35.23
N ASN D 132 -16.91 43.58 35.82
CA ASN D 132 -16.33 44.91 35.94
C ASN D 132 -15.76 45.19 37.32
N ASN D 133 -15.53 44.16 38.14
CA ASN D 133 -14.99 44.33 39.49
C ASN D 133 -13.47 44.15 39.57
N ALA D 134 -12.79 43.99 38.44
CA ALA D 134 -11.34 43.89 38.47
C ALA D 134 -10.77 44.44 37.17
N LYS D 135 -9.58 45.03 37.26
CA LYS D 135 -8.87 45.54 36.10
C LYS D 135 -7.96 44.45 35.55
N GLU D 136 -8.06 44.21 34.25
CA GLU D 136 -7.17 43.28 33.58
C GLU D 136 -5.83 43.95 33.34
N ILE D 137 -4.77 43.19 33.59
CA ILE D 137 -3.40 43.66 33.34
C ILE D 137 -2.93 43.21 31.96
N GLY D 138 -3.30 42.00 31.56
CA GLY D 138 -2.93 41.43 30.28
C GLY D 138 -1.78 40.45 30.35
N ASN D 139 -1.12 40.33 31.50
CA ASN D 139 -0.01 39.39 31.70
C ASN D 139 -0.46 38.17 32.49
N GLY D 140 -1.75 37.84 32.44
CA GLY D 140 -2.29 36.77 33.24
C GLY D 140 -2.81 37.20 34.59
N CYS D 141 -2.61 38.46 34.98
CA CYS D 141 -3.02 38.96 36.28
C CYS D 141 -4.22 39.88 36.19
N PHE D 142 -4.97 39.90 37.30
CA PHE D 142 -6.10 40.80 37.50
C PHE D 142 -5.85 41.51 38.81
N GLU D 143 -6.10 42.82 38.85
CA GLU D 143 -6.01 43.58 40.09
C GLU D 143 -7.42 43.96 40.52
N PHE D 144 -7.82 43.47 41.68
CA PHE D 144 -9.15 43.69 42.21
C PHE D 144 -9.31 45.12 42.70
N TYR D 145 -10.45 45.73 42.38
CA TYR D 145 -10.70 47.03 43.01
C TYR D 145 -11.31 46.81 44.39
N HIS D 146 -12.21 45.85 44.48
CA HIS D 146 -12.88 45.48 45.72
C HIS D 146 -11.95 44.64 46.58
N LYS D 147 -12.10 44.74 47.89
CA LYS D 147 -11.36 43.89 48.81
C LYS D 147 -12.02 42.53 48.86
N CYS D 148 -11.28 41.47 48.53
CA CYS D 148 -11.80 40.10 48.47
C CYS D 148 -11.03 39.26 49.48
N ASP D 149 -11.73 38.84 50.52
CA ASP D 149 -11.22 37.93 51.55
C ASP D 149 -10.99 36.54 50.96
N ASN D 150 -10.04 35.80 51.55
CA ASN D 150 -9.75 34.42 51.09
C ASN D 150 -11.01 33.67 50.65
N THR D 151 -12.03 33.58 51.51
CA THR D 151 -13.27 32.91 51.13
C THR D 151 -13.88 33.53 49.86
N CYS D 152 -13.78 34.87 49.74
CA CYS D 152 -14.24 35.54 48.53
C CYS D 152 -13.47 35.06 47.31
N MET D 153 -12.15 34.90 47.45
CA MET D 153 -11.36 34.33 46.37
C MET D 153 -11.87 32.94 46.03
N GLU D 154 -11.99 32.08 47.05
CA GLU D 154 -12.46 30.71 46.88
C GLU D 154 -13.75 30.68 46.08
N SER D 155 -14.62 31.65 46.34
CA SER D 155 -15.85 31.76 45.56
C SER D 155 -15.55 32.10 44.12
N VAL D 156 -14.51 32.91 43.87
CA VAL D 156 -14.16 33.21 42.48
C VAL D 156 -13.68 31.95 41.77
N LYS D 157 -12.78 31.21 42.41
CA LYS D 157 -12.22 30.03 41.75
C LYS D 157 -13.26 28.92 41.60
N ASN D 158 -14.29 28.90 42.46
CA ASN D 158 -15.36 27.92 42.37
C ASN D 158 -16.43 28.27 41.34
N GLY D 159 -16.37 29.45 40.73
CA GLY D 159 -17.37 29.84 39.76
C GLY D 159 -18.70 30.24 40.35
N THR D 160 -18.71 30.71 41.60
CA THR D 160 -19.92 31.09 42.33
C THR D 160 -19.77 32.50 42.89
N TYR D 161 -19.26 33.42 42.07
CA TYR D 161 -19.03 34.79 42.53
C TYR D 161 -20.34 35.57 42.49
N ASP D 162 -20.79 36.00 43.67
CA ASP D 162 -22.08 36.68 43.84
C ASP D 162 -21.89 38.16 43.53
N TYR D 163 -21.72 38.45 42.23
CA TYR D 163 -21.47 39.79 41.70
C TYR D 163 -22.28 40.92 42.33
N PRO D 164 -23.61 40.82 42.48
CA PRO D 164 -24.39 41.97 43.01
C PRO D 164 -23.98 42.47 44.39
N LYS D 165 -23.34 41.68 45.25
CA LYS D 165 -23.00 42.18 46.58
C LYS D 165 -21.67 42.94 46.60
N TYR D 166 -20.94 42.93 45.49
CA TYR D 166 -19.65 43.62 45.37
C TYR D 166 -19.79 44.93 44.62
N SER D 167 -20.80 45.03 43.73
CA SER D 167 -21.02 46.25 42.96
C SER D 167 -21.18 47.47 43.86
N GLU D 168 -21.76 47.28 45.06
CA GLU D 168 -21.96 48.42 45.95
C GLU D 168 -20.63 49.08 46.33
N GLU D 169 -19.56 48.29 46.41
CA GLU D 169 -18.24 48.87 46.66
C GLU D 169 -17.68 49.45 45.37
N ALA D 170 -17.97 48.80 44.25
CA ALA D 170 -17.52 49.31 42.96
C ALA D 170 -18.08 50.72 42.73
N LYS D 171 -19.28 51.00 43.24
CA LYS D 171 -19.85 52.33 43.13
C LYS D 171 -18.94 53.38 43.78
N LEU D 172 -18.22 53.01 44.83
CA LEU D 172 -17.28 53.94 45.45
C LEU D 172 -15.96 53.93 44.70
N ASN D 173 -15.61 52.79 44.11
CA ASN D 173 -14.37 52.72 43.35
C ASN D 173 -14.42 53.52 42.05
N ARG D 174 -15.61 53.72 41.49
CA ARG D 174 -15.74 54.54 40.29
C ARG D 174 -15.30 55.99 40.52
N GLU D 175 -15.22 56.43 41.77
CA GLU D 175 -14.78 57.77 42.09
C GLU D 175 -13.26 57.87 42.13
N LYS D 176 -12.55 56.75 41.96
CA LYS D 176 -11.11 56.66 41.96
C LYS D 176 -10.53 56.55 40.56
N ILE D 177 -11.27 55.90 39.64
CA ILE D 177 -10.80 55.67 38.28
C ILE D 177 -10.76 57.02 37.57
N ASP E 2 -37.54 39.44 25.27
CA ASP E 2 -36.58 39.60 24.18
C ASP E 2 -35.27 38.94 24.51
N THR E 3 -35.16 37.64 24.23
CA THR E 3 -33.97 36.86 24.53
C THR E 3 -33.54 36.10 23.29
N LEU E 4 -32.23 36.09 23.04
CA LEU E 4 -31.59 35.20 22.09
C LEU E 4 -30.53 34.39 22.79
N CYS E 5 -30.41 33.13 22.39
CA CYS E 5 -29.37 32.27 22.93
C CYS E 5 -28.78 31.49 21.77
N ILE E 6 -27.47 31.27 21.83
CA ILE E 6 -26.71 30.62 20.77
C ILE E 6 -26.43 29.19 21.20
N GLY E 7 -26.70 28.25 20.32
CA GLY E 7 -26.50 26.85 20.63
C GLY E 7 -26.55 26.02 19.38
N TYR E 8 -26.85 24.74 19.55
CA TYR E 8 -26.78 23.81 18.43
C TYR E 8 -27.79 22.68 18.60
N HIS E 9 -28.00 21.98 17.49
CA HIS E 9 -28.96 20.89 17.41
C HIS E 9 -28.57 19.73 18.33
N ALA E 10 -29.57 19.18 19.01
CA ALA E 10 -29.46 17.93 19.73
C ALA E 10 -30.47 16.98 19.12
N ASN E 11 -30.19 15.67 19.21
CA ASN E 11 -31.02 14.69 18.54
C ASN E 11 -31.17 13.48 19.44
N ASN E 12 -31.93 12.50 18.94
CA ASN E 12 -32.14 11.23 19.62
C ASN E 12 -31.15 10.16 19.18
N SER E 13 -30.19 10.53 18.31
CA SER E 13 -29.27 9.55 17.76
C SER E 13 -28.42 8.94 18.87
N THR E 14 -28.18 7.64 18.75
CA THR E 14 -27.37 6.88 19.71
C THR E 14 -26.02 6.49 19.12
N ASP E 15 -25.68 6.96 17.92
CA ASP E 15 -24.39 6.65 17.33
C ASP E 15 -23.28 7.20 18.22
N THR E 16 -22.35 6.33 18.60
CA THR E 16 -21.24 6.70 19.48
C THR E 16 -19.95 6.65 18.69
N VAL E 17 -19.20 7.74 18.76
CA VAL E 17 -17.97 7.92 17.99
C VAL E 17 -16.84 8.21 18.96
N ASP E 18 -15.68 7.61 18.69
CA ASP E 18 -14.49 7.80 19.51
C ASP E 18 -13.60 8.86 18.88
N THR E 19 -12.92 9.62 19.74
CA THR E 19 -11.92 10.58 19.28
C THR E 19 -10.65 10.50 20.13
N VAL E 20 -9.71 11.39 19.90
CA VAL E 20 -8.41 11.30 20.57
C VAL E 20 -8.54 11.67 22.04
N LEU E 21 -9.23 12.78 22.33
CA LEU E 21 -9.31 13.26 23.70
C LEU E 21 -10.34 12.50 24.53
N GLU E 22 -11.42 12.02 23.90
CA GLU E 22 -12.50 11.37 24.60
C GLU E 22 -12.93 10.11 23.84
N LYS E 23 -13.43 9.13 24.59
CA LYS E 23 -14.00 7.92 24.03
C LYS E 23 -15.50 7.88 24.32
N ASN E 24 -16.21 7.08 23.53
CA ASN E 24 -17.65 6.85 23.69
C ASN E 24 -18.43 8.18 23.68
N VAL E 25 -18.11 9.03 22.72
CA VAL E 25 -18.80 10.31 22.56
C VAL E 25 -20.00 10.08 21.67
N THR E 26 -21.18 10.51 22.13
CA THR E 26 -22.39 10.38 21.33
C THR E 26 -22.44 11.56 20.38
N VAL E 27 -22.73 11.29 19.11
CA VAL E 27 -22.79 12.31 18.07
C VAL E 27 -24.14 12.27 17.39
N THR E 28 -24.65 13.45 17.03
CA THR E 28 -25.98 13.54 16.42
C THR E 28 -26.03 12.84 15.07
N HIS E 29 -24.96 12.92 14.30
CA HIS E 29 -24.87 12.31 12.98
C HIS E 29 -23.47 11.77 12.80
N SER E 30 -23.35 10.63 12.10
CA SER E 30 -22.06 10.04 11.84
C SER E 30 -22.10 9.28 10.54
N VAL E 31 -20.92 9.00 9.99
CA VAL E 31 -20.77 8.26 8.75
C VAL E 31 -19.87 7.05 9.02
N ASN E 32 -20.33 5.87 8.63
CA ASN E 32 -19.54 4.66 8.79
C ASN E 32 -18.50 4.57 7.69
N LEU E 33 -17.26 4.25 8.08
CA LEU E 33 -16.19 3.97 7.14
C LEU E 33 -15.89 2.49 7.03
N LEU E 34 -16.23 1.69 8.03
CA LEU E 34 -15.97 0.26 8.03
C LEU E 34 -17.24 -0.48 7.63
N GLU E 35 -17.14 -1.26 6.55
CA GLU E 35 -18.25 -2.08 6.08
C GLU E 35 -18.11 -3.47 6.69
N ASP E 36 -19.15 -3.94 7.39
CA ASP E 36 -19.14 -5.25 8.01
C ASP E 36 -20.21 -6.21 7.48
N LYS E 37 -20.89 -5.88 6.39
CA LYS E 37 -21.91 -6.74 5.78
C LYS E 37 -21.42 -7.33 4.46
N HIS E 38 -22.05 -8.44 4.11
CA HIS E 38 -21.82 -9.10 2.83
C HIS E 38 -23.12 -9.74 2.39
N ASN E 39 -23.23 -10.00 1.10
CA ASN E 39 -24.46 -10.57 0.55
C ASN E 39 -24.73 -11.96 1.08
N GLY E 40 -23.70 -12.69 1.48
CA GLY E 40 -23.85 -14.06 1.93
C GLY E 40 -23.88 -15.09 0.83
N LYS E 41 -23.77 -14.65 -0.42
CA LYS E 41 -23.78 -15.52 -1.59
C LYS E 41 -22.74 -14.97 -2.55
N LEU E 42 -22.17 -15.85 -3.37
CA LEU E 42 -21.17 -15.42 -4.34
C LEU E 42 -21.87 -14.96 -5.61
N CYS E 43 -21.25 -13.99 -6.30
CA CYS E 43 -21.81 -13.42 -7.51
C CYS E 43 -20.71 -13.22 -8.54
N LYS E 44 -21.09 -12.58 -9.66
CA LYS E 44 -20.23 -12.45 -10.83
C LYS E 44 -19.41 -11.17 -10.72
N LEU E 45 -18.11 -11.33 -10.51
CA LEU E 45 -17.23 -10.18 -10.38
C LEU E 45 -17.02 -9.54 -11.74
N ARG E 46 -17.27 -8.23 -11.81
CA ARG E 46 -17.25 -7.42 -13.04
C ARG E 46 -18.37 -7.83 -14.01
N GLY E 47 -19.36 -8.60 -13.54
CA GLY E 47 -20.43 -9.05 -14.40
C GLY E 47 -20.11 -10.29 -15.20
N VAL E 48 -18.90 -10.84 -15.04
CA VAL E 48 -18.47 -12.04 -15.76
C VAL E 48 -18.59 -13.21 -14.81
N ALA E 49 -19.20 -14.29 -15.27
CA ALA E 49 -19.44 -15.42 -14.38
C ALA E 49 -18.12 -16.05 -13.92
N PRO E 50 -18.06 -16.54 -12.69
CA PRO E 50 -16.89 -17.33 -12.27
C PRO E 50 -16.97 -18.74 -12.80
N LEU E 51 -15.82 -19.41 -12.80
CA LEU E 51 -15.78 -20.85 -13.04
C LEU E 51 -15.93 -21.52 -11.68
N HIS E 52 -17.02 -22.28 -11.53
CA HIS E 52 -17.32 -22.97 -10.27
C HIS E 52 -17.02 -24.44 -10.46
N LEU E 53 -16.03 -24.92 -9.71
CA LEU E 53 -15.63 -26.33 -9.78
C LEU E 53 -16.33 -27.16 -8.72
N GLY E 54 -16.77 -26.53 -7.63
CA GLY E 54 -17.43 -27.26 -6.57
C GLY E 54 -16.50 -28.26 -5.91
N LYS E 55 -16.96 -29.50 -5.86
CA LYS E 55 -16.19 -30.58 -5.23
C LYS E 55 -14.85 -30.81 -5.93
N CYS E 56 -14.77 -30.55 -7.23
CA CYS E 56 -13.58 -30.89 -8.01
C CYS E 56 -12.49 -29.84 -7.85
N ASN E 57 -11.25 -30.32 -7.73
CA ASN E 57 -10.09 -29.44 -7.63
C ASN E 57 -9.76 -28.88 -9.01
N ILE E 58 -8.75 -27.99 -9.08
CA ILE E 58 -8.39 -27.40 -10.36
C ILE E 58 -7.59 -28.38 -11.20
N ALA E 59 -6.74 -29.20 -10.57
CA ALA E 59 -6.01 -30.21 -11.33
C ALA E 59 -6.98 -31.19 -11.96
N GLY E 60 -8.00 -31.57 -11.21
CA GLY E 60 -8.96 -32.53 -11.73
C GLY E 60 -9.68 -32.00 -12.95
N TRP E 61 -10.28 -30.82 -12.82
CA TRP E 61 -11.00 -30.22 -13.93
C TRP E 61 -10.07 -29.96 -15.12
N ILE E 62 -8.89 -29.40 -14.88
CA ILE E 62 -8.02 -29.07 -16.00
C ILE E 62 -7.54 -30.33 -16.70
N LEU E 63 -7.39 -31.43 -15.97
CA LEU E 63 -6.99 -32.68 -16.59
C LEU E 63 -8.18 -33.49 -17.09
N GLY E 64 -9.40 -33.06 -16.84
CA GLY E 64 -10.54 -33.86 -17.27
C GLY E 64 -10.88 -35.01 -16.34
N ASN E 65 -10.73 -34.83 -15.03
CA ASN E 65 -11.03 -35.87 -14.05
C ASN E 65 -12.44 -36.42 -14.28
N PRO E 66 -12.61 -37.73 -14.48
CA PRO E 66 -13.94 -38.27 -14.76
C PRO E 66 -15.02 -37.89 -13.76
N GLU E 67 -14.66 -37.71 -12.48
CA GLU E 67 -15.68 -37.40 -11.49
C GLU E 67 -16.36 -36.08 -11.78
N CYS E 68 -15.63 -35.10 -12.34
CA CYS E 68 -16.17 -33.78 -12.59
C CYS E 68 -16.20 -33.47 -14.09
N GLU E 69 -16.40 -34.51 -14.90
CA GLU E 69 -16.60 -34.34 -16.34
C GLU E 69 -17.75 -33.40 -16.65
N SER E 70 -18.78 -33.38 -15.80
CA SER E 70 -19.98 -32.61 -16.03
C SER E 70 -19.77 -31.09 -15.95
N LEU E 71 -18.63 -30.62 -15.44
CA LEU E 71 -18.44 -29.18 -15.33
C LEU E 71 -18.42 -28.54 -16.71
N SER E 72 -19.19 -27.47 -16.87
CA SER E 72 -19.21 -26.74 -18.13
C SER E 72 -17.99 -25.83 -18.20
N THR E 73 -17.70 -25.37 -19.42
CA THR E 73 -16.58 -24.47 -19.67
C THR E 73 -17.12 -23.11 -20.10
N ALA E 74 -16.74 -22.07 -19.36
CA ALA E 74 -17.08 -20.70 -19.70
C ALA E 74 -16.01 -20.14 -20.63
N SER E 75 -16.43 -19.28 -21.55
CA SER E 75 -15.47 -18.66 -22.45
C SER E 75 -14.60 -17.61 -21.75
N SER E 76 -15.01 -17.14 -20.57
CA SER E 76 -14.23 -16.18 -19.82
C SER E 76 -14.48 -16.39 -18.33
N TRP E 77 -13.49 -16.02 -17.52
CA TRP E 77 -13.59 -16.12 -16.06
C TRP E 77 -13.08 -14.84 -15.43
N SER E 78 -13.77 -14.39 -14.38
CA SER E 78 -13.24 -13.28 -13.58
C SER E 78 -12.39 -13.80 -12.42
N TYR E 79 -12.72 -14.97 -11.90
CA TYR E 79 -12.02 -15.60 -10.78
C TYR E 79 -12.48 -17.05 -10.70
N ILE E 80 -11.76 -17.84 -9.91
CA ILE E 80 -12.06 -19.26 -9.72
C ILE E 80 -12.50 -19.52 -8.28
N VAL E 81 -13.60 -20.25 -8.13
CA VAL E 81 -14.19 -20.62 -6.85
C VAL E 81 -13.92 -22.10 -6.63
N GLU E 82 -13.31 -22.43 -5.50
CA GLU E 82 -12.98 -23.79 -5.11
C GLU E 82 -13.61 -24.03 -3.74
N THR E 83 -14.18 -25.21 -3.50
CA THR E 83 -14.78 -25.44 -2.20
C THR E 83 -13.72 -25.89 -1.19
N SER E 84 -14.09 -25.84 0.09
CA SER E 84 -13.16 -26.23 1.15
C SER E 84 -12.97 -27.73 1.20
N ASN E 85 -13.90 -28.49 0.62
CA ASN E 85 -13.85 -29.94 0.58
C ASN E 85 -13.40 -30.39 -0.82
N SER E 86 -12.69 -29.50 -1.53
CA SER E 86 -12.17 -29.79 -2.86
C SER E 86 -11.37 -31.09 -2.85
N ASP E 87 -11.73 -31.99 -3.75
CA ASP E 87 -11.11 -33.29 -3.84
C ASP E 87 -11.22 -33.70 -5.31
N ASN E 88 -10.74 -34.91 -5.61
CA ASN E 88 -10.77 -35.41 -6.97
C ASN E 88 -10.01 -34.47 -7.90
N GLY E 89 -8.76 -34.21 -7.52
CA GLY E 89 -7.88 -33.37 -8.29
C GLY E 89 -7.13 -34.32 -9.18
N THR E 90 -5.86 -34.58 -8.90
CA THR E 90 -5.21 -35.64 -9.64
C THR E 90 -5.91 -36.92 -9.23
N CYS E 91 -6.21 -37.78 -10.21
CA CYS E 91 -7.00 -38.97 -9.94
C CYS E 91 -6.15 -40.23 -9.94
N TYR E 92 -4.88 -40.11 -10.34
CA TYR E 92 -3.86 -41.12 -10.32
C TYR E 92 -2.80 -40.55 -9.40
N PRO E 93 -2.26 -41.31 -8.43
CA PRO E 93 -1.32 -40.71 -7.47
C PRO E 93 -0.18 -39.98 -8.17
N GLY E 94 0.12 -38.78 -7.70
CA GLY E 94 1.13 -37.98 -8.36
C GLY E 94 1.21 -36.58 -7.80
N ASP E 95 2.02 -35.76 -8.48
CA ASP E 95 2.27 -34.39 -8.07
C ASP E 95 2.55 -33.51 -9.28
N PHE E 96 1.81 -32.42 -9.40
CA PHE E 96 2.11 -31.41 -10.41
C PHE E 96 3.35 -30.62 -10.02
N ILE E 97 4.23 -30.39 -10.99
CA ILE E 97 5.38 -29.51 -10.81
C ILE E 97 5.01 -28.18 -11.44
N ASN E 98 5.28 -27.10 -10.72
CA ASN E 98 4.82 -25.77 -11.10
C ASN E 98 3.30 -25.75 -11.12
N TYR E 99 2.72 -26.39 -10.10
CA TYR E 99 1.27 -26.43 -9.96
C TYR E 99 0.71 -25.07 -9.61
N GLU E 100 1.36 -24.40 -8.66
CA GLU E 100 0.89 -23.10 -8.21
C GLU E 100 1.01 -22.07 -9.33
N GLU E 101 2.03 -22.19 -10.17
CA GLU E 101 2.17 -21.25 -11.28
C GLU E 101 1.02 -21.43 -12.27
N LEU E 102 0.62 -22.67 -12.52
CA LEU E 102 -0.52 -22.91 -13.40
C LEU E 102 -1.80 -22.36 -12.78
N ARG E 103 -1.98 -22.61 -11.48
CA ARG E 103 -3.16 -22.11 -10.80
C ARG E 103 -3.22 -20.59 -10.86
N GLU E 104 -2.09 -19.92 -10.65
CA GLU E 104 -2.06 -18.46 -10.69
C GLU E 104 -2.32 -17.93 -12.08
N GLN E 105 -1.73 -18.55 -13.11
CA GLN E 105 -1.92 -18.07 -14.47
C GLN E 105 -3.37 -18.24 -14.95
N LEU E 106 -4.05 -19.28 -14.48
CA LEU E 106 -5.44 -19.53 -14.87
C LEU E 106 -6.45 -18.73 -14.06
N SER E 107 -6.00 -17.94 -13.08
CA SER E 107 -6.95 -17.26 -12.21
C SER E 107 -7.83 -16.27 -12.97
N SER E 108 -7.32 -15.72 -14.08
CA SER E 108 -8.08 -14.74 -14.86
C SER E 108 -7.76 -14.91 -16.34
N VAL E 109 -8.76 -15.26 -17.13
CA VAL E 109 -8.55 -15.55 -18.55
C VAL E 109 -9.55 -14.74 -19.37
N SER E 110 -9.04 -14.01 -20.37
CA SER E 110 -9.91 -13.19 -21.21
C SER E 110 -10.69 -14.02 -22.21
N SER E 111 -10.08 -15.10 -22.69
CA SER E 111 -10.72 -15.98 -23.66
C SER E 111 -10.20 -17.37 -23.35
N PHE E 112 -11.10 -18.36 -23.24
CA PHE E 112 -10.70 -19.73 -22.93
C PHE E 112 -11.58 -20.71 -23.67
N GLU E 113 -11.00 -21.45 -24.63
CA GLU E 113 -11.73 -22.43 -25.41
C GLU E 113 -10.94 -23.73 -25.46
N ARG E 114 -11.65 -24.85 -25.38
CA ARG E 114 -11.03 -26.16 -25.44
C ARG E 114 -11.10 -26.69 -26.86
N PHE E 115 -10.01 -27.34 -27.31
CA PHE E 115 -10.02 -27.97 -28.62
C PHE E 115 -9.25 -29.27 -28.51
N GLU E 116 -9.49 -30.16 -29.47
CA GLU E 116 -8.80 -31.44 -29.51
C GLU E 116 -7.53 -31.22 -30.31
N ILE E 117 -6.38 -31.35 -29.64
CA ILE E 117 -5.10 -31.02 -30.25
C ILE E 117 -4.61 -32.14 -31.15
N PHE E 118 -4.77 -33.39 -30.71
CA PHE E 118 -4.30 -34.57 -31.41
C PHE E 118 -5.46 -35.56 -31.48
N PRO E 119 -6.31 -35.48 -32.53
CA PRO E 119 -7.52 -36.32 -32.57
C PRO E 119 -7.23 -37.79 -32.32
N LYS E 120 -7.97 -38.36 -31.36
CA LYS E 120 -7.71 -39.72 -30.90
C LYS E 120 -7.81 -40.75 -32.02
N THR E 121 -8.78 -40.58 -32.92
CA THR E 121 -9.02 -41.60 -33.94
C THR E 121 -7.84 -41.77 -34.89
N SER E 122 -7.24 -40.67 -35.35
CA SER E 122 -6.21 -40.72 -36.39
C SER E 122 -4.82 -40.29 -35.96
N SER E 123 -4.63 -39.72 -34.77
CA SER E 123 -3.31 -39.18 -34.43
C SER E 123 -2.30 -40.27 -34.11
N TRP E 124 -2.71 -41.41 -33.58
CA TRP E 124 -1.81 -42.49 -33.18
C TRP E 124 -2.26 -43.85 -33.67
N PRO E 125 -2.22 -44.09 -34.97
CA PRO E 125 -2.61 -45.41 -35.48
C PRO E 125 -1.65 -46.52 -35.09
N ASN E 126 -0.43 -46.19 -34.65
CA ASN E 126 0.59 -47.17 -34.33
C ASN E 126 0.65 -47.55 -32.86
N HIS E 127 -0.24 -47.02 -32.03
CA HIS E 127 -0.27 -47.30 -30.60
C HIS E 127 -1.71 -47.56 -30.19
N ASP E 128 -1.87 -48.28 -29.09
CA ASP E 128 -3.20 -48.63 -28.57
C ASP E 128 -3.64 -47.56 -27.57
N SER E 129 -4.60 -46.75 -27.97
CA SER E 129 -5.12 -45.66 -27.17
C SER E 129 -6.32 -46.06 -26.32
N ASN E 130 -6.80 -47.30 -26.44
CA ASN E 130 -8.04 -47.74 -25.81
C ASN E 130 -7.84 -48.54 -24.53
N LYS E 131 -6.60 -48.75 -24.09
CA LYS E 131 -6.30 -49.48 -22.85
C LYS E 131 -5.69 -48.57 -21.79
N GLY E 132 -5.63 -47.26 -22.05
CA GLY E 132 -5.06 -46.33 -21.11
C GLY E 132 -6.04 -46.01 -20.02
N VAL E 133 -6.32 -46.99 -19.16
CA VAL E 133 -7.32 -46.84 -18.10
C VAL E 133 -6.68 -47.24 -16.78
N THR E 134 -7.32 -46.81 -15.70
CA THR E 134 -6.90 -47.17 -14.35
C THR E 134 -8.10 -47.38 -13.44
N ALA E 135 -7.92 -48.24 -12.45
CA ALA E 135 -8.91 -48.45 -11.42
C ALA E 135 -8.86 -47.39 -10.32
N ALA E 136 -7.82 -46.55 -10.32
CA ALA E 136 -7.66 -45.54 -9.29
C ALA E 136 -8.79 -44.53 -9.28
N CYS E 137 -9.34 -44.19 -10.46
CA CYS E 137 -10.35 -43.14 -10.58
C CYS E 137 -11.45 -43.55 -11.56
N PRO E 138 -12.25 -44.55 -11.20
CA PRO E 138 -13.29 -45.02 -12.12
C PRO E 138 -14.43 -44.03 -12.20
N HIS E 139 -15.10 -44.01 -13.36
CA HIS E 139 -16.31 -43.23 -13.56
C HIS E 139 -17.49 -44.19 -13.48
N ALA E 140 -18.29 -44.06 -12.42
CA ALA E 140 -19.41 -44.96 -12.17
C ALA E 140 -18.94 -46.41 -12.20
N GLY E 141 -17.74 -46.66 -11.70
CA GLY E 141 -17.19 -48.00 -11.65
C GLY E 141 -16.66 -48.50 -12.98
N ALA E 142 -16.56 -47.64 -13.99
CA ALA E 142 -16.17 -48.05 -15.33
C ALA E 142 -14.66 -48.24 -15.50
N LYS E 143 -13.85 -47.94 -14.50
CA LYS E 143 -12.39 -48.03 -14.63
C LYS E 143 -11.90 -47.22 -15.83
N SER E 144 -11.98 -45.89 -15.69
CA SER E 144 -11.72 -44.97 -16.79
C SER E 144 -10.50 -44.10 -16.50
N PHE E 145 -10.36 -42.96 -17.18
CA PHE E 145 -9.14 -42.16 -17.08
C PHE E 145 -9.50 -40.72 -17.45
N TYR E 146 -8.50 -39.84 -17.41
CA TYR E 146 -8.68 -38.42 -17.69
C TYR E 146 -9.30 -38.17 -19.05
N LYS E 147 -10.15 -37.14 -19.12
CA LYS E 147 -10.79 -36.79 -20.38
C LYS E 147 -9.92 -35.92 -21.27
N ASN E 148 -9.02 -35.11 -20.71
CA ASN E 148 -8.21 -34.19 -21.50
C ASN E 148 -6.86 -34.77 -21.91
N LEU E 149 -6.49 -35.94 -21.40
CA LEU E 149 -5.25 -36.61 -21.74
C LEU E 149 -5.58 -38.06 -22.04
N ILE E 150 -4.82 -38.69 -22.94
CA ILE E 150 -4.93 -40.12 -23.16
C ILE E 150 -3.56 -40.75 -22.96
N TRP E 151 -3.60 -41.93 -22.37
CA TRP E 151 -2.44 -42.71 -21.96
C TRP E 151 -2.20 -43.82 -22.97
N LEU E 152 -1.11 -43.72 -23.72
CA LEU E 152 -0.81 -44.69 -24.76
C LEU E 152 -0.01 -45.84 -24.19
N VAL E 153 -0.31 -47.04 -24.69
CA VAL E 153 0.37 -48.26 -24.27
C VAL E 153 0.83 -48.97 -25.53
N LYS E 154 1.67 -49.99 -25.33
CA LYS E 154 2.17 -50.76 -26.46
C LYS E 154 1.03 -51.49 -27.14
N LYS E 155 1.15 -51.67 -28.45
CA LYS E 155 0.18 -52.39 -29.25
C LYS E 155 0.92 -53.51 -29.96
N GLY E 156 0.48 -54.75 -29.73
CA GLY E 156 1.12 -55.88 -30.38
C GLY E 156 2.53 -56.12 -29.88
N ASN E 157 2.81 -55.77 -28.61
CA ASN E 157 4.15 -55.88 -28.04
C ASN E 157 5.15 -55.05 -28.82
N SER E 158 4.71 -53.93 -29.36
CA SER E 158 5.55 -53.00 -30.09
C SER E 158 5.15 -51.58 -29.70
N TYR E 159 6.14 -50.71 -29.54
CA TYR E 159 5.94 -49.31 -29.17
C TYR E 159 6.78 -48.43 -30.06
N PRO E 160 6.31 -48.13 -31.27
CA PRO E 160 7.10 -47.27 -32.16
C PRO E 160 7.31 -45.90 -31.53
N LYS E 161 8.44 -45.29 -31.87
CA LYS E 161 8.75 -43.97 -31.34
C LYS E 161 7.72 -42.95 -31.80
N LEU E 162 7.21 -42.18 -30.86
CA LEU E 162 6.31 -41.08 -31.14
C LEU E 162 7.13 -39.89 -31.62
N ASN E 163 6.63 -39.24 -32.67
CA ASN E 163 7.23 -38.04 -33.25
C ASN E 163 6.13 -37.06 -33.61
N GLN E 164 5.34 -36.65 -32.63
CA GLN E 164 4.15 -35.85 -32.89
C GLN E 164 4.46 -34.38 -32.63
N SER E 165 3.73 -33.50 -33.28
CA SER E 165 3.93 -32.07 -33.07
C SER E 165 2.65 -31.30 -33.38
N TYR E 166 2.56 -30.11 -32.80
CA TYR E 166 1.44 -29.19 -33.04
C TYR E 166 2.00 -27.85 -33.48
N ILE E 167 1.56 -27.40 -34.66
CA ILE E 167 2.08 -26.18 -35.28
C ILE E 167 1.63 -24.93 -34.53
N ASN E 168 0.43 -24.93 -33.94
CA ASN E 168 -0.12 -23.77 -33.23
C ASN E 168 -0.27 -22.55 -34.14
N ASP E 169 -1.21 -22.67 -35.08
CA ASP E 169 -1.48 -21.60 -36.02
C ASP E 169 -2.58 -20.66 -35.53
N LYS E 170 -2.98 -20.77 -34.26
CA LYS E 170 -3.95 -19.87 -33.65
C LYS E 170 -3.26 -18.60 -33.16
N GLY E 171 -4.06 -17.55 -32.99
CA GLY E 171 -3.55 -16.26 -32.55
C GLY E 171 -3.42 -16.06 -31.06
N LYS E 172 -3.79 -17.04 -30.24
CA LYS E 172 -3.75 -16.95 -28.78
C LYS E 172 -2.85 -18.03 -28.21
N GLU E 173 -2.37 -17.80 -26.99
CA GLU E 173 -1.47 -18.76 -26.35
C GLU E 173 -2.20 -20.08 -26.14
N VAL E 174 -1.50 -21.20 -26.30
CA VAL E 174 -2.11 -22.52 -26.10
C VAL E 174 -1.50 -23.20 -24.89
N LEU E 175 -2.35 -23.65 -23.98
CA LEU E 175 -1.94 -24.38 -22.80
C LEU E 175 -1.98 -25.87 -23.12
N VAL E 176 -0.83 -26.52 -23.06
CA VAL E 176 -0.68 -27.94 -23.36
C VAL E 176 -0.20 -28.62 -22.09
N LEU E 177 -0.90 -29.68 -21.69
CA LEU E 177 -0.58 -30.45 -20.50
C LEU E 177 -0.27 -31.88 -20.89
N TRP E 178 0.66 -32.50 -20.17
CA TRP E 178 1.01 -33.89 -20.40
C TRP E 178 1.52 -34.46 -19.10
N GLY E 179 1.73 -35.77 -19.07
CA GLY E 179 2.31 -36.39 -17.89
C GLY E 179 3.29 -37.49 -18.25
N ILE E 180 4.02 -37.92 -17.22
CA ILE E 180 4.99 -39.00 -17.30
C ILE E 180 4.57 -40.04 -16.29
N HIS E 181 4.49 -41.30 -16.72
CA HIS E 181 4.11 -42.40 -15.85
C HIS E 181 5.37 -43.06 -15.32
N HIS E 182 5.34 -43.39 -14.03
CA HIS E 182 6.45 -44.00 -13.31
C HIS E 182 5.92 -45.30 -12.72
N PRO E 183 6.00 -46.42 -13.45
CA PRO E 183 5.44 -47.69 -12.98
C PRO E 183 6.04 -48.14 -11.66
N SER E 184 5.27 -48.99 -10.96
CA SER E 184 5.70 -49.48 -9.66
C SER E 184 6.99 -50.29 -9.76
N THR E 185 7.05 -51.25 -10.68
CA THR E 185 8.24 -52.06 -10.85
C THR E 185 8.60 -52.19 -12.33
N THR E 186 9.76 -52.81 -12.58
CA THR E 186 10.22 -53.04 -13.94
C THR E 186 9.24 -53.93 -14.69
N ALA E 187 8.69 -54.94 -14.00
CA ALA E 187 7.73 -55.84 -14.64
C ALA E 187 6.52 -55.07 -15.14
N ASP E 188 6.14 -53.98 -14.47
CA ASP E 188 4.99 -53.22 -14.91
C ASP E 188 5.37 -52.35 -16.10
N GLN E 189 6.61 -51.88 -16.12
CA GLN E 189 7.10 -51.11 -17.25
C GLN E 189 7.10 -51.98 -18.51
N GLN E 190 7.57 -53.22 -18.39
CA GLN E 190 7.61 -54.12 -19.54
C GLN E 190 6.22 -54.61 -19.93
N SER E 191 5.36 -54.86 -18.94
CA SER E 191 4.01 -55.34 -19.24
C SER E 191 3.19 -54.26 -19.92
N LEU E 192 3.37 -53.01 -19.49
CA LEU E 192 2.58 -51.90 -20.01
C LEU E 192 3.21 -51.26 -21.24
N TYR E 193 4.54 -51.10 -21.24
CA TYR E 193 5.27 -50.48 -22.33
C TYR E 193 6.37 -51.42 -22.81
N GLN E 194 6.72 -51.27 -24.08
CA GLN E 194 7.89 -51.93 -24.63
C GLN E 194 9.08 -50.98 -24.42
N ASN E 195 10.29 -51.56 -24.46
CA ASN E 195 11.51 -50.77 -24.33
C ASN E 195 11.67 -50.30 -22.89
N ALA E 196 12.20 -51.17 -22.03
CA ALA E 196 12.34 -50.86 -20.61
C ALA E 196 13.19 -49.61 -20.39
N ASP E 197 14.21 -49.41 -21.22
CA ASP E 197 15.05 -48.23 -21.18
C ASP E 197 14.53 -47.26 -22.24
N ALA E 198 13.94 -46.16 -21.79
CA ALA E 198 13.24 -45.25 -22.68
C ALA E 198 13.27 -43.84 -22.12
N TYR E 199 12.97 -42.88 -22.97
CA TYR E 199 12.99 -41.46 -22.63
C TYR E 199 11.74 -40.80 -23.17
N VAL E 200 11.42 -39.63 -22.61
CA VAL E 200 10.33 -38.82 -23.13
C VAL E 200 10.91 -37.42 -23.28
N PHE E 201 10.73 -36.78 -24.43
CA PHE E 201 11.19 -35.40 -24.62
C PHE E 201 10.03 -34.55 -25.09
N VAL E 202 9.85 -33.40 -24.43
CA VAL E 202 8.83 -32.43 -24.82
C VAL E 202 9.52 -31.09 -24.96
N GLY E 203 9.19 -30.36 -26.03
CA GLY E 203 9.77 -29.04 -26.14
C GLY E 203 9.19 -28.16 -27.21
N THR E 204 9.47 -26.88 -27.06
CA THR E 204 9.02 -25.79 -27.92
C THR E 204 10.28 -24.96 -28.17
N SER E 205 10.14 -23.77 -28.75
CA SER E 205 11.31 -22.90 -28.87
C SER E 205 11.68 -22.38 -27.49
N ARG E 206 10.66 -22.08 -26.69
CA ARG E 206 10.80 -21.58 -25.34
C ARG E 206 11.23 -22.65 -24.34
N TYR E 207 10.64 -23.83 -24.44
CA TYR E 207 10.81 -24.91 -23.46
C TYR E 207 11.44 -26.13 -24.12
N SER E 208 12.44 -26.72 -23.47
CA SER E 208 13.05 -27.95 -23.95
C SER E 208 13.42 -28.81 -22.74
N LYS E 209 12.75 -29.95 -22.55
CA LYS E 209 13.06 -30.78 -21.38
C LYS E 209 12.92 -32.26 -21.73
N LYS E 210 13.93 -33.02 -21.34
CA LYS E 210 13.96 -34.47 -21.46
C LYS E 210 13.71 -35.12 -20.10
N PHE E 211 12.84 -36.12 -20.08
CA PHE E 211 12.42 -36.86 -18.90
C PHE E 211 12.85 -38.32 -19.06
N LYS E 212 13.08 -38.97 -17.93
CA LYS E 212 13.40 -40.40 -17.90
C LYS E 212 12.54 -41.09 -16.85
N PRO E 213 11.97 -42.26 -17.13
CA PRO E 213 11.21 -42.97 -16.09
C PRO E 213 12.05 -43.28 -14.85
N GLU E 214 11.44 -43.09 -13.70
CA GLU E 214 12.01 -43.36 -12.40
C GLU E 214 11.21 -44.53 -11.82
N ILE E 215 11.72 -45.75 -12.01
CA ILE E 215 10.98 -46.96 -11.67
C ILE E 215 11.45 -47.45 -10.31
N ALA E 216 10.53 -47.51 -9.36
CA ALA E 216 10.81 -47.98 -8.01
C ALA E 216 9.48 -48.31 -7.35
N THR E 217 9.52 -49.24 -6.40
CA THR E 217 8.32 -49.53 -5.61
C THR E 217 8.13 -48.40 -4.62
N ARG E 218 6.90 -47.89 -4.54
CA ARG E 218 6.55 -46.74 -3.74
C ARG E 218 5.48 -47.06 -2.70
N PRO E 219 5.31 -46.22 -1.69
CA PRO E 219 4.16 -46.39 -0.79
C PRO E 219 2.87 -46.32 -1.57
N LYS E 220 1.90 -47.12 -1.17
CA LYS E 220 0.65 -47.17 -1.90
C LYS E 220 -0.22 -45.97 -1.57
N VAL E 221 -0.76 -45.34 -2.62
CA VAL E 221 -1.71 -44.25 -2.52
C VAL E 221 -2.90 -44.67 -3.36
N ARG E 222 -4.11 -44.49 -2.84
CA ARG E 222 -5.32 -45.05 -3.45
C ARG E 222 -5.06 -46.56 -3.49
N ASP E 223 -5.12 -47.24 -4.65
CA ASP E 223 -4.87 -48.67 -4.72
C ASP E 223 -3.66 -49.01 -5.62
N GLN E 224 -2.79 -48.04 -5.91
CA GLN E 224 -1.64 -48.28 -6.79
C GLN E 224 -0.37 -47.67 -6.22
N GLU E 225 0.76 -48.31 -6.56
CA GLU E 225 2.07 -47.85 -6.16
C GLU E 225 2.71 -46.91 -7.16
N GLY E 226 2.48 -47.11 -8.46
CA GLY E 226 3.09 -46.26 -9.44
C GLY E 226 2.56 -44.85 -9.36
N ARG E 227 3.32 -43.88 -9.87
CA ARG E 227 2.95 -42.47 -9.77
C ARG E 227 3.03 -41.83 -11.14
N MET E 228 2.32 -40.72 -11.30
CA MET E 228 2.41 -39.91 -12.49
C MET E 228 2.83 -38.50 -12.12
N ASN E 229 3.72 -37.91 -12.92
CA ASN E 229 4.06 -36.50 -12.77
C ASN E 229 3.37 -35.75 -13.89
N TYR E 230 2.82 -34.58 -13.57
CA TYR E 230 2.08 -33.79 -14.54
C TYR E 230 2.82 -32.50 -14.82
N TYR E 231 2.94 -32.17 -16.10
CA TYR E 231 3.67 -31.01 -16.58
C TYR E 231 2.74 -30.21 -17.47
N TRP E 232 3.04 -28.92 -17.59
CA TRP E 232 2.27 -28.06 -18.47
C TRP E 232 3.21 -27.01 -19.06
N THR E 233 2.89 -26.56 -20.26
CA THR E 233 3.59 -25.46 -20.89
C THR E 233 2.59 -24.58 -21.61
N LEU E 234 3.05 -23.36 -21.89
CA LEU E 234 2.36 -22.47 -22.80
C LEU E 234 3.10 -22.49 -24.12
N VAL E 235 2.34 -22.54 -25.20
CA VAL E 235 2.85 -22.58 -26.56
C VAL E 235 2.51 -21.22 -27.16
N GLU E 236 3.56 -20.48 -27.51
CA GLU E 236 3.39 -19.16 -28.07
C GLU E 236 2.79 -19.29 -29.47
N PRO E 237 2.00 -18.30 -29.93
CA PRO E 237 1.44 -18.40 -31.28
C PRO E 237 2.54 -18.58 -32.32
N GLY E 238 2.35 -19.57 -33.19
CA GLY E 238 3.32 -19.85 -34.22
C GLY E 238 4.50 -20.67 -33.77
N ASP E 239 4.56 -21.06 -32.49
CA ASP E 239 5.69 -21.79 -31.92
C ASP E 239 5.39 -23.28 -31.88
N LYS E 240 6.02 -24.03 -32.77
CA LYS E 240 5.77 -25.47 -32.89
C LYS E 240 6.19 -26.19 -31.61
N ILE E 241 5.30 -27.04 -31.08
CA ILE E 241 5.59 -27.87 -29.91
C ILE E 241 5.70 -29.32 -30.37
N THR E 242 6.77 -30.00 -29.93
CA THR E 242 7.01 -31.39 -30.31
C THR E 242 7.03 -32.30 -29.08
N PHE E 243 6.58 -33.53 -29.33
CA PHE E 243 6.57 -34.64 -28.38
C PHE E 243 7.29 -35.80 -29.04
N GLU E 244 8.54 -36.04 -28.63
CA GLU E 244 9.35 -37.13 -29.14
C GLU E 244 9.48 -38.13 -28.00
N ALA E 245 8.99 -39.35 -28.18
CA ALA E 245 9.08 -40.26 -27.05
C ALA E 245 9.01 -41.72 -27.42
N THR E 246 9.68 -42.52 -26.60
CA THR E 246 9.59 -43.96 -26.61
C THR E 246 9.18 -44.47 -25.24
N GLY E 247 9.20 -43.60 -24.24
CA GLY E 247 8.92 -43.94 -22.86
C GLY E 247 7.49 -43.68 -22.47
N ASN E 248 7.29 -43.49 -21.18
CA ASN E 248 5.98 -43.45 -20.56
C ASN E 248 5.33 -42.06 -20.67
N LEU E 249 5.06 -41.65 -21.90
CA LEU E 249 4.42 -40.36 -22.18
C LEU E 249 2.92 -40.49 -22.20
N VAL E 250 2.24 -39.64 -21.43
CA VAL E 250 0.79 -39.55 -21.44
C VAL E 250 0.47 -38.39 -22.38
N VAL E 251 0.05 -38.73 -23.59
CA VAL E 251 -0.09 -37.71 -24.63
C VAL E 251 -1.35 -36.87 -24.39
N PRO E 252 -1.35 -35.58 -24.72
CA PRO E 252 -2.59 -34.83 -24.61
C PRO E 252 -3.56 -35.24 -25.70
N ARG E 253 -4.85 -35.12 -25.38
CA ARG E 253 -5.94 -35.24 -26.34
C ARG E 253 -6.58 -33.90 -26.59
N TYR E 254 -6.80 -33.15 -25.51
CA TYR E 254 -7.34 -31.81 -25.57
C TYR E 254 -6.28 -30.84 -25.08
N ALA E 255 -6.38 -29.61 -25.58
CA ALA E 255 -5.51 -28.53 -25.21
C ALA E 255 -6.39 -27.30 -25.19
N PHE E 256 -5.94 -26.25 -24.51
CA PHE E 256 -6.77 -25.07 -24.36
C PHE E 256 -6.15 -23.87 -25.05
N THR E 257 -6.97 -23.13 -25.77
CA THR E 257 -6.57 -21.87 -26.38
C THR E 257 -6.99 -20.82 -25.39
N MET E 258 -6.04 -19.98 -24.95
CA MET E 258 -6.38 -18.98 -23.96
C MET E 258 -5.61 -17.69 -24.19
N GLU E 259 -6.27 -16.62 -23.79
CA GLU E 259 -5.72 -15.27 -23.70
C GLU E 259 -6.02 -14.80 -22.29
N ARG E 260 -4.97 -14.46 -21.55
CA ARG E 260 -5.06 -14.07 -20.14
C ARG E 260 -5.55 -12.65 -19.95
N ASN E 261 -6.40 -12.47 -18.93
CA ASN E 261 -6.97 -11.19 -18.54
C ASN E 261 -6.11 -10.64 -17.39
N ALA E 262 -6.43 -9.43 -16.91
CA ALA E 262 -5.73 -8.86 -15.77
C ALA E 262 -5.76 -9.83 -14.60
N GLY E 263 -4.63 -9.98 -13.93
CA GLY E 263 -4.50 -10.99 -12.90
C GLY E 263 -5.55 -10.89 -11.80
N SER E 264 -6.02 -12.04 -11.35
CA SER E 264 -7.04 -12.16 -10.33
C SER E 264 -6.52 -13.25 -9.38
N GLY E 265 -7.39 -13.81 -8.55
CA GLY E 265 -7.00 -14.82 -7.59
C GLY E 265 -7.98 -15.98 -7.55
N ILE E 266 -7.71 -16.89 -6.61
CA ILE E 266 -8.50 -18.09 -6.38
C ILE E 266 -9.11 -17.96 -4.99
N ILE E 267 -10.42 -18.15 -4.89
CA ILE E 267 -11.12 -18.04 -3.62
C ILE E 267 -11.60 -19.42 -3.23
N ILE E 268 -11.35 -19.81 -1.98
CA ILE E 268 -11.75 -21.09 -1.44
C ILE E 268 -12.91 -20.80 -0.49
N SER E 269 -14.10 -21.29 -0.83
CA SER E 269 -15.28 -20.97 -0.04
C SER E 269 -16.40 -21.94 -0.38
N ASP E 270 -17.21 -22.27 0.63
CA ASP E 270 -18.38 -23.11 0.46
C ASP E 270 -19.65 -22.30 0.21
N THR E 271 -19.53 -20.98 0.12
CA THR E 271 -20.69 -20.12 -0.09
C THR E 271 -21.37 -20.44 -1.43
N PRO E 272 -22.70 -20.66 -1.44
CA PRO E 272 -23.37 -20.93 -2.73
C PRO E 272 -23.21 -19.75 -3.69
N VAL E 273 -23.26 -20.06 -4.98
CA VAL E 273 -23.13 -19.06 -6.04
C VAL E 273 -24.52 -18.59 -6.46
N HIS E 274 -24.72 -17.28 -6.41
CA HIS E 274 -25.95 -16.61 -6.79
C HIS E 274 -25.62 -15.75 -8.02
N ASP E 275 -26.59 -15.56 -8.90
CA ASP E 275 -26.38 -14.73 -10.08
C ASP E 275 -26.72 -13.26 -9.79
N CYS E 276 -25.68 -12.45 -9.62
CA CYS E 276 -25.80 -11.01 -9.45
C CYS E 276 -24.44 -10.44 -9.82
N ASN E 277 -24.32 -9.12 -9.82
CA ASN E 277 -23.06 -8.45 -10.12
C ASN E 277 -22.57 -7.71 -8.88
N THR E 278 -21.26 -7.63 -8.74
CA THR E 278 -20.64 -6.93 -7.62
C THR E 278 -19.37 -6.20 -8.03
N THR E 279 -19.04 -5.17 -7.25
CA THR E 279 -17.75 -4.50 -7.40
C THR E 279 -16.63 -5.36 -6.85
N CYS E 280 -16.86 -6.09 -5.76
CA CYS E 280 -15.82 -6.88 -5.11
C CYS E 280 -16.38 -8.16 -4.53
N GLN E 281 -15.58 -9.23 -4.62
CA GLN E 281 -15.91 -10.55 -4.10
C GLN E 281 -15.08 -10.86 -2.86
N THR E 282 -15.74 -11.33 -1.79
CA THR E 282 -15.07 -11.80 -0.59
C THR E 282 -15.46 -13.26 -0.37
N PRO E 283 -14.64 -14.04 0.35
CA PRO E 283 -14.99 -15.46 0.53
C PRO E 283 -16.30 -15.69 1.28
N GLU E 284 -16.75 -14.73 2.06
CA GLU E 284 -18.03 -14.80 2.75
C GLU E 284 -19.18 -14.24 1.93
N GLY E 285 -18.93 -13.78 0.71
CA GLY E 285 -19.97 -13.21 -0.13
C GLY E 285 -19.54 -11.93 -0.82
N ALA E 286 -20.30 -11.57 -1.85
CA ALA E 286 -19.98 -10.36 -2.59
C ALA E 286 -20.18 -9.13 -1.73
N ILE E 287 -19.29 -8.15 -1.89
CA ILE E 287 -19.36 -6.85 -1.24
C ILE E 287 -19.37 -5.81 -2.36
N ASN E 288 -20.33 -4.89 -2.30
CA ASN E 288 -20.49 -3.83 -3.29
C ASN E 288 -20.56 -2.46 -2.62
N THR E 289 -19.78 -2.28 -1.57
CA THR E 289 -19.79 -1.01 -0.83
C THR E 289 -18.87 -0.01 -1.50
N SER E 290 -18.94 1.23 -1.00
CA SER E 290 -18.10 2.33 -1.45
C SER E 290 -17.19 2.86 -0.36
N LEU E 291 -17.23 2.29 0.84
CA LEU E 291 -16.49 2.80 1.98
C LEU E 291 -15.00 2.44 1.86
N PRO E 292 -14.11 3.26 2.44
CA PRO E 292 -12.67 2.97 2.30
C PRO E 292 -12.17 1.73 3.01
N PHE E 293 -12.86 1.21 4.04
CA PHE E 293 -12.38 0.06 4.79
C PHE E 293 -13.44 -1.03 4.94
N GLN E 294 -12.95 -2.26 5.08
CA GLN E 294 -13.77 -3.45 5.31
C GLN E 294 -13.05 -4.33 6.32
N ASN E 295 -13.81 -5.18 7.03
CA ASN E 295 -13.24 -6.17 7.96
C ASN E 295 -13.63 -7.60 7.62
N ILE E 296 -13.83 -7.87 6.35
CA ILE E 296 -14.12 -9.20 5.81
C ILE E 296 -12.79 -9.81 5.38
N HIS E 297 -12.64 -11.13 5.56
CA HIS E 297 -11.42 -11.91 5.42
C HIS E 297 -10.52 -11.45 4.26
N PRO E 298 -9.23 -11.07 4.51
CA PRO E 298 -8.41 -10.40 3.47
C PRO E 298 -7.83 -11.34 2.41
N ILE E 299 -8.71 -11.98 1.64
CA ILE E 299 -8.27 -12.74 0.47
C ILE E 299 -9.12 -12.24 -0.69
N THR E 300 -9.38 -10.94 -0.70
CA THR E 300 -10.34 -10.36 -1.62
C THR E 300 -9.78 -10.41 -3.04
N ILE E 301 -10.70 -10.42 -4.01
CA ILE E 301 -10.35 -10.37 -5.43
C ILE E 301 -11.07 -9.17 -6.01
N GLY E 302 -10.31 -8.27 -6.64
CA GLY E 302 -10.84 -7.08 -7.25
C GLY E 302 -10.28 -5.84 -6.61
N LYS E 303 -10.85 -4.70 -6.97
CA LYS E 303 -10.51 -3.44 -6.32
C LYS E 303 -11.47 -3.34 -5.15
N CYS E 304 -10.93 -3.15 -3.95
CA CYS E 304 -11.73 -3.31 -2.75
C CYS E 304 -11.25 -2.39 -1.65
N PRO E 305 -12.05 -2.20 -0.60
CA PRO E 305 -11.57 -1.48 0.58
C PRO E 305 -10.41 -2.19 1.22
N LYS E 306 -9.54 -1.42 1.87
CA LYS E 306 -8.41 -2.03 2.56
C LYS E 306 -8.89 -2.70 3.84
N TYR E 307 -8.37 -3.90 4.10
CA TYR E 307 -8.75 -4.65 5.29
C TYR E 307 -8.06 -4.10 6.53
N VAL E 308 -8.84 -3.91 7.59
CA VAL E 308 -8.34 -3.52 8.91
C VAL E 308 -8.90 -4.49 9.94
N LYS E 309 -8.19 -4.59 11.06
CA LYS E 309 -8.63 -5.45 12.16
C LYS E 309 -9.62 -4.76 13.08
N SER E 310 -9.65 -3.42 13.10
CA SER E 310 -10.46 -2.70 14.06
C SER E 310 -11.94 -3.02 13.91
N THR E 311 -12.62 -3.11 15.05
CA THR E 311 -14.05 -3.43 15.07
C THR E 311 -14.88 -2.36 14.39
N LYS E 312 -14.55 -1.08 14.59
CA LYS E 312 -15.36 0.01 14.07
C LYS E 312 -14.51 1.21 13.67
N LEU E 313 -14.88 1.80 12.54
CA LEU E 313 -14.33 3.07 12.06
C LEU E 313 -15.51 3.93 11.67
N ARG E 314 -15.70 5.04 12.37
CA ARG E 314 -16.83 5.94 12.11
C ARG E 314 -16.34 7.37 12.26
N LEU E 315 -16.66 8.22 11.30
CA LEU E 315 -16.33 9.63 11.37
C LEU E 315 -17.53 10.43 11.84
N ALA E 316 -17.28 11.39 12.71
CA ALA E 316 -18.31 12.33 13.11
C ALA E 316 -18.56 13.33 12.00
N THR E 317 -19.83 13.71 11.83
CA THR E 317 -20.21 14.77 10.91
C THR E 317 -21.03 15.83 11.65
N GLY E 318 -21.72 15.42 12.70
CA GLY E 318 -22.55 16.29 13.50
C GLY E 318 -21.82 16.76 14.73
N LEU E 319 -22.59 17.18 15.73
CA LEU E 319 -22.08 17.70 16.98
C LEU E 319 -22.30 16.66 18.05
N ARG E 320 -21.54 16.77 19.15
CA ARG E 320 -21.75 15.84 20.25
C ARG E 320 -23.18 15.98 20.76
N ASN E 321 -23.84 14.84 20.93
CA ASN E 321 -25.25 14.82 21.30
C ASN E 321 -25.37 14.85 22.82
N VAL E 322 -25.67 16.03 23.36
CA VAL E 322 -25.80 16.22 24.81
C VAL E 322 -27.10 16.98 25.06
N PRO E 323 -28.24 16.28 25.19
CA PRO E 323 -29.50 16.99 25.44
C PRO E 323 -29.46 17.77 26.75
N SER E 324 -30.11 18.93 26.74
CA SER E 324 -30.18 19.77 27.93
C SER E 324 -31.52 20.50 27.99
N ILE F 14 -24.14 26.70 23.61
CA ILE F 14 -22.74 26.54 23.96
C ILE F 14 -22.61 25.40 24.98
N GLU F 15 -23.40 25.46 26.04
CA GLU F 15 -23.29 24.53 27.15
C GLU F 15 -24.08 23.24 26.92
N GLY F 16 -24.78 23.13 25.81
CA GLY F 16 -25.55 21.92 25.53
C GLY F 16 -26.35 22.14 24.26
N GLY F 17 -26.89 21.01 23.75
CA GLY F 17 -27.64 21.07 22.53
C GLY F 17 -29.13 21.27 22.75
N TRP F 18 -29.84 21.53 21.65
CA TRP F 18 -31.27 21.77 21.66
C TRP F 18 -32.03 20.68 20.92
N THR F 19 -32.92 19.98 21.64
CA THR F 19 -33.74 18.97 21.03
C THR F 19 -34.92 19.57 20.27
N GLY F 20 -35.17 20.87 20.43
CA GLY F 20 -36.27 21.58 19.78
C GLY F 20 -36.04 21.98 18.34
N MET F 21 -34.84 21.81 17.80
CA MET F 21 -34.60 22.16 16.40
C MET F 21 -35.11 21.05 15.49
N VAL F 22 -35.74 21.44 14.39
CA VAL F 22 -36.30 20.51 13.42
C VAL F 22 -35.38 20.30 12.24
N ASP F 23 -34.82 21.37 11.68
CA ASP F 23 -34.00 21.27 10.47
C ASP F 23 -32.86 22.27 10.60
N GLY F 24 -31.65 21.76 10.80
CA GLY F 24 -30.47 22.57 10.97
C GLY F 24 -29.55 22.02 12.04
N TRP F 25 -28.33 22.55 12.12
CA TRP F 25 -27.36 22.17 13.12
C TRP F 25 -27.07 23.31 14.09
N TYR F 26 -26.93 24.51 13.56
CA TYR F 26 -26.63 25.70 14.34
C TYR F 26 -27.89 26.55 14.32
N GLY F 27 -28.15 27.29 15.39
CA GLY F 27 -29.35 28.10 15.37
C GLY F 27 -29.48 28.98 16.58
N TYR F 28 -30.62 29.67 16.62
CA TYR F 28 -30.94 30.64 17.64
C TYR F 28 -32.25 30.28 18.31
N HIS F 29 -32.34 30.62 19.59
CA HIS F 29 -33.58 30.56 20.34
C HIS F 29 -34.22 31.94 20.31
N HIS F 30 -35.48 31.97 19.89
CA HIS F 30 -36.25 33.19 19.74
C HIS F 30 -37.32 33.18 20.82
N GLN F 31 -37.23 34.12 21.75
CA GLN F 31 -38.24 34.31 22.79
C GLN F 31 -38.64 35.78 22.73
N ASN F 32 -39.86 36.06 22.28
CA ASN F 32 -40.33 37.42 22.15
C ASN F 32 -41.80 37.43 22.56
N GLU F 33 -42.28 38.63 22.93
CA GLU F 33 -43.69 38.78 23.26
C GLU F 33 -44.61 38.43 22.10
N GLN F 34 -44.14 38.58 20.85
CA GLN F 34 -44.94 38.24 19.69
C GLN F 34 -44.78 36.78 19.25
N GLY F 35 -43.98 35.97 19.92
CA GLY F 35 -43.80 34.59 19.47
C GLY F 35 -42.51 33.98 19.95
N SER F 36 -42.39 32.69 19.70
CA SER F 36 -41.24 31.92 20.18
C SER F 36 -40.95 30.73 19.29
N GLY F 37 -39.67 30.41 19.15
CA GLY F 37 -39.27 29.24 18.37
C GLY F 37 -37.77 29.10 18.30
N TYR F 38 -37.33 28.12 17.52
CA TYR F 38 -35.92 27.73 17.36
C TYR F 38 -35.56 27.90 15.89
N ALA F 39 -35.11 29.09 15.50
CA ALA F 39 -34.79 29.38 14.10
C ALA F 39 -33.31 29.12 13.79
N ALA F 40 -33.05 28.22 12.84
CA ALA F 40 -31.69 27.82 12.51
C ALA F 40 -30.90 28.95 11.85
N ASP F 41 -29.58 28.88 11.99
CA ASP F 41 -28.63 29.78 11.31
C ASP F 41 -28.28 29.16 9.97
N LEU F 42 -29.04 29.56 8.95
CA LEU F 42 -29.03 28.87 7.66
C LEU F 42 -27.68 28.99 6.94
N LYS F 43 -27.09 30.18 6.94
CA LYS F 43 -25.84 30.36 6.19
C LYS F 43 -24.67 29.64 6.86
N SER F 44 -24.58 29.73 8.18
CA SER F 44 -23.46 29.08 8.88
C SER F 44 -23.60 27.56 8.86
N THR F 45 -24.82 27.06 9.04
CA THR F 45 -25.00 25.62 8.98
C THR F 45 -24.66 25.11 7.61
N GLN F 46 -25.07 25.82 6.55
CA GLN F 46 -24.77 25.31 5.23
C GLN F 46 -23.27 25.36 4.92
N ASN F 47 -22.58 26.41 5.36
CA ASN F 47 -21.14 26.45 5.11
C ASN F 47 -20.41 25.34 5.86
N ALA F 48 -20.79 25.12 7.13
CA ALA F 48 -20.15 24.06 7.89
C ALA F 48 -20.45 22.69 7.31
N ILE F 49 -21.69 22.44 6.90
CA ILE F 49 -22.04 21.13 6.37
C ILE F 49 -21.29 20.88 5.06
N ASP F 50 -21.22 21.88 4.18
CA ASP F 50 -20.50 21.69 2.93
C ASP F 50 -19.03 21.38 3.20
N LYS F 51 -18.44 22.05 4.18
CA LYS F 51 -17.04 21.78 4.48
C LYS F 51 -16.85 20.38 5.08
N ILE F 52 -17.77 19.94 5.94
CA ILE F 52 -17.69 18.58 6.47
C ILE F 52 -17.91 17.56 5.35
N THR F 53 -18.81 17.85 4.41
CA THR F 53 -19.04 16.95 3.29
C THR F 53 -17.78 16.79 2.46
N ASN F 54 -17.09 17.90 2.18
CA ASN F 54 -15.82 17.81 1.46
C ASN F 54 -14.79 17.05 2.28
N LYS F 55 -14.81 17.20 3.60
CA LYS F 55 -13.86 16.50 4.45
C LYS F 55 -14.06 14.98 4.34
N VAL F 56 -15.31 14.53 4.47
CA VAL F 56 -15.59 13.10 4.40
C VAL F 56 -15.32 12.58 2.99
N ASN F 57 -15.70 13.34 1.96
CA ASN F 57 -15.47 12.88 0.60
C ASN F 57 -13.98 12.87 0.28
N SER F 58 -13.19 13.74 0.88
CA SER F 58 -11.75 13.70 0.68
C SER F 58 -11.16 12.45 1.33
N VAL F 59 -11.65 12.11 2.53
CA VAL F 59 -11.16 10.90 3.18
C VAL F 59 -11.53 9.66 2.38
N ILE F 60 -12.76 9.58 1.87
CA ILE F 60 -13.21 8.37 1.18
C ILE F 60 -12.64 8.29 -0.24
N GLU F 61 -12.81 9.34 -1.04
CA GLU F 61 -12.41 9.31 -2.44
C GLU F 61 -10.90 9.31 -2.68
N LYS F 62 -10.08 9.78 -1.74
CA LYS F 62 -8.64 9.81 -1.99
C LYS F 62 -7.99 8.44 -1.81
N MET F 63 -8.75 7.42 -1.45
CA MET F 63 -8.19 6.07 -1.35
C MET F 63 -8.04 5.56 -2.78
N ASN F 64 -6.82 5.20 -3.17
CA ASN F 64 -6.55 4.75 -4.53
C ASN F 64 -6.71 3.24 -4.58
N THR F 65 -7.71 2.78 -5.30
CA THR F 65 -8.01 1.36 -5.44
C THR F 65 -7.78 0.92 -6.87
N GLN F 66 -6.99 -0.12 -7.04
CA GLN F 66 -6.70 -0.76 -8.31
C GLN F 66 -7.36 -2.12 -8.33
N PHE F 67 -7.57 -2.66 -9.53
CA PHE F 67 -8.08 -4.02 -9.61
C PHE F 67 -6.92 -4.94 -9.28
N THR F 68 -6.98 -5.60 -8.13
CA THR F 68 -5.91 -6.45 -7.65
C THR F 68 -6.49 -7.74 -7.11
N ALA F 69 -5.61 -8.60 -6.62
CA ALA F 69 -5.98 -9.84 -5.96
C ALA F 69 -4.90 -10.14 -4.94
N VAL F 70 -5.32 -10.55 -3.75
CA VAL F 70 -4.40 -10.88 -2.67
C VAL F 70 -4.68 -12.31 -2.24
N GLY F 71 -3.67 -12.94 -1.66
CA GLY F 71 -3.77 -14.31 -1.25
C GLY F 71 -3.09 -15.16 -2.31
N LYS F 72 -2.11 -15.96 -1.92
CA LYS F 72 -1.38 -16.79 -2.88
C LYS F 72 -1.22 -18.18 -2.30
N GLU F 73 -1.26 -19.17 -3.18
CA GLU F 73 -1.00 -20.56 -2.82
C GLU F 73 0.49 -20.84 -3.02
N PHE F 74 1.10 -21.46 -2.01
CA PHE F 74 2.52 -21.82 -2.05
C PHE F 74 2.74 -23.29 -1.75
N ASN F 75 3.84 -23.79 -2.30
CA ASN F 75 4.28 -25.17 -2.15
C ASN F 75 4.93 -25.35 -0.77
N HIS F 76 4.99 -26.60 -0.32
CA HIS F 76 5.68 -26.95 0.92
C HIS F 76 7.09 -26.36 0.97
N LEU F 77 7.78 -26.36 -0.16
CA LEU F 77 9.17 -25.91 -0.20
C LEU F 77 9.31 -24.41 -0.45
N GLU F 78 8.20 -23.66 -0.39
CA GLU F 78 8.21 -22.21 -0.53
C GLU F 78 7.68 -21.55 0.74
N LYS F 79 7.81 -22.23 1.89
CA LYS F 79 7.29 -21.69 3.14
C LYS F 79 7.90 -20.33 3.44
N ARG F 80 9.20 -20.18 3.11
CA ARG F 80 9.89 -18.92 3.35
C ARG F 80 9.24 -17.80 2.57
N ILE F 81 8.72 -18.11 1.39
CA ILE F 81 8.03 -17.10 0.60
C ILE F 81 6.64 -16.90 1.15
N GLU F 82 5.97 -18.00 1.54
CA GLU F 82 4.61 -17.88 2.07
C GLU F 82 4.57 -16.98 3.28
N ASN F 83 5.53 -17.13 4.19
CA ASN F 83 5.54 -16.27 5.37
C ASN F 83 5.85 -14.85 4.96
N LEU F 84 6.62 -14.66 3.89
CA LEU F 84 6.87 -13.31 3.43
C LEU F 84 5.58 -12.68 2.97
N ASN F 85 4.75 -13.45 2.26
CA ASN F 85 3.46 -12.91 1.87
C ASN F 85 2.65 -12.57 3.10
N LYS F 86 2.69 -13.44 4.11
CA LYS F 86 1.98 -13.15 5.34
C LYS F 86 2.56 -11.91 5.98
N LYS F 87 3.90 -11.83 5.99
CA LYS F 87 4.57 -10.67 6.56
C LYS F 87 4.11 -9.40 5.86
N VAL F 88 4.00 -9.45 4.53
CA VAL F 88 3.58 -8.27 3.79
C VAL F 88 2.14 -7.94 4.17
N ASP F 89 1.29 -8.95 4.20
CA ASP F 89 -0.10 -8.70 4.56
C ASP F 89 -0.19 -8.19 5.98
N ASP F 90 0.62 -8.76 6.87
CA ASP F 90 0.52 -8.34 8.26
C ASP F 90 1.04 -6.93 8.40
N GLY F 91 2.10 -6.60 7.66
CA GLY F 91 2.61 -5.25 7.75
C GLY F 91 1.58 -4.27 7.23
N PHE F 92 0.93 -4.61 6.12
CA PHE F 92 -0.04 -3.69 5.58
C PHE F 92 -1.22 -3.59 6.52
N LEU F 93 -1.58 -4.72 7.16
CA LEU F 93 -2.69 -4.70 8.09
C LEU F 93 -2.38 -3.74 9.23
N ASP F 94 -1.16 -3.81 9.76
CA ASP F 94 -0.88 -2.96 10.90
C ASP F 94 -0.92 -1.50 10.48
N ILE F 95 -0.39 -1.22 9.29
CA ILE F 95 -0.37 0.16 8.84
C ILE F 95 -1.79 0.63 8.62
N TRP F 96 -2.58 -0.20 7.93
CA TRP F 96 -3.93 0.22 7.62
C TRP F 96 -4.75 0.31 8.88
N THR F 97 -4.50 -0.55 9.86
CA THR F 97 -5.27 -0.40 11.08
C THR F 97 -4.83 0.85 11.82
N TYR F 98 -3.52 1.02 11.98
CA TYR F 98 -3.03 2.09 12.85
C TYR F 98 -3.37 3.45 12.29
N ASN F 99 -3.07 3.66 11.00
CA ASN F 99 -3.34 4.96 10.42
C ASN F 99 -4.83 5.21 10.38
N ALA F 100 -5.61 4.16 10.11
CA ALA F 100 -7.05 4.37 10.02
C ALA F 100 -7.60 4.79 11.37
N GLU F 101 -7.10 4.15 12.44
CA GLU F 101 -7.62 4.50 13.74
C GLU F 101 -7.26 5.93 14.06
N LEU F 102 -6.01 6.30 13.79
CA LEU F 102 -5.60 7.64 14.13
C LEU F 102 -6.31 8.63 13.24
N LEU F 103 -6.51 8.27 11.98
CA LEU F 103 -7.17 9.19 11.07
C LEU F 103 -8.57 9.46 11.58
N VAL F 104 -9.28 8.39 11.95
CA VAL F 104 -10.64 8.58 12.41
C VAL F 104 -10.63 9.39 13.68
N LEU F 105 -9.72 9.04 14.59
CA LEU F 105 -9.70 9.74 15.87
C LEU F 105 -9.31 11.19 15.64
N LEU F 106 -8.34 11.43 14.77
CA LEU F 106 -7.92 12.81 14.57
C LEU F 106 -9.02 13.57 13.86
N GLU F 107 -9.67 12.93 12.89
CA GLU F 107 -10.71 13.66 12.19
C GLU F 107 -11.86 13.95 13.12
N ASN F 108 -12.14 13.03 14.03
CA ASN F 108 -13.26 13.26 14.91
C ASN F 108 -12.95 14.38 15.87
N GLU F 109 -11.70 14.44 16.34
CA GLU F 109 -11.33 15.50 17.25
C GLU F 109 -11.49 16.82 16.54
N ARG F 110 -10.99 16.87 15.31
CA ARG F 110 -11.01 18.12 14.58
C ARG F 110 -12.44 18.49 14.25
N THR F 111 -13.25 17.48 13.90
CA THR F 111 -14.63 17.77 13.55
C THR F 111 -15.34 18.38 14.74
N LEU F 112 -15.12 17.81 15.93
CA LEU F 112 -15.83 18.36 17.07
C LEU F 112 -15.33 19.75 17.38
N ASP F 113 -14.01 19.97 17.30
CA ASP F 113 -13.51 21.31 17.57
C ASP F 113 -13.99 22.26 16.50
N TYR F 114 -14.03 21.78 15.25
CA TYR F 114 -14.50 22.62 14.16
C TYR F 114 -15.91 23.07 14.45
N HIS F 115 -16.76 22.15 14.88
CA HIS F 115 -18.15 22.52 15.12
C HIS F 115 -18.22 23.48 16.29
N ASP F 116 -17.42 23.24 17.32
CA ASP F 116 -17.48 24.12 18.47
C ASP F 116 -17.01 25.52 18.08
N SER F 117 -16.02 25.58 17.19
CA SER F 117 -15.53 26.89 16.75
C SER F 117 -16.65 27.66 16.09
N ASN F 118 -17.43 26.99 15.24
CA ASN F 118 -18.47 27.70 14.53
C ASN F 118 -19.51 28.23 15.50
N VAL F 119 -19.84 27.46 16.55
CA VAL F 119 -20.85 27.98 17.46
C VAL F 119 -20.28 29.13 18.24
N LYS F 120 -19.01 29.03 18.63
CA LYS F 120 -18.38 30.16 19.30
C LYS F 120 -18.32 31.34 18.35
N ASN F 121 -18.05 31.06 17.07
CA ASN F 121 -18.01 32.13 16.09
C ASN F 121 -19.37 32.80 16.01
N LEU F 122 -20.44 32.02 16.09
CA LEU F 122 -21.77 32.60 16.05
C LEU F 122 -21.99 33.50 17.26
N TYR F 123 -21.47 33.05 18.41
CA TYR F 123 -21.61 33.86 19.61
C TYR F 123 -20.87 35.17 19.39
N GLU F 124 -19.65 35.08 18.87
CA GLU F 124 -18.88 36.29 18.59
C GLU F 124 -19.57 37.10 17.51
N LYS F 125 -20.15 36.40 16.52
CA LYS F 125 -20.87 37.10 15.46
C LYS F 125 -21.96 37.97 16.05
N VAL F 126 -22.70 37.44 17.02
CA VAL F 126 -23.71 38.27 17.65
C VAL F 126 -23.05 39.33 18.51
N ARG F 127 -22.02 38.95 19.28
CA ARG F 127 -21.42 39.86 20.25
C ARG F 127 -20.87 41.11 19.57
N ASN F 128 -20.08 40.91 18.52
CA ASN F 128 -19.47 42.07 17.86
C ASN F 128 -20.52 42.89 17.16
N GLN F 129 -21.63 42.27 16.76
CA GLN F 129 -22.69 43.02 16.10
C GLN F 129 -23.44 43.89 17.08
N LEU F 130 -23.64 43.42 18.31
CA LEU F 130 -24.49 44.19 19.22
C LEU F 130 -23.77 45.41 19.83
N LYS F 131 -22.45 45.37 19.98
CA LYS F 131 -21.67 46.54 20.42
C LYS F 131 -22.22 47.19 21.70
N ASN F 132 -22.42 46.35 22.72
CA ASN F 132 -22.94 46.71 24.04
C ASN F 132 -24.39 47.23 24.03
N ASN F 133 -25.21 46.72 23.12
CA ASN F 133 -26.65 47.00 23.11
C ASN F 133 -27.47 45.91 23.78
N ALA F 134 -26.84 44.92 24.40
CA ALA F 134 -27.56 43.83 25.08
C ALA F 134 -26.69 43.31 26.21
N LYS F 135 -27.34 42.71 27.22
CA LYS F 135 -26.62 42.14 28.34
C LYS F 135 -26.15 40.73 28.00
N GLU F 136 -24.85 40.52 28.15
CA GLU F 136 -24.26 39.20 28.02
C GLU F 136 -24.50 38.43 29.30
N ILE F 137 -25.05 37.22 29.18
CA ILE F 137 -25.39 36.43 30.36
C ILE F 137 -24.21 35.58 30.81
N GLY F 138 -23.47 34.98 29.87
CA GLY F 138 -22.33 34.15 30.18
C GLY F 138 -22.60 32.67 30.07
N ASN F 139 -23.85 32.27 29.84
CA ASN F 139 -24.26 30.89 29.69
C ASN F 139 -24.54 30.56 28.22
N GLY F 140 -24.05 31.41 27.31
CA GLY F 140 -24.32 31.27 25.90
C GLY F 140 -25.53 32.05 25.43
N CYS F 141 -26.24 32.72 26.33
CA CYS F 141 -27.47 33.45 26.04
C CYS F 141 -27.24 34.95 26.18
N PHE F 142 -28.11 35.72 25.52
CA PHE F 142 -28.11 37.17 25.58
C PHE F 142 -29.49 37.67 25.95
N GLU F 143 -29.56 38.66 26.84
CA GLU F 143 -30.82 39.30 27.21
C GLU F 143 -30.77 40.74 26.73
N PHE F 144 -31.71 41.10 25.87
CA PHE F 144 -31.70 42.43 25.28
C PHE F 144 -32.10 43.47 26.33
N TYR F 145 -31.44 44.63 26.30
CA TYR F 145 -31.84 45.70 27.22
C TYR F 145 -33.04 46.44 26.67
N HIS F 146 -32.99 46.75 25.39
CA HIS F 146 -34.02 47.44 24.64
C HIS F 146 -35.09 46.47 24.11
N LYS F 147 -36.26 47.04 23.84
CA LYS F 147 -37.33 46.28 23.20
C LYS F 147 -36.97 45.95 21.76
N CYS F 148 -37.00 44.66 21.42
CA CYS F 148 -36.63 44.16 20.10
C CYS F 148 -37.82 43.41 19.50
N ASP F 149 -38.31 43.89 18.37
CA ASP F 149 -39.44 43.26 17.70
C ASP F 149 -38.95 42.09 16.85
N ASN F 150 -39.87 41.41 16.16
CA ASN F 150 -39.45 40.28 15.34
C ASN F 150 -38.63 40.74 14.14
N THR F 151 -38.92 41.91 13.57
CA THR F 151 -38.09 42.41 12.49
C THR F 151 -36.66 42.64 12.98
N CYS F 152 -36.53 43.23 14.18
CA CYS F 152 -35.22 43.40 14.81
C CYS F 152 -34.55 42.04 14.99
N MET F 153 -35.31 41.05 15.47
CA MET F 153 -34.76 39.72 15.66
C MET F 153 -34.27 39.14 14.34
N GLU F 154 -35.03 39.36 13.27
CA GLU F 154 -34.63 38.84 11.97
C GLU F 154 -33.38 39.55 11.48
N SER F 155 -33.27 40.85 11.79
CA SER F 155 -32.07 41.59 11.43
C SER F 155 -30.86 41.01 12.12
N VAL F 156 -31.02 40.57 13.38
CA VAL F 156 -29.91 39.93 14.07
C VAL F 156 -29.61 38.57 13.42
N LYS F 157 -30.65 37.76 13.19
CA LYS F 157 -30.42 36.45 12.55
C LYS F 157 -29.78 36.60 11.18
N ASN F 158 -30.18 37.61 10.43
CA ASN F 158 -29.69 37.82 9.07
C ASN F 158 -28.29 38.46 9.06
N GLY F 159 -27.80 38.92 10.20
CA GLY F 159 -26.50 39.56 10.27
C GLY F 159 -26.46 40.99 9.80
N THR F 160 -27.58 41.71 9.84
CA THR F 160 -27.67 43.10 9.41
C THR F 160 -28.42 43.93 10.45
N TYR F 161 -27.89 43.95 11.68
CA TYR F 161 -28.51 44.64 12.79
C TYR F 161 -27.60 45.77 13.25
N ASP F 162 -28.21 46.90 13.55
CA ASP F 162 -27.50 48.13 13.89
C ASP F 162 -27.73 48.47 15.36
N TYR F 163 -26.64 48.63 16.10
CA TYR F 163 -26.71 49.15 17.47
C TYR F 163 -27.26 50.57 17.55
N PRO F 164 -26.96 51.49 16.62
CA PRO F 164 -27.51 52.86 16.74
C PRO F 164 -29.02 52.93 16.76
N LYS F 165 -29.70 52.03 16.04
CA LYS F 165 -31.14 52.14 15.79
C LYS F 165 -31.95 52.25 17.07
N TYR F 166 -31.59 51.49 18.11
CA TYR F 166 -32.17 51.64 19.43
C TYR F 166 -31.05 51.77 20.47
N SER F 167 -30.17 52.75 20.26
CA SER F 167 -29.02 52.84 21.16
C SER F 167 -29.36 53.58 22.46
N GLU F 168 -30.08 54.70 22.36
CA GLU F 168 -30.32 55.51 23.56
C GLU F 168 -31.19 54.75 24.55
N GLU F 169 -32.17 54.00 24.04
CA GLU F 169 -33.04 53.25 24.93
C GLU F 169 -32.24 52.25 25.73
N ALA F 170 -31.29 51.58 25.08
CA ALA F 170 -30.49 50.60 25.79
C ALA F 170 -29.70 51.28 26.90
N LYS F 171 -29.17 52.47 26.61
CA LYS F 171 -28.43 53.19 27.63
C LYS F 171 -29.34 53.52 28.81
N LEU F 172 -30.58 53.92 28.51
CA LEU F 172 -31.51 54.22 29.59
C LEU F 172 -31.79 52.96 30.39
N ASN F 173 -31.94 51.83 29.70
CA ASN F 173 -32.21 50.59 30.41
C ASN F 173 -30.98 50.15 31.20
N ARG F 174 -29.79 50.60 30.79
CA ARG F 174 -28.61 50.31 31.60
C ARG F 174 -28.64 51.16 32.87
N GLU F 175 -29.08 52.42 32.75
CA GLU F 175 -29.17 53.28 33.92
C GLU F 175 -30.19 52.74 34.91
N LYS F 176 -31.27 52.14 34.41
CA LYS F 176 -32.33 51.61 35.26
C LYS F 176 -31.84 50.48 36.16
N ILE F 177 -30.70 49.86 35.84
CA ILE F 177 -30.10 48.74 36.59
C ILE F 177 -30.24 48.86 38.11
N VAL G 2 -42.05 15.17 -6.60
CA VAL G 2 -42.27 14.17 -7.64
C VAL G 2 -42.29 14.86 -9.00
N GLN G 3 -42.99 16.00 -9.10
CA GLN G 3 -43.16 16.71 -10.36
C GLN G 3 -42.76 18.17 -10.23
N LEU G 4 -42.35 18.72 -11.38
CA LEU G 4 -42.03 20.13 -11.54
C LEU G 4 -42.89 20.68 -12.67
N VAL G 5 -43.59 21.78 -12.41
CA VAL G 5 -44.54 22.38 -13.35
C VAL G 5 -44.05 23.78 -13.70
N GLN G 6 -43.87 24.02 -15.00
CA GLN G 6 -43.41 25.30 -15.52
C GLN G 6 -44.60 26.19 -15.87
N SER G 7 -44.39 27.49 -15.78
CA SER G 7 -45.42 28.44 -16.18
C SER G 7 -45.61 28.44 -17.70
N GLY G 8 -46.70 29.07 -18.14
CA GLY G 8 -47.00 29.14 -19.55
C GLY G 8 -46.00 29.95 -20.35
N ALA G 9 -45.86 29.58 -21.63
CA ALA G 9 -44.95 30.27 -22.52
C ALA G 9 -45.48 31.64 -22.91
N GLU G 10 -44.56 32.55 -23.23
CA GLU G 10 -44.91 33.88 -23.70
C GLU G 10 -43.84 34.35 -24.67
N VAL G 11 -44.19 35.34 -25.49
CA VAL G 11 -43.26 35.91 -26.46
C VAL G 11 -42.97 37.34 -26.02
N LYS G 12 -41.68 37.65 -25.85
CA LYS G 12 -41.23 38.97 -25.43
C LYS G 12 -40.39 39.62 -26.53
N LYS G 13 -40.35 41.02 -26.52
CA LYS G 13 -39.51 41.84 -27.36
C LYS G 13 -38.16 42.13 -26.68
N PRO G 14 -37.08 42.31 -27.46
CA PRO G 14 -35.76 42.65 -26.86
C PRO G 14 -35.73 43.89 -25.96
N GLY G 15 -34.97 43.75 -24.86
CA GLY G 15 -34.75 44.78 -23.84
C GLY G 15 -35.59 44.64 -22.58
N ALA G 16 -36.63 43.83 -22.63
CA ALA G 16 -37.53 43.53 -21.53
C ALA G 16 -36.89 42.55 -20.55
N SER G 17 -37.51 42.39 -19.39
CA SER G 17 -37.12 41.37 -18.41
C SER G 17 -38.24 40.33 -18.39
N VAL G 18 -37.89 39.07 -18.11
CA VAL G 18 -38.88 37.99 -18.05
C VAL G 18 -38.82 37.23 -16.73
N LYS G 19 -40.01 36.96 -16.18
CA LYS G 19 -40.22 36.17 -14.97
C LYS G 19 -40.66 34.74 -15.30
N VAL G 20 -39.84 33.76 -14.90
CA VAL G 20 -40.07 32.33 -15.14
C VAL G 20 -40.34 31.64 -13.80
N SER G 21 -41.48 30.97 -13.66
CA SER G 21 -41.86 30.29 -12.42
C SER G 21 -41.76 28.77 -12.55
N CYS G 22 -41.31 28.11 -11.48
CA CYS G 22 -41.25 26.64 -11.38
C CYS G 22 -41.86 26.16 -10.07
N LYS G 23 -43.02 25.51 -10.17
CA LYS G 23 -43.71 24.95 -9.00
C LYS G 23 -43.30 23.49 -8.82
N ALA G 24 -42.90 23.13 -7.61
CA ALA G 24 -42.44 21.77 -7.29
C ALA G 24 -43.42 21.10 -6.33
N SER G 25 -43.60 19.79 -6.50
CA SER G 25 -44.47 19.06 -5.57
C SER G 25 -44.06 17.60 -5.49
N GLY G 26 -44.54 16.95 -4.43
CA GLY G 26 -44.36 15.54 -4.17
C GLY G 26 -43.21 15.21 -3.23
N TYR G 27 -42.42 16.22 -2.83
CA TYR G 27 -41.29 16.02 -1.95
C TYR G 27 -41.12 17.28 -1.13
N THR G 28 -40.37 17.16 -0.03
CA THR G 28 -40.10 18.35 0.78
C THR G 28 -39.30 19.35 -0.05
N PHE G 29 -39.90 20.52 -0.24
CA PHE G 29 -39.33 21.52 -1.15
C PHE G 29 -37.96 21.98 -0.69
N THR G 30 -37.79 22.23 0.61
CA THR G 30 -36.58 22.87 1.12
C THR G 30 -35.44 21.90 1.40
N SER G 31 -35.56 20.63 1.04
CA SER G 31 -34.42 19.73 1.17
C SER G 31 -33.51 19.81 -0.05
N TYR G 32 -34.06 20.14 -1.21
CA TYR G 32 -33.35 20.11 -2.48
C TYR G 32 -33.19 21.50 -3.07
N GLY G 33 -32.07 21.70 -3.77
CA GLY G 33 -31.89 22.91 -4.55
C GLY G 33 -32.62 22.79 -5.87
N ILE G 34 -32.76 23.92 -6.56
CA ILE G 34 -33.41 23.97 -7.87
C ILE G 34 -32.46 24.64 -8.85
N SER G 35 -32.25 23.98 -9.98
CA SER G 35 -31.39 24.46 -11.05
C SER G 35 -32.22 24.75 -12.31
N TRP G 36 -31.66 25.63 -13.13
CA TRP G 36 -32.15 25.95 -14.46
C TRP G 36 -31.11 25.69 -15.52
N VAL G 37 -31.59 25.07 -16.61
CA VAL G 37 -30.78 24.68 -17.75
C VAL G 37 -31.47 25.22 -19.00
N ARG G 38 -30.69 25.80 -19.91
CA ARG G 38 -31.22 26.38 -21.14
C ARG G 38 -30.97 25.39 -22.27
N GLN G 39 -31.93 25.28 -23.19
CA GLN G 39 -31.77 24.47 -24.40
C GLN G 39 -32.24 25.25 -25.63
N ALA G 40 -31.32 25.81 -26.39
CA ALA G 40 -31.69 26.51 -27.60
C ALA G 40 -32.12 25.46 -28.63
N PRO G 41 -32.86 25.86 -29.66
CA PRO G 41 -33.12 24.90 -30.76
C PRO G 41 -31.79 24.41 -31.31
N GLY G 42 -31.61 23.09 -31.27
CA GLY G 42 -30.36 22.50 -31.69
C GLY G 42 -29.30 22.69 -30.59
N GLN G 43 -28.03 22.54 -30.98
CA GLN G 43 -26.88 22.68 -30.08
C GLN G 43 -27.10 21.66 -28.96
N GLY G 44 -27.00 22.05 -27.70
CA GLY G 44 -27.26 21.14 -26.59
C GLY G 44 -27.54 21.93 -25.33
N LEU G 45 -27.53 21.23 -24.20
CA LEU G 45 -27.80 21.88 -22.92
C LEU G 45 -26.59 22.62 -22.40
N GLU G 46 -26.79 23.87 -22.00
CA GLU G 46 -25.78 24.65 -21.32
C GLU G 46 -26.47 25.10 -20.04
N TRP G 47 -25.77 24.99 -18.93
CA TRP G 47 -26.32 25.32 -17.62
C TRP G 47 -26.48 26.81 -17.42
N MET G 48 -27.66 27.17 -16.90
CA MET G 48 -28.12 28.53 -16.66
C MET G 48 -27.88 29.00 -15.24
N GLY G 49 -28.14 28.15 -14.24
CA GLY G 49 -27.94 28.60 -12.87
C GLY G 49 -28.45 27.59 -11.88
N TRP G 50 -28.13 27.86 -10.62
CA TRP G 50 -28.58 27.04 -9.50
C TRP G 50 -28.89 27.93 -8.32
N ILE G 51 -29.99 27.63 -7.63
CA ILE G 51 -30.38 28.33 -6.41
C ILE G 51 -30.65 27.28 -5.34
N SER G 52 -30.13 27.52 -4.14
CA SER G 52 -30.40 26.65 -3.01
C SER G 52 -31.73 27.05 -2.40
N ALA G 53 -32.74 26.18 -2.53
CA ALA G 53 -34.05 26.48 -1.99
C ALA G 53 -34.01 26.64 -0.48
N TYR G 54 -33.11 25.91 0.19
CA TYR G 54 -33.07 25.87 1.63
C TYR G 54 -32.45 27.16 2.19
N THR G 55 -31.30 27.55 1.63
CA THR G 55 -30.50 28.64 2.17
C THR G 55 -30.62 29.95 1.41
N GLY G 56 -31.08 29.91 0.16
CA GLY G 56 -31.12 31.10 -0.66
C GLY G 56 -29.83 31.39 -1.41
N ASN G 57 -28.83 30.52 -1.31
CA ASN G 57 -27.58 30.73 -2.02
C ASN G 57 -27.79 30.47 -3.51
N THR G 58 -27.10 31.23 -4.34
CA THR G 58 -27.19 31.08 -5.79
C THR G 58 -25.80 30.98 -6.41
N ASN G 59 -25.78 30.45 -7.62
CA ASN G 59 -24.57 30.36 -8.43
C ASN G 59 -24.99 30.49 -9.89
N TYR G 60 -24.30 31.35 -10.64
CA TYR G 60 -24.64 31.63 -12.03
C TYR G 60 -23.42 31.45 -12.91
N ALA G 61 -23.69 31.19 -14.19
CA ALA G 61 -22.62 31.11 -15.19
C ALA G 61 -21.83 32.41 -15.23
N GLN G 62 -20.50 32.29 -15.29
CA GLN G 62 -19.66 33.48 -15.21
C GLN G 62 -19.89 34.42 -16.39
N LYS G 63 -20.09 33.87 -17.58
CA LYS G 63 -20.28 34.73 -18.76
C LYS G 63 -21.64 35.44 -18.73
N LEU G 64 -22.60 34.96 -17.93
CA LEU G 64 -23.94 35.54 -17.81
C LEU G 64 -24.14 36.36 -16.54
N GLN G 65 -23.09 36.55 -15.74
CA GLN G 65 -23.25 37.22 -14.45
C GLN G 65 -23.76 38.65 -14.62
N GLY G 66 -24.74 39.01 -13.79
CA GLY G 66 -25.36 40.32 -13.79
C GLY G 66 -26.70 40.43 -14.50
N ARG G 67 -27.08 39.46 -15.33
CA ARG G 67 -28.38 39.49 -16.01
C ARG G 67 -29.35 38.41 -15.55
N VAL G 68 -28.91 37.44 -14.74
CA VAL G 68 -29.77 36.35 -14.29
C VAL G 68 -29.82 36.40 -12.77
N THR G 69 -31.03 36.53 -12.21
CA THR G 69 -31.21 36.53 -10.75
C THR G 69 -32.34 35.56 -10.41
N MET G 70 -32.16 34.77 -9.35
CA MET G 70 -33.19 33.84 -8.90
C MET G 70 -33.56 34.04 -7.44
N THR G 71 -34.84 33.79 -7.16
CA THR G 71 -35.38 33.81 -5.82
C THR G 71 -36.25 32.58 -5.65
N THR G 72 -36.54 32.24 -4.40
CA THR G 72 -37.43 31.13 -4.08
C THR G 72 -38.43 31.62 -3.05
N ASP G 73 -39.71 31.31 -3.29
CA ASP G 73 -40.79 31.61 -2.34
C ASP G 73 -41.17 30.28 -1.72
N THR G 74 -40.77 30.08 -0.46
CA THR G 74 -40.96 28.81 0.24
C THR G 74 -42.33 28.68 0.89
N SER G 75 -43.14 29.74 0.90
CA SER G 75 -44.48 29.65 1.46
C SER G 75 -45.46 29.20 0.40
N THR G 76 -45.17 29.52 -0.86
CA THR G 76 -45.93 29.10 -2.02
C THR G 76 -45.28 27.90 -2.71
N SER G 77 -44.03 27.58 -2.33
CA SER G 77 -43.28 26.48 -2.93
C SER G 77 -43.05 26.68 -4.42
N THR G 78 -42.68 27.92 -4.81
CA THR G 78 -42.41 28.22 -6.21
C THR G 78 -41.11 28.99 -6.34
N ALA G 79 -40.27 28.57 -7.30
CA ALA G 79 -39.02 29.27 -7.59
C ALA G 79 -39.25 30.24 -8.74
N TYR G 80 -38.57 31.39 -8.69
CA TYR G 80 -38.67 32.45 -9.69
C TYR G 80 -37.31 32.79 -10.27
N MET G 81 -37.30 33.04 -11.58
CA MET G 81 -36.14 33.47 -12.34
C MET G 81 -36.43 34.77 -13.06
N GLU G 82 -35.55 35.74 -12.90
CA GLU G 82 -35.62 37.02 -13.60
C GLU G 82 -34.47 37.03 -14.60
N LEU G 83 -34.82 37.15 -15.88
CA LEU G 83 -33.87 37.22 -16.98
C LEU G 83 -33.91 38.62 -17.58
N ARG G 84 -32.83 39.36 -17.40
CA ARG G 84 -32.75 40.74 -17.86
C ARG G 84 -32.11 40.82 -19.24
N SER G 85 -32.46 41.88 -19.97
CA SER G 85 -31.85 42.25 -21.25
C SER G 85 -31.84 41.11 -22.26
N LEU G 86 -33.01 40.53 -22.50
CA LEU G 86 -33.11 39.41 -23.43
C LEU G 86 -32.72 39.85 -24.83
N ARG G 87 -31.98 38.99 -25.53
CA ARG G 87 -31.61 39.22 -26.93
C ARG G 87 -32.24 38.09 -27.75
N SER G 88 -32.36 38.32 -29.06
CA SER G 88 -33.03 37.36 -29.94
C SER G 88 -32.35 36.01 -30.02
N ASP G 89 -31.04 35.93 -29.78
CA ASP G 89 -30.38 34.63 -29.79
C ASP G 89 -30.73 33.80 -28.55
N ASP G 90 -31.42 34.37 -27.57
CA ASP G 90 -31.74 33.70 -26.31
C ASP G 90 -33.05 32.92 -26.36
N THR G 91 -33.67 32.80 -27.53
CA THR G 91 -34.85 31.95 -27.63
C THR G 91 -34.45 30.51 -27.35
N ALA G 92 -35.14 29.88 -26.40
CA ALA G 92 -34.79 28.54 -25.97
C ALA G 92 -35.88 28.02 -25.05
N VAL G 93 -35.86 26.70 -24.83
CA VAL G 93 -36.70 26.05 -23.83
C VAL G 93 -35.86 25.91 -22.56
N TYR G 94 -36.34 26.46 -21.45
CA TYR G 94 -35.65 26.37 -20.18
C TYR G 94 -36.28 25.24 -19.37
N TYR G 95 -35.43 24.48 -18.68
CA TYR G 95 -35.89 23.38 -17.85
C TYR G 95 -35.50 23.64 -16.39
N CYS G 96 -36.41 23.23 -15.51
CA CYS G 96 -36.26 23.29 -14.06
C CYS G 96 -35.91 21.89 -13.58
N ALA G 97 -34.91 21.78 -12.70
CA ALA G 97 -34.50 20.48 -12.20
C ALA G 97 -34.11 20.53 -10.73
N ARG G 98 -34.29 19.40 -10.06
CA ARG G 98 -33.91 19.25 -8.67
C ARG G 98 -32.42 18.98 -8.59
N GLY G 99 -31.71 19.79 -7.80
CA GLY G 99 -30.26 19.72 -7.75
C GLY G 99 -29.70 19.19 -6.46
N LEU G 100 -28.52 19.68 -6.09
CA LEU G 100 -27.82 19.21 -4.90
C LEU G 100 -28.68 19.50 -3.67
N LEU G 101 -28.82 18.51 -2.78
CA LEU G 101 -29.63 18.74 -1.59
C LEU G 101 -28.81 19.36 -0.48
N GLN G 102 -29.53 20.04 0.40
CA GLN G 102 -28.97 20.80 1.50
C GLN G 102 -29.38 20.18 2.81
N GLY G 103 -28.60 20.44 3.87
CA GLY G 103 -28.98 20.08 5.22
C GLY G 103 -28.48 18.76 5.76
N VAL G 104 -27.99 17.83 4.93
CA VAL G 104 -27.43 16.58 5.42
C VAL G 104 -26.14 16.31 4.63
N VAL G 105 -25.32 15.42 5.17
CA VAL G 105 -24.10 15.00 4.50
C VAL G 105 -24.44 14.13 3.30
N ILE G 106 -23.84 14.45 2.17
CA ILE G 106 -24.10 13.77 0.91
C ILE G 106 -22.98 12.76 0.69
N LEU G 107 -23.30 11.47 0.81
CA LEU G 107 -22.33 10.41 0.54
C LEU G 107 -22.57 9.76 -0.80
N ASP G 108 -23.81 9.72 -1.25
CA ASP G 108 -24.16 9.05 -2.50
C ASP G 108 -23.86 9.98 -3.68
N SER G 109 -23.66 9.37 -4.84
CA SER G 109 -23.45 10.13 -6.06
C SER G 109 -24.76 10.64 -6.65
N TYR G 110 -25.89 10.03 -6.27
CA TYR G 110 -27.19 10.39 -6.84
C TYR G 110 -27.48 11.88 -6.73
N TYR G 111 -27.17 12.47 -5.59
CA TYR G 111 -27.70 13.79 -5.34
C TYR G 111 -26.89 14.90 -6.00
N TYR G 112 -25.86 14.57 -6.76
CA TYR G 112 -25.10 15.55 -7.52
C TYR G 112 -25.63 15.66 -8.93
N THR G 113 -26.78 15.04 -9.22
CA THR G 113 -27.39 14.94 -10.53
C THR G 113 -28.76 15.61 -10.54
N MET G 114 -29.30 15.76 -11.75
CA MET G 114 -30.61 16.35 -11.98
C MET G 114 -31.57 15.19 -12.22
N ASP G 115 -32.39 14.86 -11.23
CA ASP G 115 -33.24 13.67 -11.36
C ASP G 115 -34.59 13.98 -12.00
N VAL G 116 -35.38 14.88 -11.39
CA VAL G 116 -36.69 15.23 -11.93
C VAL G 116 -36.55 16.51 -12.75
N TRP G 117 -37.11 16.50 -13.95
CA TRP G 117 -37.08 17.64 -14.87
C TRP G 117 -38.51 18.04 -15.21
N GLY G 118 -38.71 19.34 -15.46
CA GLY G 118 -40.02 19.85 -15.84
C GLY G 118 -40.28 19.76 -17.34
N GLN G 119 -41.46 20.26 -17.72
CA GLN G 119 -41.89 20.16 -19.12
C GLN G 119 -41.14 21.12 -20.03
N GLY G 120 -40.80 22.30 -19.55
CA GLY G 120 -40.18 23.34 -20.36
C GLY G 120 -41.13 24.49 -20.62
N THR G 121 -40.61 25.72 -20.50
CA THR G 121 -41.43 26.93 -20.62
C THR G 121 -41.49 27.45 -22.06
N THR G 122 -40.68 26.92 -22.97
CA THR G 122 -40.57 27.31 -24.38
C THR G 122 -40.75 28.82 -24.63
N VAL G 123 -39.84 29.59 -24.05
CA VAL G 123 -39.89 31.05 -24.19
C VAL G 123 -39.27 31.42 -25.54
N THR G 124 -39.98 32.25 -26.29
CA THR G 124 -39.55 32.68 -27.62
C THR G 124 -39.26 34.17 -27.58
N VAL G 125 -38.13 34.56 -28.15
CA VAL G 125 -37.70 35.96 -28.22
C VAL G 125 -37.53 36.30 -29.69
N SER G 126 -38.22 37.34 -30.14
CA SER G 126 -38.18 37.74 -31.54
C SER G 126 -38.58 39.21 -31.70
N ILE H 2 -14.16 24.08 -16.79
CA ILE H 2 -13.99 22.70 -17.24
C ILE H 2 -14.92 22.46 -18.43
N VAL H 3 -14.42 21.73 -19.42
CA VAL H 3 -15.19 21.35 -20.59
C VAL H 3 -15.02 19.86 -20.85
N LEU H 4 -15.96 19.30 -21.60
CA LEU H 4 -15.91 17.93 -22.06
C LEU H 4 -16.09 17.90 -23.57
N THR H 5 -15.48 16.89 -24.21
CA THR H 5 -15.62 16.66 -25.63
C THR H 5 -16.34 15.32 -25.83
N GLN H 6 -17.47 15.37 -26.54
CA GLN H 6 -18.26 14.16 -26.75
C GLN H 6 -17.55 13.17 -27.67
N SER H 7 -16.87 13.67 -28.71
CA SER H 7 -16.24 12.88 -29.77
C SER H 7 -17.10 11.69 -30.20
N PRO H 8 -18.33 11.92 -30.64
CA PRO H 8 -19.26 10.80 -30.84
C PRO H 8 -18.82 9.88 -31.96
N GLY H 9 -18.91 8.58 -31.69
CA GLY H 9 -18.60 7.54 -32.66
C GLY H 9 -19.80 6.69 -33.04
N THR H 10 -21.00 7.12 -32.64
CA THR H 10 -22.24 6.38 -32.83
C THR H 10 -23.26 7.17 -33.64
N LEU H 11 -22.77 7.99 -34.58
CA LEU H 11 -23.68 8.87 -35.33
C LEU H 11 -24.71 8.09 -36.15
N SER H 12 -24.33 6.94 -36.71
CA SER H 12 -25.27 6.14 -37.49
C SER H 12 -25.02 4.65 -37.28
N LEU H 13 -26.04 3.96 -36.78
CA LEU H 13 -25.94 2.53 -36.49
C LEU H 13 -27.36 1.96 -36.45
N SER H 14 -27.44 0.60 -36.50
CA SER H 14 -28.71 -0.13 -36.53
C SER H 14 -29.10 -0.61 -35.14
N PRO H 15 -30.39 -0.80 -34.87
CA PRO H 15 -30.77 -1.48 -33.61
C PRO H 15 -30.20 -2.89 -33.50
N GLY H 16 -29.89 -3.29 -32.27
CA GLY H 16 -29.36 -4.61 -31.98
C GLY H 16 -27.86 -4.69 -31.78
N GLU H 17 -27.10 -3.61 -32.06
CA GLU H 17 -25.65 -3.61 -31.93
C GLU H 17 -25.20 -2.56 -30.94
N ARG H 18 -23.98 -2.77 -30.43
CA ARG H 18 -23.42 -1.91 -29.39
C ARG H 18 -23.20 -0.48 -29.88
N ALA H 19 -23.63 0.47 -29.04
CA ALA H 19 -23.40 1.90 -29.28
C ALA H 19 -22.22 2.27 -28.40
N THR H 20 -21.02 2.29 -28.98
CA THR H 20 -19.79 2.52 -28.23
C THR H 20 -19.51 4.01 -28.13
N LEU H 21 -20.40 4.69 -27.43
CA LEU H 21 -20.31 6.13 -27.20
C LEU H 21 -19.51 6.38 -25.94
N SER H 22 -18.66 7.40 -25.98
CA SER H 22 -17.82 7.73 -24.83
C SER H 22 -17.69 9.24 -24.75
N CYS H 23 -17.31 9.71 -23.56
CA CYS H 23 -17.14 11.12 -23.28
C CYS H 23 -15.74 11.28 -22.70
N ARG H 24 -15.07 12.38 -23.08
CA ARG H 24 -13.77 12.75 -22.54
C ARG H 24 -13.82 14.06 -21.76
N ALA H 25 -13.35 14.03 -20.52
CA ALA H 25 -13.26 15.23 -19.70
C ALA H 25 -11.93 15.92 -19.97
N SER H 26 -11.94 17.26 -19.93
CA SER H 26 -10.71 18.01 -20.10
C SER H 26 -9.76 17.90 -18.91
N GLN H 27 -10.26 17.51 -17.74
CA GLN H 27 -9.45 17.33 -16.54
C GLN H 27 -9.91 16.06 -15.85
N SER H 28 -9.00 15.44 -15.10
CA SER H 28 -9.39 14.28 -14.32
C SER H 28 -10.40 14.72 -13.26
N VAL H 29 -11.46 13.93 -13.10
CA VAL H 29 -12.51 14.20 -12.14
C VAL H 29 -12.83 12.95 -11.34
N SER H 30 -13.48 13.16 -10.20
CA SER H 30 -14.01 12.04 -9.43
C SER H 30 -15.15 11.39 -10.18
N SER H 31 -15.26 10.06 -10.07
CA SER H 31 -16.34 9.34 -10.72
C SER H 31 -17.70 9.67 -10.13
N SER H 32 -17.74 10.18 -8.90
CA SER H 32 -19.00 10.50 -8.24
C SER H 32 -19.69 11.75 -8.80
N TYR H 33 -18.99 12.55 -9.61
CA TYR H 33 -19.51 13.82 -10.11
C TYR H 33 -19.98 13.78 -11.56
N LEU H 34 -19.97 12.63 -12.23
CA LEU H 34 -20.39 12.52 -13.61
C LEU H 34 -21.73 11.79 -13.71
N ALA H 35 -22.58 12.23 -14.63
CA ALA H 35 -23.86 11.57 -14.88
C ALA H 35 -24.19 11.62 -16.37
N TRP H 36 -25.00 10.67 -16.83
CA TRP H 36 -25.43 10.62 -18.24
C TRP H 36 -26.94 10.73 -18.35
N TYR H 37 -27.38 11.61 -19.25
CA TYR H 37 -28.77 11.97 -19.46
C TYR H 37 -29.22 11.58 -20.86
N GLN H 38 -30.50 11.27 -20.97
CA GLN H 38 -31.14 10.90 -22.23
C GLN H 38 -32.29 11.87 -22.46
N GLN H 39 -32.38 12.39 -23.68
CA GLN H 39 -33.51 13.26 -24.05
C GLN H 39 -34.03 12.88 -25.41
N LYS H 40 -35.29 12.46 -25.44
CA LYS H 40 -35.99 12.16 -26.67
C LYS H 40 -36.57 13.47 -27.22
N PRO H 41 -36.32 13.84 -28.48
CA PRO H 41 -36.93 15.08 -28.98
C PRO H 41 -38.44 15.05 -28.82
N GLY H 42 -38.98 16.16 -28.33
CA GLY H 42 -40.39 16.29 -28.03
C GLY H 42 -40.75 16.01 -26.58
N GLN H 43 -39.82 15.44 -25.80
CA GLN H 43 -40.03 15.11 -24.40
C GLN H 43 -38.96 15.77 -23.55
N ALA H 44 -39.28 15.99 -22.28
CA ALA H 44 -38.31 16.50 -21.34
C ALA H 44 -37.20 15.46 -21.10
N PRO H 45 -35.99 15.91 -20.73
CA PRO H 45 -34.90 14.94 -20.48
C PRO H 45 -35.13 14.17 -19.20
N ARG H 46 -34.46 13.02 -19.12
CA ARG H 46 -34.46 12.17 -17.94
C ARG H 46 -33.05 11.72 -17.63
N LEU H 47 -32.83 11.34 -16.37
CA LEU H 47 -31.52 10.85 -15.94
C LEU H 47 -31.38 9.38 -16.30
N LEU H 48 -30.18 9.01 -16.76
CA LEU H 48 -29.87 7.61 -17.06
C LEU H 48 -28.88 6.97 -16.11
N ILE H 49 -27.74 7.62 -15.81
CA ILE H 49 -26.72 7.02 -14.95
C ILE H 49 -26.32 8.08 -13.92
N TYR H 50 -26.16 7.64 -12.67
CA TYR H 50 -25.77 8.50 -11.54
C TYR H 50 -24.36 8.08 -11.08
N GLY H 51 -23.37 8.61 -11.77
CA GLY H 51 -22.01 8.19 -11.47
C GLY H 51 -21.55 7.15 -12.47
N ALA H 52 -20.26 7.16 -12.77
CA ALA H 52 -19.73 6.22 -13.75
C ALA H 52 -19.93 4.77 -13.34
N SER H 53 -19.85 4.48 -12.04
CA SER H 53 -19.88 3.11 -11.56
C SER H 53 -21.25 2.47 -11.28
N SER H 54 -22.37 3.20 -11.22
CA SER H 54 -23.60 2.53 -10.80
C SER H 54 -24.85 3.19 -11.33
N ARG H 55 -25.92 2.37 -11.40
CA ARG H 55 -27.27 2.75 -11.82
C ARG H 55 -28.25 2.37 -10.72
N ALA H 56 -29.08 3.32 -10.29
CA ALA H 56 -30.06 3.07 -9.23
C ALA H 56 -31.38 3.81 -9.49
N THR H 57 -31.97 3.62 -10.67
CA THR H 57 -33.23 4.28 -10.99
C THR H 57 -34.16 3.32 -11.72
N GLY H 58 -35.34 3.83 -12.05
CA GLY H 58 -36.39 3.09 -12.73
C GLY H 58 -36.17 2.96 -14.21
N ILE H 59 -35.09 2.30 -14.62
CA ILE H 59 -34.70 2.22 -16.03
C ILE H 59 -34.31 0.79 -16.35
N PRO H 60 -34.54 0.36 -17.61
CA PRO H 60 -34.13 -1.01 -18.00
C PRO H 60 -32.66 -1.28 -17.74
N ASP H 61 -32.37 -2.55 -17.44
CA ASP H 61 -31.02 -2.98 -17.10
C ASP H 61 -30.03 -2.86 -18.26
N ARG H 62 -30.51 -2.58 -19.48
CA ARG H 62 -29.62 -2.42 -20.63
C ARG H 62 -28.66 -1.24 -20.50
N PHE H 63 -28.98 -0.23 -19.69
CA PHE H 63 -28.14 0.96 -19.57
C PHE H 63 -27.14 0.77 -18.44
N SER H 64 -25.86 0.65 -18.79
CA SER H 64 -24.81 0.43 -17.79
C SER H 64 -23.53 1.10 -18.26
N GLY H 65 -23.11 2.15 -17.55
CA GLY H 65 -21.94 2.92 -17.91
C GLY H 65 -20.71 2.49 -17.12
N SER H 66 -19.63 3.23 -17.34
CA SER H 66 -18.35 2.99 -16.67
C SER H 66 -17.45 4.18 -16.97
N GLY H 67 -16.28 4.21 -16.37
CA GLY H 67 -15.30 5.22 -16.69
C GLY H 67 -14.44 5.63 -15.51
N SER H 68 -13.32 6.27 -15.82
CA SER H 68 -12.38 6.71 -14.80
C SER H 68 -11.49 7.82 -15.35
N GLY H 69 -11.09 8.72 -14.45
CA GLY H 69 -10.17 9.77 -14.79
C GLY H 69 -10.80 10.77 -15.74
N THR H 70 -10.33 10.75 -16.98
CA THR H 70 -10.83 11.61 -18.04
C THR H 70 -11.65 10.85 -19.07
N ASP H 71 -11.64 9.52 -19.05
CA ASP H 71 -12.24 8.70 -20.10
C ASP H 71 -13.42 7.93 -19.53
N PHE H 72 -14.63 8.25 -20.00
CA PHE H 72 -15.85 7.65 -19.49
C PHE H 72 -16.66 7.12 -20.66
N THR H 73 -17.41 6.03 -20.44
CA THR H 73 -18.26 5.46 -21.48
C THR H 73 -19.64 5.12 -20.95
N LEU H 74 -20.60 5.11 -21.87
CA LEU H 74 -22.01 4.74 -21.65
C LEU H 74 -22.26 3.27 -21.99
N THR H 75 -21.74 2.83 -23.14
CA THR H 75 -21.78 1.45 -23.68
C THR H 75 -23.11 0.66 -23.60
N ILE H 76 -24.22 1.24 -24.08
CA ILE H 76 -25.53 0.62 -23.83
C ILE H 76 -25.58 -0.71 -24.60
N SER H 77 -25.82 -1.81 -23.87
CA SER H 77 -25.63 -3.16 -24.40
C SER H 77 -26.54 -3.53 -25.57
N ARG H 78 -27.81 -3.10 -25.58
CA ARG H 78 -28.71 -3.46 -26.68
C ARG H 78 -29.67 -2.32 -26.97
N LEU H 79 -29.83 -1.98 -28.25
CA LEU H 79 -30.63 -0.83 -28.60
C LEU H 79 -32.09 -1.23 -28.85
N GLU H 80 -32.95 -0.22 -28.84
CA GLU H 80 -34.38 -0.39 -29.05
C GLU H 80 -34.92 0.93 -29.60
N PRO H 81 -36.20 0.97 -30.00
CA PRO H 81 -36.70 2.23 -30.61
C PRO H 81 -36.63 3.42 -29.67
N GLU H 82 -37.03 3.25 -28.40
CA GLU H 82 -36.96 4.35 -27.44
C GLU H 82 -35.50 4.78 -27.24
N ASP H 83 -34.58 3.82 -27.30
CA ASP H 83 -33.18 4.06 -26.95
C ASP H 83 -32.56 5.16 -27.79
N PHE H 84 -32.96 5.28 -29.06
CA PHE H 84 -32.28 6.25 -29.91
C PHE H 84 -32.83 7.61 -29.50
N ALA H 85 -31.99 8.36 -28.81
CA ALA H 85 -32.30 9.70 -28.34
C ALA H 85 -30.99 10.37 -28.01
N VAL H 86 -31.02 11.70 -27.92
CA VAL H 86 -29.78 12.41 -27.68
C VAL H 86 -29.23 12.06 -26.29
N TYR H 87 -27.90 11.91 -26.18
CA TYR H 87 -27.22 11.67 -24.91
C TYR H 87 -26.33 12.84 -24.48
N TYR H 88 -26.38 13.18 -23.18
CA TYR H 88 -25.60 14.24 -22.55
C TYR H 88 -24.74 13.77 -21.38
N CYS H 89 -23.59 14.45 -21.21
CA CYS H 89 -22.67 14.31 -20.09
C CYS H 89 -22.88 15.46 -19.11
N GLN H 90 -23.11 15.15 -17.83
CA GLN H 90 -23.23 16.19 -16.80
C GLN H 90 -22.02 16.05 -15.89
N GLN H 91 -21.24 17.13 -15.72
CA GLN H 91 -20.08 17.12 -14.84
C GLN H 91 -20.24 18.17 -13.75
N TYR H 92 -20.18 17.73 -12.49
CA TYR H 92 -20.18 18.62 -11.34
C TYR H 92 -18.76 19.05 -11.01
N GLY H 93 -18.59 20.34 -10.75
CA GLY H 93 -17.30 20.91 -10.41
C GLY H 93 -17.12 20.96 -8.90
N SER H 94 -16.17 21.79 -8.46
CA SER H 94 -15.94 21.93 -7.03
C SER H 94 -16.94 22.89 -6.41
N SER H 95 -17.38 23.88 -7.17
CA SER H 95 -18.42 24.81 -6.76
C SER H 95 -19.77 24.21 -7.08
N PRO H 96 -20.87 24.78 -6.56
CA PRO H 96 -22.16 24.20 -6.98
C PRO H 96 -22.52 24.62 -8.41
N ARG H 97 -21.77 24.08 -9.36
CA ARG H 97 -21.91 24.39 -10.78
C ARG H 97 -21.79 23.09 -11.57
N TRP H 98 -22.61 22.98 -12.61
CA TRP H 98 -22.60 21.87 -13.55
C TRP H 98 -22.28 22.35 -14.96
N THR H 99 -21.59 21.49 -15.70
CA THR H 99 -21.26 21.75 -17.10
C THR H 99 -21.65 20.54 -17.94
N PHE H 100 -21.99 20.80 -19.21
CA PHE H 100 -22.41 19.75 -20.13
C PHE H 100 -21.55 19.66 -21.38
N GLY H 101 -21.50 18.45 -21.94
CA GLY H 101 -20.86 18.19 -23.21
C GLY H 101 -21.77 18.53 -24.38
N GLN H 102 -21.27 18.19 -25.58
CA GLN H 102 -22.02 18.51 -26.80
C GLN H 102 -23.15 17.52 -27.05
N GLY H 103 -22.94 16.24 -26.71
CA GLY H 103 -23.94 15.22 -26.94
C GLY H 103 -23.99 14.76 -28.40
N THR H 104 -24.83 13.76 -28.65
CA THR H 104 -25.01 13.28 -30.01
C THR H 104 -26.34 12.54 -30.15
N LYS H 105 -26.92 12.65 -31.35
CA LYS H 105 -28.11 11.93 -31.76
C LYS H 105 -27.77 10.65 -32.52
N LEU H 106 -28.48 9.56 -32.20
CA LEU H 106 -28.34 8.29 -32.91
C LEU H 106 -29.36 8.24 -34.04
N GLU H 107 -28.89 8.11 -35.28
CA GLU H 107 -29.77 7.98 -36.43
C GLU H 107 -30.24 6.53 -36.56
N ILE H 108 -31.55 6.36 -36.69
CA ILE H 108 -32.14 5.02 -36.82
C ILE H 108 -31.65 4.37 -38.10
C1 NAG I . 30.24 15.76 -11.14
C2 NAG I . 31.26 14.76 -10.61
C3 NAG I . 32.63 15.09 -11.20
C4 NAG I . 32.53 15.04 -12.72
C5 NAG I . 31.46 16.03 -13.19
C6 NAG I . 31.24 15.98 -14.68
C7 NAG I . 31.67 13.70 -8.43
C8 NAG I . 31.66 13.88 -6.95
N2 NAG I . 31.31 14.77 -9.15
O3 NAG I . 33.58 14.14 -10.73
O4 NAG I . 33.79 15.41 -13.29
O5 NAG I . 30.20 15.71 -12.57
O6 NAG I . 30.57 17.14 -15.15
O7 NAG I . 31.99 12.63 -8.96
C1 NAG J . 20.05 20.61 -8.37
C2 NAG J . 21.00 21.26 -9.38
C3 NAG J . 21.82 22.33 -8.69
C4 NAG J . 20.89 23.36 -8.05
C5 NAG J . 19.96 22.65 -7.08
C6 NAG J . 18.94 23.58 -6.46
C7 NAG J . 21.61 19.70 -11.18
C8 NAG J . 22.61 18.69 -11.66
N2 NAG J . 21.87 20.26 -9.99
O3 NAG J . 22.67 22.97 -9.65
O4 NAG J . 21.64 24.35 -7.37
O5 NAG J . 19.23 21.62 -7.76
O6 NAG J . 19.43 24.91 -6.40
O7 NAG J . 20.61 19.97 -11.82
C1 NAG K . -9.55 27.64 -9.49
C2 NAG K . -9.35 26.94 -10.83
C3 NAG K . -8.88 27.95 -11.86
C4 NAG K . -9.90 29.08 -11.97
C5 NAG K . -10.10 29.72 -10.60
C6 NAG K . -11.16 30.78 -10.59
C7 NAG K . -8.76 24.57 -10.53
C8 NAG K . -7.63 23.59 -10.42
N2 NAG K . -8.39 25.85 -10.71
O3 NAG K . -8.74 27.30 -13.13
O4 NAG K . -9.45 30.06 -12.89
O5 NAG K . -10.51 28.71 -9.65
O6 NAG K . -11.25 31.43 -11.86
O7 NAG K . -9.92 24.23 -10.44
C1 NAG L . 3.23 39.82 -10.51
C2 NAG L . 3.80 39.56 -11.90
C3 NAG L . 5.30 39.87 -11.90
C4 NAG L . 5.51 41.31 -11.46
C5 NAG L . 4.89 41.52 -10.08
C6 NAG L . 4.99 42.95 -9.60
C7 NAG L . 2.96 37.84 -13.45
C8 NAG L . 2.81 36.37 -13.69
N2 NAG L . 3.57 38.18 -12.31
O3 NAG L . 5.82 39.67 -13.20
O4 NAG L . 6.90 41.61 -11.42
O5 NAG L . 3.50 41.19 -10.12
O6 NAG L . 6.33 43.40 -9.57
O7 NAG L . 2.55 38.68 -14.25
C1 NAG M . 20.95 -8.83 -33.89
C2 NAG M . 21.11 -10.20 -34.52
C3 NAG M . 20.65 -10.15 -35.97
C4 NAG M . 19.20 -9.69 -36.02
C5 NAG M . 19.10 -8.31 -35.34
C6 NAG M . 17.68 -7.80 -35.28
C7 NAG M . 22.84 -11.88 -34.00
C8 NAG M . 24.31 -12.15 -33.96
N2 NAG M . 22.48 -10.65 -34.43
O3 NAG M . 20.76 -11.45 -36.54
O4 NAG M . 18.77 -9.59 -37.37
O5 NAG M . 19.58 -8.40 -34.00
O6 NAG M . 17.12 -7.65 -36.58
O7 NAG M . 22.01 -12.71 -33.66
C1 NAG N . 6.97 -16.08 33.43
C2 NAG N . 6.61 -17.06 32.33
C3 NAG N . 6.10 -18.35 32.94
C4 NAG N . 7.15 -18.93 33.89
C5 NAG N . 7.49 -17.90 34.95
C6 NAG N . 8.60 -18.34 35.88
C7 NAG N . 5.92 -15.89 30.28
C8 NAG N . 4.76 -15.37 29.49
N2 NAG N . 5.62 -16.50 31.43
O3 NAG N . 5.80 -19.30 31.92
O4 NAG N . 6.65 -20.11 34.51
O5 NAG N . 7.94 -16.69 34.32
O6 NAG N . 8.23 -19.48 36.63
O7 NAG N . 7.08 -15.75 29.90
C1 NAG O . 9.24 -6.92 31.97
C2 NAG O . 10.11 -7.91 32.75
C3 NAG O . 9.27 -8.60 33.81
C4 NAG O . 8.64 -7.56 34.72
C5 NAG O . 7.81 -6.58 33.89
C6 NAG O . 7.24 -5.47 34.71
C7 NAG O . 11.97 -8.70 31.36
C8 NAG O . 12.46 -9.79 30.46
N2 NAG O . 10.74 -8.87 31.87
O3 NAG O . 10.09 -9.48 34.56
O4 NAG O . 7.80 -8.20 35.67
O5 NAG O . 8.65 -5.97 32.89
O6 NAG O . 6.13 -4.85 34.06
O7 NAG O . 12.65 -7.70 31.60
C1 NAG P . 18.74 21.28 20.52
C2 NAG P . 19.59 21.93 19.44
C3 NAG P . 20.79 21.04 19.14
C4 NAG P . 21.58 20.82 20.43
C5 NAG P . 20.67 20.20 21.48
C6 NAG P . 21.35 20.03 22.82
C7 NAG P . 18.25 23.34 17.94
C8 NAG P . 17.50 23.40 16.65
N2 NAG P . 18.82 22.17 18.23
O3 NAG P . 21.61 21.66 18.16
O4 NAG P . 22.67 19.94 20.18
O5 NAG P . 19.53 21.05 21.70
O6 NAG P . 20.51 19.35 23.75
O7 NAG P . 18.33 24.31 18.69
C1 NAG Q . 13.83 18.91 40.71
C2 NAG Q . 14.89 17.86 40.46
C3 NAG Q . 14.58 16.61 41.28
C4 NAG Q . 14.48 16.98 42.75
C5 NAG Q . 13.42 18.05 42.93
C6 NAG Q . 13.30 18.54 44.36
C7 NAG Q . 15.84 18.12 38.21
C8 NAG Q . 15.79 17.66 36.79
N2 NAG Q . 14.99 17.53 39.05
O3 NAG Q . 15.60 15.63 41.08
O4 NAG Q . 14.16 15.82 43.52
O5 NAG Q . 13.75 19.20 42.12
O6 NAG Q . 11.96 18.92 44.66
O7 NAG Q . 16.63 18.98 38.58
C1 NAG R . 35.02 -26.83 14.06
C2 NAG R . 35.84 -27.94 13.42
C3 NAG R . 37.33 -27.63 13.57
C4 NAG R . 37.62 -26.26 12.96
C5 NAG R . 36.77 -25.22 13.64
C6 NAG R . 36.94 -23.84 13.06
C7 NAG R . 34.56 -30.02 13.58
C8 NAG R . 34.38 -31.31 14.33
N2 NAG R . 35.53 -29.23 14.02
O3 NAG R . 38.09 -28.63 12.91
O4 NAG R . 39.00 -25.94 13.14
O5 NAG R . 35.38 -25.56 13.49
O6 NAG R . 38.31 -23.53 12.85
O7 NAG R . 33.85 -29.73 12.62
C1 NAG S . -18.98 25.53 44.32
C2 NAG S . -19.12 25.16 45.79
C3 NAG S . -20.05 23.96 45.94
C4 NAG S . -21.40 24.30 45.32
C5 NAG S . -21.21 24.69 43.86
C6 NAG S . -22.48 25.13 43.19
C7 NAG S . -17.11 25.76 47.08
C8 NAG S . -15.80 25.28 47.61
N2 NAG S . -17.82 24.86 46.39
O3 NAG S . -20.21 23.65 47.32
O4 NAG S . -22.26 23.18 45.40
O5 NAG S . -20.29 25.79 43.77
O6 NAG S . -22.23 25.60 41.87
O7 NAG S . -17.51 26.90 47.27
C1 NAG T . -26.14 -7.71 -13.70
C2 NAG T . -25.60 -8.05 -15.09
C3 NAG T . -26.76 -8.35 -16.03
C4 NAG T . -27.60 -9.48 -15.46
C5 NAG T . -28.08 -9.11 -14.05
C6 NAG T . -28.83 -10.22 -13.37
C7 NAG T . -23.87 -7.15 -16.59
C8 NAG T . -23.10 -5.94 -17.00
N2 NAG T . -24.77 -6.98 -15.61
O3 NAG T . -26.26 -8.70 -17.31
O4 NAG T . -28.71 -9.72 -16.29
O5 NAG T . -26.96 -8.80 -13.22
O6 NAG T . -30.08 -10.47 -14.01
O7 NAG T . -23.70 -8.25 -17.12
C1 NAG U . -25.44 -3.54 -3.71
C2 NAG U . -25.93 -4.72 -2.89
C3 NAG U . -27.40 -4.55 -2.60
C4 NAG U . -27.61 -3.24 -1.84
C5 NAG U . -27.05 -2.08 -2.66
C6 NAG U . -27.13 -0.76 -1.95
C7 NAG U . -24.88 -6.93 -3.15
C8 NAG U . -24.75 -8.15 -4.01
N2 NAG U . -25.69 -5.97 -3.60
O3 NAG U . -27.87 -5.64 -1.80
O4 NAG U . -29.00 -3.03 -1.61
O5 NAG U . -25.66 -2.31 -2.97
O6 NAG U . -26.91 0.34 -2.83
O7 NAG U . -24.26 -6.83 -2.09
C1 NAG V . -19.16 2.50 25.33
C2 NAG V . -18.28 1.70 26.29
C3 NAG V . -18.60 0.22 26.16
C4 NAG V . -20.07 -0.01 26.43
C5 NAG V . -20.90 0.83 25.47
C6 NAG V . -22.39 0.73 25.73
C7 NAG V . -16.13 2.82 26.73
C8 NAG V . -14.70 2.95 26.32
N2 NAG V . -16.87 1.95 26.03
O3 NAG V . -17.81 -0.52 27.08
O4 NAG V . -20.40 -1.38 26.27
O5 NAG V . -20.55 2.21 25.61
O6 NAG V . -23.14 1.32 24.67
O7 NAG V . -16.61 3.49 27.65
C1 NAG W . -35.58 10.03 16.26
C2 NAG W . -35.66 8.53 15.95
C3 NAG W . -36.11 8.33 14.51
C4 NAG W . -37.45 9.02 14.29
C5 NAG W . -37.30 10.49 14.64
C6 NAG W . -38.61 11.25 14.51
C7 NAG W . -34.09 7.16 17.26
C8 NAG W . -32.71 6.57 17.31
N2 NAG W . -34.37 7.90 16.17
O3 NAG W . -36.22 6.94 14.24
O4 NAG W . -37.85 8.88 12.94
O5 NAG W . -36.86 10.64 16.00
O6 NAG W . -39.08 11.26 13.18
O7 NAG W . -34.91 6.96 18.15
C1 NAG X . -13.54 -38.72 -5.78
C2 NAG X . -13.33 -40.16 -6.18
C3 NAG X . -14.22 -41.05 -5.31
C4 NAG X . -13.86 -40.84 -3.85
C5 NAG X . -14.02 -39.36 -3.50
C6 NAG X . -13.59 -39.03 -2.09
C7 NAG X . -12.66 -40.33 -8.53
C8 NAG X . -13.12 -40.59 -9.93
N2 NAG X . -13.60 -40.39 -7.58
O3 NAG X . -14.03 -42.42 -5.67
O4 NAG X . -14.71 -41.61 -3.01
O5 NAG X . -13.21 -38.56 -4.38
O6 NAG X . -13.30 -40.21 -1.35
O7 NAG X . -11.49 -40.06 -8.27
C1 NAG Y . -30.42 39.66 4.70
C2 NAG Y . -31.19 40.98 4.61
C3 NAG Y . -30.88 41.67 3.29
C4 NAG Y . -29.38 41.91 3.20
C5 NAG Y . -28.64 40.56 3.31
C6 NAG Y . -27.15 40.71 3.30
C7 NAG Y . -33.45 41.23 5.67
C8 NAG Y . -32.85 42.10 6.74
N2 NAG Y . -32.62 40.75 4.73
O3 NAG Y . -31.57 42.92 3.24
O4 NAG Y . -29.06 42.51 1.95
O5 NAG Y . -29.00 39.92 4.54
O6 NAG Y . -26.70 41.47 2.19
O7 NAG Y . -34.65 40.96 5.67
#